data_3RHC
# 
_entry.id   3RHC 
# 
_audit_conform.dict_name       mmcif_pdbx.dic 
_audit_conform.dict_version    5.387 
_audit_conform.dict_location   http://mmcif.pdb.org/dictionaries/ascii/mmcif_pdbx.dic 
# 
loop_
_database_2.database_id 
_database_2.database_code 
_database_2.pdbx_database_accession 
_database_2.pdbx_DOI 
PDB   3RHC         pdb_00003rhc 10.2210/pdb3rhc/pdb 
RCSB  RCSB064932   ?            ?                   
WWPDB D_1000064932 ?            ?                   
# 
loop_
_pdbx_audit_revision_history.ordinal 
_pdbx_audit_revision_history.data_content_type 
_pdbx_audit_revision_history.major_revision 
_pdbx_audit_revision_history.minor_revision 
_pdbx_audit_revision_history.revision_date 
1 'Structure model' 1 0 2011-06-01 
2 'Structure model' 1 1 2011-07-13 
3 'Structure model' 1 2 2011-08-17 
4 'Structure model' 1 3 2011-12-14 
5 'Structure model' 1 4 2024-02-21 
# 
_pdbx_audit_revision_details.ordinal             1 
_pdbx_audit_revision_details.revision_ordinal    1 
_pdbx_audit_revision_details.data_content_type   'Structure model' 
_pdbx_audit_revision_details.provider            repository 
_pdbx_audit_revision_details.type                'Initial release' 
_pdbx_audit_revision_details.description         ? 
_pdbx_audit_revision_details.details             ? 
# 
loop_
_pdbx_audit_revision_group.ordinal 
_pdbx_audit_revision_group.revision_ordinal 
_pdbx_audit_revision_group.data_content_type 
_pdbx_audit_revision_group.group 
1 2 'Structure model' 'Version format compliance' 
2 3 'Structure model' 'Database references'       
3 4 'Structure model' 'Non-polymer description'   
4 5 'Structure model' 'Data collection'           
5 5 'Structure model' 'Database references'       
6 5 'Structure model' 'Derived calculations'      
# 
loop_
_pdbx_audit_revision_category.ordinal 
_pdbx_audit_revision_category.revision_ordinal 
_pdbx_audit_revision_category.data_content_type 
_pdbx_audit_revision_category.category 
1 5 'Structure model' chem_comp_atom         
2 5 'Structure model' chem_comp_bond         
3 5 'Structure model' database_2             
4 5 'Structure model' pdbx_struct_conn_angle 
5 5 'Structure model' struct_conn            
6 5 'Structure model' struct_ref_seq_dif     
7 5 'Structure model' struct_site            
# 
loop_
_pdbx_audit_revision_item.ordinal 
_pdbx_audit_revision_item.revision_ordinal 
_pdbx_audit_revision_item.data_content_type 
_pdbx_audit_revision_item.item 
1  5 'Structure model' '_database_2.pdbx_DOI'                        
2  5 'Structure model' '_database_2.pdbx_database_accession'         
3  5 'Structure model' '_pdbx_struct_conn_angle.ptnr1_auth_comp_id'  
4  5 'Structure model' '_pdbx_struct_conn_angle.ptnr1_auth_seq_id'   
5  5 'Structure model' '_pdbx_struct_conn_angle.ptnr1_label_asym_id' 
6  5 'Structure model' '_pdbx_struct_conn_angle.ptnr1_label_atom_id' 
7  5 'Structure model' '_pdbx_struct_conn_angle.ptnr1_label_comp_id' 
8  5 'Structure model' '_pdbx_struct_conn_angle.ptnr1_label_seq_id'  
9  5 'Structure model' '_pdbx_struct_conn_angle.ptnr3_auth_comp_id'  
10 5 'Structure model' '_pdbx_struct_conn_angle.ptnr3_auth_seq_id'   
11 5 'Structure model' '_pdbx_struct_conn_angle.ptnr3_label_asym_id' 
12 5 'Structure model' '_pdbx_struct_conn_angle.ptnr3_label_atom_id' 
13 5 'Structure model' '_pdbx_struct_conn_angle.ptnr3_label_comp_id' 
14 5 'Structure model' '_pdbx_struct_conn_angle.ptnr3_label_seq_id'  
15 5 'Structure model' '_pdbx_struct_conn_angle.value'               
16 5 'Structure model' '_struct_conn.pdbx_dist_value'                
17 5 'Structure model' '_struct_conn.ptnr1_auth_asym_id'             
18 5 'Structure model' '_struct_conn.ptnr1_auth_comp_id'             
19 5 'Structure model' '_struct_conn.ptnr1_auth_seq_id'              
20 5 'Structure model' '_struct_conn.ptnr1_label_asym_id'            
21 5 'Structure model' '_struct_conn.ptnr1_label_atom_id'            
22 5 'Structure model' '_struct_conn.ptnr1_label_comp_id'            
23 5 'Structure model' '_struct_conn.ptnr1_label_seq_id'             
24 5 'Structure model' '_struct_conn.ptnr2_auth_asym_id'             
25 5 'Structure model' '_struct_conn.ptnr2_auth_comp_id'             
26 5 'Structure model' '_struct_conn.ptnr2_auth_seq_id'              
27 5 'Structure model' '_struct_conn.ptnr2_label_asym_id'            
28 5 'Structure model' '_struct_conn.ptnr2_label_atom_id'            
29 5 'Structure model' '_struct_conn.ptnr2_label_comp_id'            
30 5 'Structure model' '_struct_conn.ptnr2_label_seq_id'             
31 5 'Structure model' '_struct_ref_seq_dif.details'                 
32 5 'Structure model' '_struct_site.pdbx_auth_asym_id'              
33 5 'Structure model' '_struct_site.pdbx_auth_comp_id'              
34 5 'Structure model' '_struct_site.pdbx_auth_seq_id'               
# 
_pdbx_database_status.status_code                     REL 
_pdbx_database_status.entry_id                        3RHC 
_pdbx_database_status.recvd_initial_deposition_date   2011-04-11 
_pdbx_database_status.deposit_site                    RCSB 
_pdbx_database_status.process_site                    RCSB 
_pdbx_database_status.status_code_sf                  REL 
_pdbx_database_status.status_code_mr                  ? 
_pdbx_database_status.SG_entry                        ? 
_pdbx_database_status.status_code_cs                  ? 
_pdbx_database_status.pdb_format_compatible           Y 
_pdbx_database_status.status_code_nmr_data            ? 
_pdbx_database_status.methods_development_category    ? 
# 
loop_
_pdbx_database_related.db_name 
_pdbx_database_related.db_id 
_pdbx_database_related.details 
_pdbx_database_related.content_type 
PDB 3FZ9 . unspecified 
PDB 3RHB . unspecified 
# 
loop_
_audit_author.name 
_audit_author.pdbx_ordinal 
'Roret, T.'      1 
'Couturier, J.'  2 
'Tsan, P.'       3 
'Jacquot, J.P.'  4 
'Rouhier, N.'    5 
'Didierjean, C.' 6 
# 
_citation.id                        primary 
_citation.title                     
;Arabidopsis chloroplastic glutaredoxin c5 as a model to explore molecular determinants for iron-sulfur cluster binding into glutaredoxins.
;
_citation.journal_abbrev            J.Biol.Chem. 
_citation.journal_volume            286 
_citation.page_first                27515 
_citation.page_last                 27527 
_citation.year                      2011 
_citation.journal_id_ASTM           JBCHA3 
_citation.country                   US 
_citation.journal_id_ISSN           0021-9258 
_citation.journal_id_CSD            0071 
_citation.book_publisher            ? 
_citation.pdbx_database_id_PubMed   21632542 
_citation.pdbx_database_id_DOI      10.1074/jbc.M111.228726 
# 
loop_
_citation_author.citation_id 
_citation_author.name 
_citation_author.ordinal 
_citation_author.identifier_ORCID 
primary 'Couturier, J.'       1  ? 
primary 'Stroher, E.'         2  ? 
primary 'Albetel, A.N.'       3  ? 
primary 'Roret, T.'           4  ? 
primary 'Muthuramalingam, M.' 5  ? 
primary 'Tarrago, L.'         6  ? 
primary 'Seidel, T.'          7  ? 
primary 'Tsan, P.'            8  ? 
primary 'Jacquot, J.P.'       9  ? 
primary 'Johnson, M.K.'       10 ? 
primary 'Dietz, K.J.'         11 ? 
primary 'Didierjean, C.'      12 ? 
primary 'Rouhier, N.'         13 ? 
# 
loop_
_entity.id 
_entity.type 
_entity.src_method 
_entity.pdbx_description 
_entity.formula_weight 
_entity.pdbx_number_of_molecules 
_entity.pdbx_ec 
_entity.pdbx_mutation 
_entity.pdbx_fragment 
_entity.details 
1 polymer     man 'Glutaredoxin-C5, chloroplastic' 12498.430 2  ? ? ? ? 
2 non-polymer syn GLUTATHIONE                      307.323   2  ? ? ? ? 
3 non-polymer syn 'FE2/S2 (INORGANIC) CLUSTER'     175.820   1  ? ? ? ? 
4 water       nat water                            18.015    29 ? ? ? ? 
# 
_entity_name_com.entity_id   1 
_entity_name_com.name        AtGrxC5 
# 
_entity_poly.entity_id                      1 
_entity_poly.type                           'polypeptide(L)' 
_entity_poly.nstd_linkage                   no 
_entity_poly.nstd_monomer                   no 
_entity_poly.pdbx_seq_one_letter_code       
;MASFGSRMEESIRKTVTENTVVIYSKTWCSYCTEVKTLFKRLGVQPLVVELDQLGPQGPQLQKVLERLTGQHTVPNVFVC
GKHIGGCTDTVKLNRKGDLELMLAEANGKNGQS
;
_entity_poly.pdbx_seq_one_letter_code_can   
;MASFGSRMEESIRKTVTENTVVIYSKTWCSYCTEVKTLFKRLGVQPLVVELDQLGPQGPQLQKVLERLTGQHTVPNVFVC
GKHIGGCTDTVKLNRKGDLELMLAEANGKNGQS
;
_entity_poly.pdbx_strand_id                 A,B 
_entity_poly.pdbx_target_identifier         ? 
# 
loop_
_pdbx_entity_nonpoly.entity_id 
_pdbx_entity_nonpoly.name 
_pdbx_entity_nonpoly.comp_id 
2 GLUTATHIONE                  GSH 
3 'FE2/S2 (INORGANIC) CLUSTER' FES 
4 water                        HOH 
# 
loop_
_entity_poly_seq.entity_id 
_entity_poly_seq.num 
_entity_poly_seq.mon_id 
_entity_poly_seq.hetero 
1 1   MET n 
1 2   ALA n 
1 3   SER n 
1 4   PHE n 
1 5   GLY n 
1 6   SER n 
1 7   ARG n 
1 8   MET n 
1 9   GLU n 
1 10  GLU n 
1 11  SER n 
1 12  ILE n 
1 13  ARG n 
1 14  LYS n 
1 15  THR n 
1 16  VAL n 
1 17  THR n 
1 18  GLU n 
1 19  ASN n 
1 20  THR n 
1 21  VAL n 
1 22  VAL n 
1 23  ILE n 
1 24  TYR n 
1 25  SER n 
1 26  LYS n 
1 27  THR n 
1 28  TRP n 
1 29  CYS n 
1 30  SER n 
1 31  TYR n 
1 32  CYS n 
1 33  THR n 
1 34  GLU n 
1 35  VAL n 
1 36  LYS n 
1 37  THR n 
1 38  LEU n 
1 39  PHE n 
1 40  LYS n 
1 41  ARG n 
1 42  LEU n 
1 43  GLY n 
1 44  VAL n 
1 45  GLN n 
1 46  PRO n 
1 47  LEU n 
1 48  VAL n 
1 49  VAL n 
1 50  GLU n 
1 51  LEU n 
1 52  ASP n 
1 53  GLN n 
1 54  LEU n 
1 55  GLY n 
1 56  PRO n 
1 57  GLN n 
1 58  GLY n 
1 59  PRO n 
1 60  GLN n 
1 61  LEU n 
1 62  GLN n 
1 63  LYS n 
1 64  VAL n 
1 65  LEU n 
1 66  GLU n 
1 67  ARG n 
1 68  LEU n 
1 69  THR n 
1 70  GLY n 
1 71  GLN n 
1 72  HIS n 
1 73  THR n 
1 74  VAL n 
1 75  PRO n 
1 76  ASN n 
1 77  VAL n 
1 78  PHE n 
1 79  VAL n 
1 80  CYS n 
1 81  GLY n 
1 82  LYS n 
1 83  HIS n 
1 84  ILE n 
1 85  GLY n 
1 86  GLY n 
1 87  CYS n 
1 88  THR n 
1 89  ASP n 
1 90  THR n 
1 91  VAL n 
1 92  LYS n 
1 93  LEU n 
1 94  ASN n 
1 95  ARG n 
1 96  LYS n 
1 97  GLY n 
1 98  ASP n 
1 99  LEU n 
1 100 GLU n 
1 101 LEU n 
1 102 MET n 
1 103 LEU n 
1 104 ALA n 
1 105 GLU n 
1 106 ALA n 
1 107 ASN n 
1 108 GLY n 
1 109 LYS n 
1 110 ASN n 
1 111 GLY n 
1 112 GLN n 
1 113 SER n 
# 
_entity_src_gen.entity_id                          1 
_entity_src_gen.pdbx_src_id                        1 
_entity_src_gen.pdbx_alt_source_flag               sample 
_entity_src_gen.pdbx_seq_type                      ? 
_entity_src_gen.pdbx_beg_seq_num                   ? 
_entity_src_gen.pdbx_end_seq_num                   ? 
_entity_src_gen.gene_src_common_name               'mouse-ear cress,thale-cress' 
_entity_src_gen.gene_src_genus                     ? 
_entity_src_gen.pdbx_gene_src_gene                 'GRXC5, At4g28730, F16A16.160' 
_entity_src_gen.gene_src_species                   ? 
_entity_src_gen.gene_src_strain                    ? 
_entity_src_gen.gene_src_tissue                    ? 
_entity_src_gen.gene_src_tissue_fraction           ? 
_entity_src_gen.gene_src_details                   ? 
_entity_src_gen.pdbx_gene_src_fragment             ? 
_entity_src_gen.pdbx_gene_src_scientific_name      'Arabidopsis thaliana' 
_entity_src_gen.pdbx_gene_src_ncbi_taxonomy_id     3702 
_entity_src_gen.pdbx_gene_src_variant              ? 
_entity_src_gen.pdbx_gene_src_cell_line            ? 
_entity_src_gen.pdbx_gene_src_atcc                 ? 
_entity_src_gen.pdbx_gene_src_organ                ? 
_entity_src_gen.pdbx_gene_src_organelle            ? 
_entity_src_gen.pdbx_gene_src_cell                 ? 
_entity_src_gen.pdbx_gene_src_cellular_location    ? 
_entity_src_gen.host_org_common_name               ? 
_entity_src_gen.pdbx_host_org_scientific_name      'Escherichia coli' 
_entity_src_gen.pdbx_host_org_ncbi_taxonomy_id     562 
_entity_src_gen.host_org_genus                     ? 
_entity_src_gen.pdbx_host_org_gene                 ? 
_entity_src_gen.pdbx_host_org_organ                ? 
_entity_src_gen.host_org_species                   ? 
_entity_src_gen.pdbx_host_org_tissue               ? 
_entity_src_gen.pdbx_host_org_tissue_fraction      ? 
_entity_src_gen.pdbx_host_org_strain               ? 
_entity_src_gen.pdbx_host_org_variant              ? 
_entity_src_gen.pdbx_host_org_cell_line            ? 
_entity_src_gen.pdbx_host_org_atcc                 ? 
_entity_src_gen.pdbx_host_org_culture_collection   ? 
_entity_src_gen.pdbx_host_org_cell                 ? 
_entity_src_gen.pdbx_host_org_organelle            ? 
_entity_src_gen.pdbx_host_org_cellular_location    ? 
_entity_src_gen.pdbx_host_org_vector_type          ? 
_entity_src_gen.pdbx_host_org_vector               ? 
_entity_src_gen.host_org_details                   ? 
_entity_src_gen.expression_system_id               ? 
_entity_src_gen.plasmid_name                       ? 
_entity_src_gen.plasmid_details                    ? 
_entity_src_gen.pdbx_description                   ? 
# 
loop_
_chem_comp.id 
_chem_comp.type 
_chem_comp.mon_nstd_flag 
_chem_comp.name 
_chem_comp.pdbx_synonyms 
_chem_comp.formula 
_chem_comp.formula_weight 
ALA 'L-peptide linking' y ALANINE                      ? 'C3 H7 N O2'      89.093  
ARG 'L-peptide linking' y ARGININE                     ? 'C6 H15 N4 O2 1'  175.209 
ASN 'L-peptide linking' y ASPARAGINE                   ? 'C4 H8 N2 O3'     132.118 
ASP 'L-peptide linking' y 'ASPARTIC ACID'              ? 'C4 H7 N O4'      133.103 
CYS 'L-peptide linking' y CYSTEINE                     ? 'C3 H7 N O2 S'    121.158 
FES non-polymer         . 'FE2/S2 (INORGANIC) CLUSTER' ? 'Fe2 S2'          175.820 
GLN 'L-peptide linking' y GLUTAMINE                    ? 'C5 H10 N2 O3'    146.144 
GLU 'L-peptide linking' y 'GLUTAMIC ACID'              ? 'C5 H9 N O4'      147.129 
GLY 'peptide linking'   y GLYCINE                      ? 'C2 H5 N O2'      75.067  
GSH non-polymer         . GLUTATHIONE                  ? 'C10 H17 N3 O6 S' 307.323 
HIS 'L-peptide linking' y HISTIDINE                    ? 'C6 H10 N3 O2 1'  156.162 
HOH non-polymer         . WATER                        ? 'H2 O'            18.015  
ILE 'L-peptide linking' y ISOLEUCINE                   ? 'C6 H13 N O2'     131.173 
LEU 'L-peptide linking' y LEUCINE                      ? 'C6 H13 N O2'     131.173 
LYS 'L-peptide linking' y LYSINE                       ? 'C6 H15 N2 O2 1'  147.195 
MET 'L-peptide linking' y METHIONINE                   ? 'C5 H11 N O2 S'   149.211 
PHE 'L-peptide linking' y PHENYLALANINE                ? 'C9 H11 N O2'     165.189 
PRO 'L-peptide linking' y PROLINE                      ? 'C5 H9 N O2'      115.130 
SER 'L-peptide linking' y SERINE                       ? 'C3 H7 N O3'      105.093 
THR 'L-peptide linking' y THREONINE                    ? 'C4 H9 N O3'      119.119 
TRP 'L-peptide linking' y TRYPTOPHAN                   ? 'C11 H12 N2 O2'   204.225 
TYR 'L-peptide linking' y TYROSINE                     ? 'C9 H11 N O3'     181.189 
VAL 'L-peptide linking' y VALINE                       ? 'C5 H11 N O2'     117.146 
# 
loop_
_pdbx_poly_seq_scheme.asym_id 
_pdbx_poly_seq_scheme.entity_id 
_pdbx_poly_seq_scheme.seq_id 
_pdbx_poly_seq_scheme.mon_id 
_pdbx_poly_seq_scheme.ndb_seq_num 
_pdbx_poly_seq_scheme.pdb_seq_num 
_pdbx_poly_seq_scheme.auth_seq_num 
_pdbx_poly_seq_scheme.pdb_mon_id 
_pdbx_poly_seq_scheme.auth_mon_id 
_pdbx_poly_seq_scheme.pdb_strand_id 
_pdbx_poly_seq_scheme.pdb_ins_code 
_pdbx_poly_seq_scheme.hetero 
A 1 1   MET 1   1   ?   ?   ?   A . n 
A 1 2   ALA 2   2   ?   ?   ?   A . n 
A 1 3   SER 3   3   3   SER SER A . n 
A 1 4   PHE 4   4   4   PHE PHE A . n 
A 1 5   GLY 5   5   5   GLY GLY A . n 
A 1 6   SER 6   6   6   SER SER A . n 
A 1 7   ARG 7   7   7   ARG ARG A . n 
A 1 8   MET 8   8   8   MET MET A . n 
A 1 9   GLU 9   9   9   GLU GLU A . n 
A 1 10  GLU 10  10  10  GLU GLU A . n 
A 1 11  SER 11  11  11  SER SER A . n 
A 1 12  ILE 12  12  12  ILE ILE A . n 
A 1 13  ARG 13  13  13  ARG ARG A . n 
A 1 14  LYS 14  14  14  LYS LYS A . n 
A 1 15  THR 15  15  15  THR THR A . n 
A 1 16  VAL 16  16  16  VAL VAL A . n 
A 1 17  THR 17  17  17  THR THR A . n 
A 1 18  GLU 18  18  18  GLU GLU A . n 
A 1 19  ASN 19  19  19  ASN ASN A . n 
A 1 20  THR 20  20  20  THR THR A . n 
A 1 21  VAL 21  21  21  VAL VAL A . n 
A 1 22  VAL 22  22  22  VAL VAL A . n 
A 1 23  ILE 23  23  23  ILE ILE A . n 
A 1 24  TYR 24  24  24  TYR TYR A . n 
A 1 25  SER 25  25  25  SER SER A . n 
A 1 26  LYS 26  26  26  LYS LYS A . n 
A 1 27  THR 27  27  27  THR THR A . n 
A 1 28  TRP 28  28  28  TRP TRP A . n 
A 1 29  CYS 29  29  29  CYS CYS A . n 
A 1 30  SER 30  30  30  SER SER A . n 
A 1 31  TYR 31  31  31  TYR TYR A . n 
A 1 32  CYS 32  32  32  CYS CYS A . n 
A 1 33  THR 33  33  33  THR THR A . n 
A 1 34  GLU 34  34  34  GLU GLU A . n 
A 1 35  VAL 35  35  35  VAL VAL A . n 
A 1 36  LYS 36  36  36  LYS LYS A . n 
A 1 37  THR 37  37  37  THR THR A . n 
A 1 38  LEU 38  38  38  LEU LEU A . n 
A 1 39  PHE 39  39  39  PHE PHE A . n 
A 1 40  LYS 40  40  40  LYS LYS A . n 
A 1 41  ARG 41  41  41  ARG ARG A . n 
A 1 42  LEU 42  42  42  LEU LEU A . n 
A 1 43  GLY 43  43  43  GLY GLY A . n 
A 1 44  VAL 44  44  44  VAL VAL A . n 
A 1 45  GLN 45  45  45  GLN GLN A . n 
A 1 46  PRO 46  46  46  PRO PRO A . n 
A 1 47  LEU 47  47  47  LEU LEU A . n 
A 1 48  VAL 48  48  48  VAL VAL A . n 
A 1 49  VAL 49  49  49  VAL VAL A . n 
A 1 50  GLU 50  50  50  GLU GLU A . n 
A 1 51  LEU 51  51  51  LEU LEU A . n 
A 1 52  ASP 52  52  52  ASP ASP A . n 
A 1 53  GLN 53  53  53  GLN GLN A . n 
A 1 54  LEU 54  54  54  LEU LEU A . n 
A 1 55  GLY 55  55  55  GLY GLY A . n 
A 1 56  PRO 56  56  56  PRO PRO A . n 
A 1 57  GLN 57  57  57  GLN GLN A . n 
A 1 58  GLY 58  58  58  GLY GLY A . n 
A 1 59  PRO 59  59  59  PRO PRO A . n 
A 1 60  GLN 60  60  60  GLN GLN A . n 
A 1 61  LEU 61  61  61  LEU LEU A . n 
A 1 62  GLN 62  62  62  GLN GLN A . n 
A 1 63  LYS 63  63  63  LYS LYS A . n 
A 1 64  VAL 64  64  64  VAL VAL A . n 
A 1 65  LEU 65  65  65  LEU LEU A . n 
A 1 66  GLU 66  66  66  GLU GLU A . n 
A 1 67  ARG 67  67  67  ARG ARG A . n 
A 1 68  LEU 68  68  68  LEU LEU A . n 
A 1 69  THR 69  69  69  THR THR A . n 
A 1 70  GLY 70  70  70  GLY GLY A . n 
A 1 71  GLN 71  71  71  GLN GLN A . n 
A 1 72  HIS 72  72  72  HIS HIS A . n 
A 1 73  THR 73  73  73  THR THR A . n 
A 1 74  VAL 74  74  74  VAL VAL A . n 
A 1 75  PRO 75  75  75  PRO PRO A . n 
A 1 76  ASN 76  76  76  ASN ASN A . n 
A 1 77  VAL 77  77  77  VAL VAL A . n 
A 1 78  PHE 78  78  78  PHE PHE A . n 
A 1 79  VAL 79  79  79  VAL VAL A . n 
A 1 80  CYS 80  80  80  CYS CYS A . n 
A 1 81  GLY 81  81  81  GLY GLY A . n 
A 1 82  LYS 82  82  82  LYS LYS A . n 
A 1 83  HIS 83  83  83  HIS HIS A . n 
A 1 84  ILE 84  84  84  ILE ILE A . n 
A 1 85  GLY 85  85  85  GLY GLY A . n 
A 1 86  GLY 86  86  86  GLY GLY A . n 
A 1 87  CYS 87  87  87  CYS CYS A . n 
A 1 88  THR 88  88  88  THR THR A . n 
A 1 89  ASP 89  89  89  ASP ASP A . n 
A 1 90  THR 90  90  90  THR THR A . n 
A 1 91  VAL 91  91  91  VAL VAL A . n 
A 1 92  LYS 92  92  92  LYS LYS A . n 
A 1 93  LEU 93  93  93  LEU LEU A . n 
A 1 94  ASN 94  94  94  ASN ASN A . n 
A 1 95  ARG 95  95  95  ARG ARG A . n 
A 1 96  LYS 96  96  96  LYS LYS A . n 
A 1 97  GLY 97  97  97  GLY GLY A . n 
A 1 98  ASP 98  98  98  ASP ASP A . n 
A 1 99  LEU 99  99  99  LEU LEU A . n 
A 1 100 GLU 100 100 100 GLU GLU A . n 
A 1 101 LEU 101 101 101 LEU LEU A . n 
A 1 102 MET 102 102 102 MET MET A . n 
A 1 103 LEU 103 103 103 LEU LEU A . n 
A 1 104 ALA 104 104 104 ALA ALA A . n 
A 1 105 GLU 105 105 105 GLU GLU A . n 
A 1 106 ALA 106 106 ?   ?   ?   A . n 
A 1 107 ASN 107 107 ?   ?   ?   A . n 
A 1 108 GLY 108 108 ?   ?   ?   A . n 
A 1 109 LYS 109 109 ?   ?   ?   A . n 
A 1 110 ASN 110 110 ?   ?   ?   A . n 
A 1 111 GLY 111 111 ?   ?   ?   A . n 
A 1 112 GLN 112 112 ?   ?   ?   A . n 
A 1 113 SER 113 113 ?   ?   ?   A . n 
B 1 1   MET 1   1   ?   ?   ?   B . n 
B 1 2   ALA 2   2   ?   ?   ?   B . n 
B 1 3   SER 3   3   ?   ?   ?   B . n 
B 1 4   PHE 4   4   ?   ?   ?   B . n 
B 1 5   GLY 5   5   ?   ?   ?   B . n 
B 1 6   SER 6   6   6   SER SER B . n 
B 1 7   ARG 7   7   7   ARG ARG B . n 
B 1 8   MET 8   8   8   MET MET B . n 
B 1 9   GLU 9   9   9   GLU GLU B . n 
B 1 10  GLU 10  10  10  GLU GLU B . n 
B 1 11  SER 11  11  11  SER SER B . n 
B 1 12  ILE 12  12  12  ILE ILE B . n 
B 1 13  ARG 13  13  13  ARG ARG B . n 
B 1 14  LYS 14  14  14  LYS LYS B . n 
B 1 15  THR 15  15  15  THR THR B . n 
B 1 16  VAL 16  16  16  VAL VAL B . n 
B 1 17  THR 17  17  17  THR THR B . n 
B 1 18  GLU 18  18  18  GLU GLU B . n 
B 1 19  ASN 19  19  19  ASN ASN B . n 
B 1 20  THR 20  20  20  THR THR B . n 
B 1 21  VAL 21  21  21  VAL VAL B . n 
B 1 22  VAL 22  22  22  VAL VAL B . n 
B 1 23  ILE 23  23  23  ILE ILE B . n 
B 1 24  TYR 24  24  24  TYR TYR B . n 
B 1 25  SER 25  25  25  SER SER B . n 
B 1 26  LYS 26  26  26  LYS LYS B . n 
B 1 27  THR 27  27  27  THR THR B . n 
B 1 28  TRP 28  28  28  TRP TRP B . n 
B 1 29  CYS 29  29  29  CYS CYS B . n 
B 1 30  SER 30  30  30  SER SER B . n 
B 1 31  TYR 31  31  31  TYR TYR B . n 
B 1 32  CYS 32  32  32  CYS CYS B . n 
B 1 33  THR 33  33  33  THR THR B . n 
B 1 34  GLU 34  34  34  GLU GLU B . n 
B 1 35  VAL 35  35  35  VAL VAL B . n 
B 1 36  LYS 36  36  36  LYS LYS B . n 
B 1 37  THR 37  37  37  THR THR B . n 
B 1 38  LEU 38  38  38  LEU LEU B . n 
B 1 39  PHE 39  39  39  PHE PHE B . n 
B 1 40  LYS 40  40  40  LYS LYS B . n 
B 1 41  ARG 41  41  41  ARG ARG B . n 
B 1 42  LEU 42  42  42  LEU LEU B . n 
B 1 43  GLY 43  43  43  GLY GLY B . n 
B 1 44  VAL 44  44  44  VAL VAL B . n 
B 1 45  GLN 45  45  45  GLN GLN B . n 
B 1 46  PRO 46  46  46  PRO PRO B . n 
B 1 47  LEU 47  47  47  LEU LEU B . n 
B 1 48  VAL 48  48  48  VAL VAL B . n 
B 1 49  VAL 49  49  49  VAL VAL B . n 
B 1 50  GLU 50  50  50  GLU GLU B . n 
B 1 51  LEU 51  51  51  LEU LEU B . n 
B 1 52  ASP 52  52  52  ASP ASP B . n 
B 1 53  GLN 53  53  53  GLN GLN B . n 
B 1 54  LEU 54  54  54  LEU LEU B . n 
B 1 55  GLY 55  55  55  GLY GLY B . n 
B 1 56  PRO 56  56  56  PRO PRO B . n 
B 1 57  GLN 57  57  57  GLN GLN B . n 
B 1 58  GLY 58  58  58  GLY GLY B . n 
B 1 59  PRO 59  59  59  PRO PRO B . n 
B 1 60  GLN 60  60  60  GLN GLN B . n 
B 1 61  LEU 61  61  61  LEU LEU B . n 
B 1 62  GLN 62  62  62  GLN GLN B . n 
B 1 63  LYS 63  63  63  LYS LYS B . n 
B 1 64  VAL 64  64  64  VAL VAL B . n 
B 1 65  LEU 65  65  65  LEU LEU B . n 
B 1 66  GLU 66  66  66  GLU GLU B . n 
B 1 67  ARG 67  67  67  ARG ARG B . n 
B 1 68  LEU 68  68  68  LEU LEU B . n 
B 1 69  THR 69  69  69  THR THR B . n 
B 1 70  GLY 70  70  70  GLY GLY B . n 
B 1 71  GLN 71  71  71  GLN GLN B . n 
B 1 72  HIS 72  72  72  HIS HIS B . n 
B 1 73  THR 73  73  73  THR THR B . n 
B 1 74  VAL 74  74  74  VAL VAL B . n 
B 1 75  PRO 75  75  75  PRO PRO B . n 
B 1 76  ASN 76  76  76  ASN ASN B . n 
B 1 77  VAL 77  77  77  VAL VAL B . n 
B 1 78  PHE 78  78  78  PHE PHE B . n 
B 1 79  VAL 79  79  79  VAL VAL B . n 
B 1 80  CYS 80  80  80  CYS CYS B . n 
B 1 81  GLY 81  81  81  GLY GLY B . n 
B 1 82  LYS 82  82  82  LYS LYS B . n 
B 1 83  HIS 83  83  83  HIS HIS B . n 
B 1 84  ILE 84  84  84  ILE ILE B . n 
B 1 85  GLY 85  85  85  GLY GLY B . n 
B 1 86  GLY 86  86  86  GLY GLY B . n 
B 1 87  CYS 87  87  87  CYS CYS B . n 
B 1 88  THR 88  88  88  THR THR B . n 
B 1 89  ASP 89  89  89  ASP ASP B . n 
B 1 90  THR 90  90  90  THR THR B . n 
B 1 91  VAL 91  91  91  VAL VAL B . n 
B 1 92  LYS 92  92  92  LYS LYS B . n 
B 1 93  LEU 93  93  93  LEU LEU B . n 
B 1 94  ASN 94  94  94  ASN ASN B . n 
B 1 95  ARG 95  95  95  ARG ARG B . n 
B 1 96  LYS 96  96  96  LYS LYS B . n 
B 1 97  GLY 97  97  97  GLY GLY B . n 
B 1 98  ASP 98  98  98  ASP ASP B . n 
B 1 99  LEU 99  99  99  LEU LEU B . n 
B 1 100 GLU 100 100 100 GLU GLU B . n 
B 1 101 LEU 101 101 101 LEU LEU B . n 
B 1 102 MET 102 102 102 MET MET B . n 
B 1 103 LEU 103 103 103 LEU LEU B . n 
B 1 104 ALA 104 104 104 ALA ALA B . n 
B 1 105 GLU 105 105 105 GLU GLU B . n 
B 1 106 ALA 106 106 ?   ?   ?   B . n 
B 1 107 ASN 107 107 ?   ?   ?   B . n 
B 1 108 GLY 108 108 ?   ?   ?   B . n 
B 1 109 LYS 109 109 ?   ?   ?   B . n 
B 1 110 ASN 110 110 ?   ?   ?   B . n 
B 1 111 GLY 111 111 ?   ?   ?   B . n 
B 1 112 GLN 112 112 ?   ?   ?   B . n 
B 1 113 SER 113 113 ?   ?   ?   B . n 
# 
loop_
_pdbx_nonpoly_scheme.asym_id 
_pdbx_nonpoly_scheme.entity_id 
_pdbx_nonpoly_scheme.mon_id 
_pdbx_nonpoly_scheme.ndb_seq_num 
_pdbx_nonpoly_scheme.pdb_seq_num 
_pdbx_nonpoly_scheme.auth_seq_num 
_pdbx_nonpoly_scheme.pdb_mon_id 
_pdbx_nonpoly_scheme.auth_mon_id 
_pdbx_nonpoly_scheme.pdb_strand_id 
_pdbx_nonpoly_scheme.pdb_ins_code 
C 2 GSH 1  114 114 GSH GSH A . 
D 3 FES 1  115 115 FES FES A . 
E 2 GSH 1  114 114 GSH GSH B . 
F 4 HOH 1  116 115 HOH HOH A . 
F 4 HOH 2  118 118 HOH HOH A . 
F 4 HOH 3  126 126 HOH HOH A . 
F 4 HOH 4  132 132 HOH HOH A . 
F 4 HOH 5  134 134 HOH HOH A . 
F 4 HOH 6  135 135 HOH HOH A . 
F 4 HOH 7  138 138 HOH HOH A . 
F 4 HOH 8  142 142 HOH HOH A . 
F 4 HOH 9  145 145 HOH HOH A . 
F 4 HOH 10 157 157 HOH HOH A . 
F 4 HOH 11 160 160 HOH HOH A . 
G 4 HOH 1  117 117 HOH HOH B . 
G 4 HOH 2  119 119 HOH HOH B . 
G 4 HOH 3  125 125 HOH HOH B . 
G 4 HOH 4  130 130 HOH HOH B . 
G 4 HOH 5  131 131 HOH HOH B . 
G 4 HOH 6  133 133 HOH HOH B . 
G 4 HOH 7  136 136 HOH HOH B . 
G 4 HOH 8  137 137 HOH HOH B . 
G 4 HOH 9  141 141 HOH HOH B . 
G 4 HOH 10 144 144 HOH HOH B . 
G 4 HOH 11 146 146 HOH HOH B . 
G 4 HOH 12 148 148 HOH HOH B . 
G 4 HOH 13 150 150 HOH HOH B . 
G 4 HOH 14 151 151 HOH HOH B . 
G 4 HOH 15 152 152 HOH HOH B . 
G 4 HOH 16 162 162 HOH HOH B . 
G 4 HOH 17 165 165 HOH HOH B . 
G 4 HOH 18 171 171 HOH HOH B . 
# 
loop_
_software.name 
_software.classification 
_software.version 
_software.citation_id 
_software.pdbx_ordinal 
Xnemo  'data collection' .        ? 1 
MOLREP phasing           .        ? 2 
REFMAC refinement        5.5.0109 ? 3 
XDS    'data reduction'  .        ? 4 
SCALA  'data scaling'    .        ? 5 
# 
_cell.entry_id           3RHC 
_cell.length_a           111.747 
_cell.length_b           111.747 
_cell.length_c           58.476 
_cell.angle_alpha        90.00 
_cell.angle_beta         90.00 
_cell.angle_gamma        120.00 
_cell.Z_PDB              18 
_cell.pdbx_unique_axis   ? 
_cell.length_a_esd       ? 
_cell.length_b_esd       ? 
_cell.length_c_esd       ? 
_cell.angle_alpha_esd    ? 
_cell.angle_beta_esd     ? 
_cell.angle_gamma_esd    ? 
# 
_symmetry.entry_id                         3RHC 
_symmetry.space_group_name_H-M             'H 3' 
_symmetry.pdbx_full_space_group_name_H-M   ? 
_symmetry.cell_setting                     ? 
_symmetry.Int_Tables_number                146 
_symmetry.space_group_name_Hall            ? 
# 
_exptl.entry_id          3RHC 
_exptl.method            'X-RAY DIFFRACTION' 
_exptl.crystals_number   1 
# 
_exptl_crystal.id                    1 
_exptl_crystal.density_meas          ? 
_exptl_crystal.density_Matthews      2.81 
_exptl_crystal.density_percent_sol   56.24 
_exptl_crystal.description           ? 
_exptl_crystal.F_000                 ? 
_exptl_crystal.preparation           ? 
# 
_exptl_crystal_grow.crystal_id      1 
_exptl_crystal_grow.method          MICROBATCH 
_exptl_crystal_grow.temp            277 
_exptl_crystal_grow.temp_details    ? 
_exptl_crystal_grow.pH              7.5 
_exptl_crystal_grow.pdbx_details    '0.1 M HEPES, 70 % MPD, pH 7.5, Microbatch, temperature 277K' 
_exptl_crystal_grow.pdbx_pH_range   ? 
# 
_diffrn.id                     1 
_diffrn.ambient_temp           100 
_diffrn.ambient_temp_details   ? 
_diffrn.crystal_id             1 
# 
_diffrn_detector.diffrn_id              1 
_diffrn_detector.detector               CCD 
_diffrn_detector.type                   'ADSC QUANTUM 315r' 
_diffrn_detector.pdbx_collection_date   ? 
_diffrn_detector.details                mirrors 
# 
_diffrn_radiation.diffrn_id                        1 
_diffrn_radiation.wavelength_id                    1 
_diffrn_radiation.pdbx_monochromatic_or_laue_m_l   M 
_diffrn_radiation.monochromator                    '111 SILICON SINGLE CRYSTAL' 
_diffrn_radiation.pdbx_diffrn_protocol             'SINGLE WAVELENGTH' 
_diffrn_radiation.pdbx_scattering_type             x-ray 
# 
_diffrn_radiation_wavelength.id           1 
_diffrn_radiation_wavelength.wavelength   0.8266 
_diffrn_radiation_wavelength.wt           1.0 
# 
_diffrn_source.diffrn_id                   1 
_diffrn_source.source                      SYNCHROTRON 
_diffrn_source.type                        'ESRF BEAMLINE ID23-1' 
_diffrn_source.pdbx_synchrotron_site       ESRF 
_diffrn_source.pdbx_synchrotron_beamline   ID23-1 
_diffrn_source.pdbx_wavelength             ? 
_diffrn_source.pdbx_wavelength_list        0.8266 
# 
_reflns.entry_id                     3RHC 
_reflns.observed_criterion_sigma_I   0 
_reflns.observed_criterion_sigma_F   0 
_reflns.d_resolution_low             27.99 
_reflns.d_resolution_high            2.4 
_reflns.number_obs                   10043 
_reflns.number_all                   ? 
_reflns.percent_possible_obs         99 
_reflns.pdbx_Rmerge_I_obs            0.061 
_reflns.pdbx_Rsym_value              ? 
_reflns.pdbx_netI_over_sigmaI        ? 
_reflns.B_iso_Wilson_estimate        ? 
_reflns.pdbx_redundancy              5.7 
_reflns.R_free_details               ? 
_reflns.limit_h_max                  ? 
_reflns.limit_h_min                  ? 
_reflns.limit_k_max                  ? 
_reflns.limit_k_min                  ? 
_reflns.limit_l_max                  ? 
_reflns.limit_l_min                  ? 
_reflns.observed_criterion_F_max     ? 
_reflns.observed_criterion_F_min     ? 
_reflns.pdbx_chi_squared             ? 
_reflns.pdbx_scaling_rejects         ? 
_reflns.pdbx_ordinal                 1 
_reflns.pdbx_diffrn_id               1 
# 
_refine.entry_id                                 3RHC 
_refine.ls_number_reflns_obs                     10043 
_refine.ls_number_reflns_all                     10043 
_refine.pdbx_ls_sigma_I                          ? 
_refine.pdbx_ls_sigma_F                          ? 
_refine.pdbx_data_cutoff_high_absF               ? 
_refine.pdbx_data_cutoff_low_absF                ? 
_refine.pdbx_data_cutoff_high_rms_absF           ? 
_refine.ls_d_res_low                             27.99 
_refine.ls_d_res_high                            2.40 
_refine.ls_percent_reflns_obs                    99.03 
_refine.ls_R_factor_obs                          0.19126 
_refine.ls_R_factor_all                          0.19126 
_refine.ls_R_factor_R_work                       0.18889 
_refine.ls_R_factor_R_free                       0.23810 
_refine.ls_R_factor_R_free_error                 ? 
_refine.ls_R_factor_R_free_error_details         ? 
_refine.ls_percent_reflns_R_free                 4.8 
_refine.ls_number_reflns_R_free                  508 
_refine.ls_number_parameters                     ? 
_refine.ls_number_restraints                     ? 
_refine.occupancy_min                            ? 
_refine.occupancy_max                            ? 
_refine.correlation_coeff_Fo_to_Fc               0.954 
_refine.correlation_coeff_Fo_to_Fc_free          0.921 
_refine.B_iso_mean                               57.620 
_refine.aniso_B[1][1]                            0.17 
_refine.aniso_B[2][2]                            0.17 
_refine.aniso_B[3][3]                            -0.25 
_refine.aniso_B[1][2]                            0.08 
_refine.aniso_B[1][3]                            0.00 
_refine.aniso_B[2][3]                            0.00 
_refine.solvent_model_details                    MASK 
_refine.solvent_model_param_ksol                 ? 
_refine.solvent_model_param_bsol                 ? 
_refine.pdbx_solvent_vdw_probe_radii             1.40 
_refine.pdbx_solvent_ion_probe_radii             0.80 
_refine.pdbx_solvent_shrinkage_radii             0.80 
_refine.pdbx_ls_cross_valid_method               THROUGHOUT 
_refine.details                                  ? 
_refine.pdbx_starting_model                      ? 
_refine.pdbx_method_to_determine_struct          'MOLECULAR REPLACEMENT' 
_refine.pdbx_isotropic_thermal_model             ? 
_refine.pdbx_stereochemistry_target_values       'MAXIMUM LIKELIHOOD' 
_refine.pdbx_stereochem_target_val_spec_case     ? 
_refine.pdbx_R_Free_selection_details            RANDOM 
_refine.pdbx_overall_ESU_R_Free                  0.237 
_refine.overall_SU_ML                            0.168 
_refine.overall_SU_B                             7.100 
_refine.overall_SU_R_Cruickshank_DPI             ? 
_refine.ls_redundancy_reflns_obs                 ? 
_refine.B_iso_min                                ? 
_refine.B_iso_max                                ? 
_refine.overall_SU_R_free                        ? 
_refine.ls_wR_factor_R_free                      ? 
_refine.ls_wR_factor_R_work                      ? 
_refine.overall_FOM_free_R_set                   ? 
_refine.overall_FOM_work_R_set                   ? 
_refine.pdbx_overall_phase_error                 ? 
_refine.pdbx_refine_id                           'X-RAY DIFFRACTION' 
_refine.pdbx_diffrn_id                           1 
_refine.pdbx_overall_ESU_R                       ? 
_refine.pdbx_TLS_residual_ADP_flag               ? 
_refine.pdbx_overall_SU_R_free_Cruickshank_DPI   ? 
_refine.pdbx_overall_SU_R_Blow_DPI               ? 
_refine.pdbx_overall_SU_R_free_Blow_DPI          ? 
# 
_refine_hist.pdbx_refine_id                   'X-RAY DIFFRACTION' 
_refine_hist.cycle_id                         LAST 
_refine_hist.pdbx_number_atoms_protein        1589 
_refine_hist.pdbx_number_atoms_nucleic_acid   0 
_refine_hist.pdbx_number_atoms_ligand         44 
_refine_hist.number_atoms_solvent             29 
_refine_hist.number_atoms_total               1662 
_refine_hist.d_res_high                       2.40 
_refine_hist.d_res_low                        27.99 
# 
loop_
_refine_ls_restr.type 
_refine_ls_restr.dev_ideal 
_refine_ls_restr.dev_ideal_target 
_refine_ls_restr.weight 
_refine_ls_restr.number 
_refine_ls_restr.pdbx_restraint_function 
_refine_ls_restr.pdbx_refine_id 
r_bond_refined_d       0.023  0.022  ? 1654 ? 'X-RAY DIFFRACTION' 
r_angle_refined_deg    2.190  2.005  ? 2229 ? 'X-RAY DIFFRACTION' 
r_dihedral_angle_1_deg 7.583  5.000  ? 201  ? 'X-RAY DIFFRACTION' 
r_dihedral_angle_2_deg 39.368 24.615 ? 65   ? 'X-RAY DIFFRACTION' 
r_dihedral_angle_3_deg 20.573 15.000 ? 310  ? 'X-RAY DIFFRACTION' 
r_dihedral_angle_4_deg 19.909 15.000 ? 10   ? 'X-RAY DIFFRACTION' 
r_chiral_restr         0.112  0.200  ? 264  ? 'X-RAY DIFFRACTION' 
r_gen_planes_refined   0.010  0.021  ? 1189 ? 'X-RAY DIFFRACTION' 
r_mcbond_it            1.230  1.500  ? 1004 ? 'X-RAY DIFFRACTION' 
r_mcangle_it           2.310  2.000  ? 1639 ? 'X-RAY DIFFRACTION' 
r_scbond_it            3.406  3.000  ? 650  ? 'X-RAY DIFFRACTION' 
r_scangle_it           5.878  4.500  ? 588  ? 'X-RAY DIFFRACTION' 
# 
_refine_ls_shell.pdbx_total_number_of_bins_used   20 
_refine_ls_shell.d_res_high                       2.400 
_refine_ls_shell.d_res_low                        2.462 
_refine_ls_shell.number_reflns_R_work             740 
_refine_ls_shell.R_factor_R_work                  0.243 
_refine_ls_shell.percent_reflns_obs               100.00 
_refine_ls_shell.R_factor_R_free                  0.280 
_refine_ls_shell.R_factor_R_free_error            ? 
_refine_ls_shell.percent_reflns_R_free            ? 
_refine_ls_shell.number_reflns_R_free             40 
_refine_ls_shell.number_reflns_all                ? 
_refine_ls_shell.R_factor_all                     ? 
_refine_ls_shell.number_reflns_obs                ? 
_refine_ls_shell.redundancy_reflns_obs            ? 
_refine_ls_shell.pdbx_refine_id                   'X-RAY DIFFRACTION' 
# 
_struct.entry_id                  3RHC 
_struct.title                     'Crystal structure of the holo form of glutaredoxin C5 from Arabidopsis thaliana' 
_struct.pdbx_model_details        ? 
_struct.pdbx_CASP_flag            ? 
_struct.pdbx_model_type_details   ? 
# 
_struct_keywords.entry_id        3RHC 
_struct_keywords.pdbx_keywords   OXIDOREDUCTASE 
_struct_keywords.text            'Thioredoxin fold, thiol-disulfide oxidoreductase, [2Fe-2S] cluster, glutaredoxin, Oxidoreductase' 
# 
loop_
_struct_asym.id 
_struct_asym.pdbx_blank_PDB_chainid_flag 
_struct_asym.pdbx_modified 
_struct_asym.entity_id 
_struct_asym.details 
A N N 1 ? 
B N N 1 ? 
C N N 2 ? 
D N N 3 ? 
E N N 2 ? 
F N N 4 ? 
G N N 4 ? 
# 
_struct_ref.id                         1 
_struct_ref.db_name                    UNP 
_struct_ref.db_code                    GRXC5_ARATH 
_struct_ref.pdbx_db_accession          Q8GWS0 
_struct_ref.entity_id                  1 
_struct_ref.pdbx_seq_one_letter_code   
;SFGSRMEESIRKTVTENTVVIYSKTWCSYCTEVKTLFKRLGVQPLVVELDQLGPQGPQLQKVLERLTGQHTVPNVFVCGK
HIGGCTDTVKLNRKGDLELMLAEANGKNGQS
;
_struct_ref.pdbx_align_begin           64 
_struct_ref.pdbx_db_isoform            ? 
# 
loop_
_struct_ref_seq.align_id 
_struct_ref_seq.ref_id 
_struct_ref_seq.pdbx_PDB_id_code 
_struct_ref_seq.pdbx_strand_id 
_struct_ref_seq.seq_align_beg 
_struct_ref_seq.pdbx_seq_align_beg_ins_code 
_struct_ref_seq.seq_align_end 
_struct_ref_seq.pdbx_seq_align_end_ins_code 
_struct_ref_seq.pdbx_db_accession 
_struct_ref_seq.db_align_beg 
_struct_ref_seq.pdbx_db_align_beg_ins_code 
_struct_ref_seq.db_align_end 
_struct_ref_seq.pdbx_db_align_end_ins_code 
_struct_ref_seq.pdbx_auth_seq_align_beg 
_struct_ref_seq.pdbx_auth_seq_align_end 
1 1 3RHC A 3 ? 113 ? Q8GWS0 64 ? 174 ? 3 113 
2 1 3RHC B 3 ? 113 ? Q8GWS0 64 ? 174 ? 3 113 
# 
loop_
_struct_ref_seq_dif.align_id 
_struct_ref_seq_dif.pdbx_pdb_id_code 
_struct_ref_seq_dif.mon_id 
_struct_ref_seq_dif.pdbx_pdb_strand_id 
_struct_ref_seq_dif.seq_num 
_struct_ref_seq_dif.pdbx_pdb_ins_code 
_struct_ref_seq_dif.pdbx_seq_db_name 
_struct_ref_seq_dif.pdbx_seq_db_accession_code 
_struct_ref_seq_dif.db_mon_id 
_struct_ref_seq_dif.pdbx_seq_db_seq_num 
_struct_ref_seq_dif.details 
_struct_ref_seq_dif.pdbx_auth_seq_num 
_struct_ref_seq_dif.pdbx_ordinal 
1 3RHC MET A 1 ? UNP Q8GWS0 ? ? 'expression tag' 1 1 
1 3RHC ALA A 2 ? UNP Q8GWS0 ? ? 'expression tag' 2 2 
2 3RHC MET B 1 ? UNP Q8GWS0 ? ? 'expression tag' 1 3 
2 3RHC ALA B 2 ? UNP Q8GWS0 ? ? 'expression tag' 2 4 
# 
_pdbx_struct_assembly.id                   1 
_pdbx_struct_assembly.details              author_and_software_defined_assembly 
_pdbx_struct_assembly.method_details       PISA 
_pdbx_struct_assembly.oligomeric_details   dimeric 
_pdbx_struct_assembly.oligomeric_count     2 
# 
loop_
_pdbx_struct_assembly_prop.biol_id 
_pdbx_struct_assembly_prop.type 
_pdbx_struct_assembly_prop.value 
_pdbx_struct_assembly_prop.details 
1 'ABSA (A^2)' 2180  ? 
1 MORE         -37   ? 
1 'SSA (A^2)'  11170 ? 
# 
_pdbx_struct_assembly_gen.assembly_id       1 
_pdbx_struct_assembly_gen.oper_expression   1 
_pdbx_struct_assembly_gen.asym_id_list      A,B,C,D,E,F,G 
# 
_pdbx_struct_oper_list.id                   1 
_pdbx_struct_oper_list.type                 'identity operation' 
_pdbx_struct_oper_list.name                 1_555 
_pdbx_struct_oper_list.symmetry_operation   x,y,z 
_pdbx_struct_oper_list.matrix[1][1]         1.0000000000 
_pdbx_struct_oper_list.matrix[1][2]         0.0000000000 
_pdbx_struct_oper_list.matrix[1][3]         0.0000000000 
_pdbx_struct_oper_list.vector[1]            0.0000000000 
_pdbx_struct_oper_list.matrix[2][1]         0.0000000000 
_pdbx_struct_oper_list.matrix[2][2]         1.0000000000 
_pdbx_struct_oper_list.matrix[2][3]         0.0000000000 
_pdbx_struct_oper_list.vector[2]            0.0000000000 
_pdbx_struct_oper_list.matrix[3][1]         0.0000000000 
_pdbx_struct_oper_list.matrix[3][2]         0.0000000000 
_pdbx_struct_oper_list.matrix[3][3]         1.0000000000 
_pdbx_struct_oper_list.vector[3]            0.0000000000 
# 
_struct_biol.id        1 
_struct_biol.details   ? 
# 
loop_
_struct_conf.conf_type_id 
_struct_conf.id 
_struct_conf.pdbx_PDB_helix_id 
_struct_conf.beg_label_comp_id 
_struct_conf.beg_label_asym_id 
_struct_conf.beg_label_seq_id 
_struct_conf.pdbx_beg_PDB_ins_code 
_struct_conf.end_label_comp_id 
_struct_conf.end_label_asym_id 
_struct_conf.end_label_seq_id 
_struct_conf.pdbx_end_PDB_ins_code 
_struct_conf.beg_auth_comp_id 
_struct_conf.beg_auth_asym_id 
_struct_conf.beg_auth_seq_id 
_struct_conf.end_auth_comp_id 
_struct_conf.end_auth_asym_id 
_struct_conf.end_auth_seq_id 
_struct_conf.pdbx_PDB_helix_class 
_struct_conf.details 
_struct_conf.pdbx_PDB_helix_length 
HELX_P HELX_P1  1  SER A 3  ? ASN A 19  ? SER A 3  ASN A 19  1 ? 17 
HELX_P HELX_P2  2  CYS A 29 ? ARG A 41  ? CYS A 29 ARG A 41  1 ? 13 
HELX_P HELX_P3  3  ASP A 52 ? GLY A 55  ? ASP A 52 GLY A 55  5 ? 4  
HELX_P HELX_P4  4  PRO A 56 ? GLY A 70  ? PRO A 56 GLY A 70  1 ? 15 
HELX_P HELX_P5  5  GLY A 86 ? LYS A 96  ? GLY A 86 LYS A 96  1 ? 11 
HELX_P HELX_P6  6  GLY A 97 ? LEU A 103 ? GLY A 97 LEU A 103 1 ? 7  
HELX_P HELX_P7  7  SER B 6  ? ASN B 19  ? SER B 6  ASN B 19  1 ? 14 
HELX_P HELX_P8  8  CYS B 29 ? LEU B 42  ? CYS B 29 LEU B 42  1 ? 14 
HELX_P HELX_P9  9  ASP B 52 ? GLY B 55  ? ASP B 52 GLY B 55  5 ? 4  
HELX_P HELX_P10 10 PRO B 56 ? LEU B 68  ? PRO B 56 LEU B 68  1 ? 13 
HELX_P HELX_P11 11 GLY B 86 ? GLY B 97  ? GLY B 86 GLY B 97  1 ? 12 
HELX_P HELX_P12 12 LEU B 99 ? ALA B 104 ? LEU B 99 ALA B 104 1 ? 6  
# 
_struct_conf_type.id          HELX_P 
_struct_conf_type.criteria    ? 
_struct_conf_type.reference   ? 
# 
loop_
_struct_conn.id 
_struct_conn.conn_type_id 
_struct_conn.pdbx_leaving_atom_flag 
_struct_conn.pdbx_PDB_id 
_struct_conn.ptnr1_label_asym_id 
_struct_conn.ptnr1_label_comp_id 
_struct_conn.ptnr1_label_seq_id 
_struct_conn.ptnr1_label_atom_id 
_struct_conn.pdbx_ptnr1_label_alt_id 
_struct_conn.pdbx_ptnr1_PDB_ins_code 
_struct_conn.pdbx_ptnr1_standard_comp_id 
_struct_conn.ptnr1_symmetry 
_struct_conn.ptnr2_label_asym_id 
_struct_conn.ptnr2_label_comp_id 
_struct_conn.ptnr2_label_seq_id 
_struct_conn.ptnr2_label_atom_id 
_struct_conn.pdbx_ptnr2_label_alt_id 
_struct_conn.pdbx_ptnr2_PDB_ins_code 
_struct_conn.ptnr1_auth_asym_id 
_struct_conn.ptnr1_auth_comp_id 
_struct_conn.ptnr1_auth_seq_id 
_struct_conn.ptnr2_auth_asym_id 
_struct_conn.ptnr2_auth_comp_id 
_struct_conn.ptnr2_auth_seq_id 
_struct_conn.ptnr2_symmetry 
_struct_conn.pdbx_ptnr3_label_atom_id 
_struct_conn.pdbx_ptnr3_label_seq_id 
_struct_conn.pdbx_ptnr3_label_comp_id 
_struct_conn.pdbx_ptnr3_label_asym_id 
_struct_conn.pdbx_ptnr3_label_alt_id 
_struct_conn.pdbx_ptnr3_PDB_ins_code 
_struct_conn.details 
_struct_conn.pdbx_dist_value 
_struct_conn.pdbx_value_order 
_struct_conn.pdbx_role 
metalc1 metalc ? ? A CYS 29 SG  ? ? ? 1_555 D FES .  FE1 ? ? A CYS 29  A FES 115 1_555 ? ? ? ? ? ? ? 2.395 ? ? 
metalc2 metalc ? ? C GSH .  SG2 ? ? ? 1_555 D FES .  FE1 ? ? A GSH 114 A FES 115 1_555 ? ? ? ? ? ? ? 2.287 ? ? 
metalc3 metalc ? ? D FES .  FE2 ? ? ? 1_555 B CYS 29 SG  ? ? A FES 115 B CYS 29  1_555 ? ? ? ? ? ? ? 2.296 ? ? 
metalc4 metalc ? ? D FES .  FE2 ? ? ? 1_555 E GSH .  SG2 ? ? A FES 115 B GSH 114 1_555 ? ? ? ? ? ? ? 2.312 ? ? 
# 
_struct_conn_type.id          metalc 
_struct_conn_type.criteria    ? 
_struct_conn_type.reference   ? 
# 
loop_
_pdbx_struct_conn_angle.id 
_pdbx_struct_conn_angle.ptnr1_label_atom_id 
_pdbx_struct_conn_angle.ptnr1_label_alt_id 
_pdbx_struct_conn_angle.ptnr1_label_asym_id 
_pdbx_struct_conn_angle.ptnr1_label_comp_id 
_pdbx_struct_conn_angle.ptnr1_label_seq_id 
_pdbx_struct_conn_angle.ptnr1_auth_atom_id 
_pdbx_struct_conn_angle.ptnr1_auth_asym_id 
_pdbx_struct_conn_angle.ptnr1_auth_comp_id 
_pdbx_struct_conn_angle.ptnr1_auth_seq_id 
_pdbx_struct_conn_angle.ptnr1_PDB_ins_code 
_pdbx_struct_conn_angle.ptnr1_symmetry 
_pdbx_struct_conn_angle.ptnr2_label_atom_id 
_pdbx_struct_conn_angle.ptnr2_label_alt_id 
_pdbx_struct_conn_angle.ptnr2_label_asym_id 
_pdbx_struct_conn_angle.ptnr2_label_comp_id 
_pdbx_struct_conn_angle.ptnr2_label_seq_id 
_pdbx_struct_conn_angle.ptnr2_auth_atom_id 
_pdbx_struct_conn_angle.ptnr2_auth_asym_id 
_pdbx_struct_conn_angle.ptnr2_auth_comp_id 
_pdbx_struct_conn_angle.ptnr2_auth_seq_id 
_pdbx_struct_conn_angle.ptnr2_PDB_ins_code 
_pdbx_struct_conn_angle.ptnr2_symmetry 
_pdbx_struct_conn_angle.ptnr3_label_atom_id 
_pdbx_struct_conn_angle.ptnr3_label_alt_id 
_pdbx_struct_conn_angle.ptnr3_label_asym_id 
_pdbx_struct_conn_angle.ptnr3_label_comp_id 
_pdbx_struct_conn_angle.ptnr3_label_seq_id 
_pdbx_struct_conn_angle.ptnr3_auth_atom_id 
_pdbx_struct_conn_angle.ptnr3_auth_asym_id 
_pdbx_struct_conn_angle.ptnr3_auth_comp_id 
_pdbx_struct_conn_angle.ptnr3_auth_seq_id 
_pdbx_struct_conn_angle.ptnr3_PDB_ins_code 
_pdbx_struct_conn_angle.ptnr3_symmetry 
_pdbx_struct_conn_angle.value 
_pdbx_struct_conn_angle.value_esd 
1  SG ? A CYS 29 ? A CYS 29  ? 1_555 FE1 ? D FES . ? A FES 115 ? 1_555 S1  ? D FES . ? A FES 115 ? 1_555 121.2 ? 
2  SG ? A CYS 29 ? A CYS 29  ? 1_555 FE1 ? D FES . ? A FES 115 ? 1_555 S2  ? D FES . ? A FES 115 ? 1_555 111.7 ? 
3  S1 ? D FES .  ? A FES 115 ? 1_555 FE1 ? D FES . ? A FES 115 ? 1_555 S2  ? D FES . ? A FES 115 ? 1_555 102.9 ? 
4  SG ? A CYS 29 ? A CYS 29  ? 1_555 FE1 ? D FES . ? A FES 115 ? 1_555 SG2 ? C GSH . ? A GSH 114 ? 1_555 104.2 ? 
5  S1 ? D FES .  ? A FES 115 ? 1_555 FE1 ? D FES . ? A FES 115 ? 1_555 SG2 ? C GSH . ? A GSH 114 ? 1_555 97.3  ? 
6  S2 ? D FES .  ? A FES 115 ? 1_555 FE1 ? D FES . ? A FES 115 ? 1_555 SG2 ? C GSH . ? A GSH 114 ? 1_555 119.8 ? 
7  SG ? B CYS 29 ? B CYS 29  ? 1_555 FE2 ? D FES . ? A FES 115 ? 1_555 S1  ? D FES . ? A FES 115 ? 1_555 118.7 ? 
8  SG ? B CYS 29 ? B CYS 29  ? 1_555 FE2 ? D FES . ? A FES 115 ? 1_555 S2  ? D FES . ? A FES 115 ? 1_555 112.7 ? 
9  S1 ? D FES .  ? A FES 115 ? 1_555 FE2 ? D FES . ? A FES 115 ? 1_555 S2  ? D FES . ? A FES 115 ? 1_555 103.4 ? 
10 SG ? B CYS 29 ? B CYS 29  ? 1_555 FE2 ? D FES . ? A FES 115 ? 1_555 SG2 ? E GSH . ? B GSH 114 ? 1_555 104.2 ? 
11 S1 ? D FES .  ? A FES 115 ? 1_555 FE2 ? D FES . ? A FES 115 ? 1_555 SG2 ? E GSH . ? B GSH 114 ? 1_555 99.3  ? 
12 S2 ? D FES .  ? A FES 115 ? 1_555 FE2 ? D FES . ? A FES 115 ? 1_555 SG2 ? E GSH . ? B GSH 114 ? 1_555 118.6 ? 
# 
loop_
_struct_mon_prot_cis.pdbx_id 
_struct_mon_prot_cis.label_comp_id 
_struct_mon_prot_cis.label_seq_id 
_struct_mon_prot_cis.label_asym_id 
_struct_mon_prot_cis.label_alt_id 
_struct_mon_prot_cis.pdbx_PDB_ins_code 
_struct_mon_prot_cis.auth_comp_id 
_struct_mon_prot_cis.auth_seq_id 
_struct_mon_prot_cis.auth_asym_id 
_struct_mon_prot_cis.pdbx_label_comp_id_2 
_struct_mon_prot_cis.pdbx_label_seq_id_2 
_struct_mon_prot_cis.pdbx_label_asym_id_2 
_struct_mon_prot_cis.pdbx_PDB_ins_code_2 
_struct_mon_prot_cis.pdbx_auth_comp_id_2 
_struct_mon_prot_cis.pdbx_auth_seq_id_2 
_struct_mon_prot_cis.pdbx_auth_asym_id_2 
_struct_mon_prot_cis.pdbx_PDB_model_num 
_struct_mon_prot_cis.pdbx_omega_angle 
1 VAL 74  A . ? VAL 74  A PRO 75  A ? PRO 75  A 1 -1.59  
2 ILE 84  A . ? ILE 84  A GLY 85  A ? GLY 85  A 1 -28.98 
3 ALA 104 A . ? ALA 104 A GLU 105 A ? GLU 105 A 1 -14.90 
4 VAL 74  B . ? VAL 74  B PRO 75  B ? PRO 75  B 1 0.60   
# 
loop_
_struct_sheet.id 
_struct_sheet.type 
_struct_sheet.number_strands 
_struct_sheet.details 
A ? 4 ? 
B ? 4 ? 
# 
loop_
_struct_sheet_order.sheet_id 
_struct_sheet_order.range_id_1 
_struct_sheet_order.range_id_2 
_struct_sheet_order.offset 
_struct_sheet_order.sense 
A 1 2 ? parallel      
A 2 3 ? anti-parallel 
A 3 4 ? anti-parallel 
B 1 2 ? parallel      
B 2 3 ? anti-parallel 
B 3 4 ? anti-parallel 
# 
loop_
_struct_sheet_range.sheet_id 
_struct_sheet_range.id 
_struct_sheet_range.beg_label_comp_id 
_struct_sheet_range.beg_label_asym_id 
_struct_sheet_range.beg_label_seq_id 
_struct_sheet_range.pdbx_beg_PDB_ins_code 
_struct_sheet_range.end_label_comp_id 
_struct_sheet_range.end_label_asym_id 
_struct_sheet_range.end_label_seq_id 
_struct_sheet_range.pdbx_end_PDB_ins_code 
_struct_sheet_range.beg_auth_comp_id 
_struct_sheet_range.beg_auth_asym_id 
_struct_sheet_range.beg_auth_seq_id 
_struct_sheet_range.end_auth_comp_id 
_struct_sheet_range.end_auth_asym_id 
_struct_sheet_range.end_auth_seq_id 
A 1 LEU A 47 ? GLU A 50 ? LEU A 47 GLU A 50 
A 2 VAL A 21 ? SER A 25 ? VAL A 21 SER A 25 
A 3 ASN A 76 ? VAL A 79 ? ASN A 76 VAL A 79 
A 4 LYS A 82 ? HIS A 83 ? LYS A 82 HIS A 83 
B 1 LEU B 47 ? GLU B 50 ? LEU B 47 GLU B 50 
B 2 VAL B 21 ? SER B 25 ? VAL B 21 SER B 25 
B 3 ASN B 76 ? VAL B 79 ? ASN B 76 VAL B 79 
B 4 LYS B 82 ? GLY B 85 ? LYS B 82 GLY B 85 
# 
loop_
_pdbx_struct_sheet_hbond.sheet_id 
_pdbx_struct_sheet_hbond.range_id_1 
_pdbx_struct_sheet_hbond.range_id_2 
_pdbx_struct_sheet_hbond.range_1_label_atom_id 
_pdbx_struct_sheet_hbond.range_1_label_comp_id 
_pdbx_struct_sheet_hbond.range_1_label_asym_id 
_pdbx_struct_sheet_hbond.range_1_label_seq_id 
_pdbx_struct_sheet_hbond.range_1_PDB_ins_code 
_pdbx_struct_sheet_hbond.range_1_auth_atom_id 
_pdbx_struct_sheet_hbond.range_1_auth_comp_id 
_pdbx_struct_sheet_hbond.range_1_auth_asym_id 
_pdbx_struct_sheet_hbond.range_1_auth_seq_id 
_pdbx_struct_sheet_hbond.range_2_label_atom_id 
_pdbx_struct_sheet_hbond.range_2_label_comp_id 
_pdbx_struct_sheet_hbond.range_2_label_asym_id 
_pdbx_struct_sheet_hbond.range_2_label_seq_id 
_pdbx_struct_sheet_hbond.range_2_PDB_ins_code 
_pdbx_struct_sheet_hbond.range_2_auth_atom_id 
_pdbx_struct_sheet_hbond.range_2_auth_comp_id 
_pdbx_struct_sheet_hbond.range_2_auth_asym_id 
_pdbx_struct_sheet_hbond.range_2_auth_seq_id 
A 1 2 O LEU A 47 ? O LEU A 47 N VAL A 21 ? N VAL A 21 
A 2 3 N TYR A 24 ? N TYR A 24 O ASN A 76 ? O ASN A 76 
A 3 4 N VAL A 79 ? N VAL A 79 O LYS A 82 ? O LYS A 82 
B 1 2 O VAL B 49 ? O VAL B 49 N SER B 25 ? N SER B 25 
B 2 3 N TYR B 24 ? N TYR B 24 O ASN B 76 ? O ASN B 76 
B 3 4 N VAL B 77 ? N VAL B 77 O GLY B 85 ? O GLY B 85 
# 
loop_
_struct_site.id 
_struct_site.pdbx_evidence_code 
_struct_site.pdbx_auth_asym_id 
_struct_site.pdbx_auth_comp_id 
_struct_site.pdbx_auth_seq_id 
_struct_site.pdbx_auth_ins_code 
_struct_site.pdbx_num_residues 
_struct_site.details 
AC1 Software A GSH 114 ? 13 'BINDING SITE FOR RESIDUE GSH A 114' 
AC2 Software A FES 115 ? 6  'BINDING SITE FOR RESIDUE FES A 115' 
AC3 Software B GSH 114 ? 15 'BINDING SITE FOR RESIDUE GSH B 114' 
# 
loop_
_struct_site_gen.id 
_struct_site_gen.site_id 
_struct_site_gen.pdbx_num_res 
_struct_site_gen.label_comp_id 
_struct_site_gen.label_asym_id 
_struct_site_gen.label_seq_id 
_struct_site_gen.pdbx_auth_ins_code 
_struct_site_gen.auth_comp_id 
_struct_site_gen.auth_asym_id 
_struct_site_gen.auth_seq_id 
_struct_site_gen.label_atom_id 
_struct_site_gen.label_alt_id 
_struct_site_gen.symmetry 
_struct_site_gen.details 
1  AC1 13 LYS A 26 ? LYS A 26  . ? 1_555 ? 
2  AC1 13 CYS A 29 ? CYS A 29  . ? 1_555 ? 
3  AC1 13 GLN A 62 ? GLN A 62  . ? 1_555 ? 
4  AC1 13 THR A 73 ? THR A 73  . ? 1_555 ? 
5  AC1 13 VAL A 74 ? VAL A 74  . ? 1_555 ? 
6  AC1 13 GLY A 86 ? GLY A 86  . ? 1_555 ? 
7  AC1 13 CYS A 87 ? CYS A 87  . ? 1_555 ? 
8  AC1 13 THR A 88 ? THR A 88  . ? 1_555 ? 
9  AC1 13 FES D .  ? FES A 115 . ? 1_555 ? 
10 AC1 13 HOH F .  ? HOH A 116 . ? 1_555 ? 
11 AC1 13 HOH F .  ? HOH A 118 . ? 1_555 ? 
12 AC1 13 TRP B 28 ? TRP B 28  . ? 1_555 ? 
13 AC1 13 SER B 30 ? SER B 30  . ? 1_555 ? 
14 AC2 6  CYS A 29 ? CYS A 29  . ? 1_555 ? 
15 AC2 6  TYR A 31 ? TYR A 31  . ? 1_555 ? 
16 AC2 6  GSH C .  ? GSH A 114 . ? 1_555 ? 
17 AC2 6  CYS B 29 ? CYS B 29  . ? 1_555 ? 
18 AC2 6  TYR B 31 ? TYR B 31  . ? 1_555 ? 
19 AC2 6  GSH E .  ? GSH B 114 . ? 1_555 ? 
20 AC3 15 TRP A 28 ? TRP A 28  . ? 1_555 ? 
21 AC3 15 SER A 30 ? SER A 30  . ? 1_555 ? 
22 AC3 15 FES D .  ? FES A 115 . ? 1_555 ? 
23 AC3 15 LYS B 26 ? LYS B 26  . ? 1_555 ? 
24 AC3 15 CYS B 29 ? CYS B 29  . ? 1_555 ? 
25 AC3 15 TYR B 31 ? TYR B 31  . ? 1_555 ? 
26 AC3 15 GLN B 62 ? GLN B 62  . ? 1_555 ? 
27 AC3 15 THR B 73 ? THR B 73  . ? 1_555 ? 
28 AC3 15 VAL B 74 ? VAL B 74  . ? 1_555 ? 
29 AC3 15 PRO B 75 ? PRO B 75  . ? 1_555 ? 
30 AC3 15 GLY B 86 ? GLY B 86  . ? 1_555 ? 
31 AC3 15 CYS B 87 ? CYS B 87  . ? 1_555 ? 
32 AC3 15 THR B 88 ? THR B 88  . ? 1_555 ? 
33 AC3 15 ASP B 89 ? ASP B 89  . ? 1_555 ? 
34 AC3 15 HOH G .  ? HOH B 171 . ? 1_555 ? 
# 
loop_
_pdbx_validate_rmsd_bond.id 
_pdbx_validate_rmsd_bond.PDB_model_num 
_pdbx_validate_rmsd_bond.auth_atom_id_1 
_pdbx_validate_rmsd_bond.auth_asym_id_1 
_pdbx_validate_rmsd_bond.auth_comp_id_1 
_pdbx_validate_rmsd_bond.auth_seq_id_1 
_pdbx_validate_rmsd_bond.PDB_ins_code_1 
_pdbx_validate_rmsd_bond.label_alt_id_1 
_pdbx_validate_rmsd_bond.auth_atom_id_2 
_pdbx_validate_rmsd_bond.auth_asym_id_2 
_pdbx_validate_rmsd_bond.auth_comp_id_2 
_pdbx_validate_rmsd_bond.auth_seq_id_2 
_pdbx_validate_rmsd_bond.PDB_ins_code_2 
_pdbx_validate_rmsd_bond.label_alt_id_2 
_pdbx_validate_rmsd_bond.bond_value 
_pdbx_validate_rmsd_bond.bond_target_value 
_pdbx_validate_rmsd_bond.bond_deviation 
_pdbx_validate_rmsd_bond.bond_standard_deviation 
_pdbx_validate_rmsd_bond.linker_flag 
1 1 CG A GLU 18 ? ? CD A GLU 18 ? ? 1.607 1.515 0.092 0.015 N 
2 1 CG A GLU 34 ? ? CD A GLU 34 ? ? 1.611 1.515 0.096 0.015 N 
# 
loop_
_pdbx_validate_rmsd_angle.id 
_pdbx_validate_rmsd_angle.PDB_model_num 
_pdbx_validate_rmsd_angle.auth_atom_id_1 
_pdbx_validate_rmsd_angle.auth_asym_id_1 
_pdbx_validate_rmsd_angle.auth_comp_id_1 
_pdbx_validate_rmsd_angle.auth_seq_id_1 
_pdbx_validate_rmsd_angle.PDB_ins_code_1 
_pdbx_validate_rmsd_angle.label_alt_id_1 
_pdbx_validate_rmsd_angle.auth_atom_id_2 
_pdbx_validate_rmsd_angle.auth_asym_id_2 
_pdbx_validate_rmsd_angle.auth_comp_id_2 
_pdbx_validate_rmsd_angle.auth_seq_id_2 
_pdbx_validate_rmsd_angle.PDB_ins_code_2 
_pdbx_validate_rmsd_angle.label_alt_id_2 
_pdbx_validate_rmsd_angle.auth_atom_id_3 
_pdbx_validate_rmsd_angle.auth_asym_id_3 
_pdbx_validate_rmsd_angle.auth_comp_id_3 
_pdbx_validate_rmsd_angle.auth_seq_id_3 
_pdbx_validate_rmsd_angle.PDB_ins_code_3 
_pdbx_validate_rmsd_angle.label_alt_id_3 
_pdbx_validate_rmsd_angle.angle_value 
_pdbx_validate_rmsd_angle.angle_target_value 
_pdbx_validate_rmsd_angle.angle_deviation 
_pdbx_validate_rmsd_angle.angle_standard_deviation 
_pdbx_validate_rmsd_angle.linker_flag 
1 1 CA A CYS 29 ? ? CB A CYS 29 ? ? SG  A CYS 29 ? ? 120.84 114.20 6.64   1.10 N 
2 1 CB A LEU 68 ? ? CG A LEU 68 ? ? CD2 A LEU 68 ? ? 100.06 111.00 -10.94 1.70 N 
# 
loop_
_pdbx_validate_torsion.id 
_pdbx_validate_torsion.PDB_model_num 
_pdbx_validate_torsion.auth_comp_id 
_pdbx_validate_torsion.auth_asym_id 
_pdbx_validate_torsion.auth_seq_id 
_pdbx_validate_torsion.PDB_ins_code 
_pdbx_validate_torsion.label_alt_id 
_pdbx_validate_torsion.phi 
_pdbx_validate_torsion.psi 
1 1 LYS A 96 ? ? -55.05  -2.03  
2 1 THR B 69 ? ? -141.64 -26.64 
# 
loop_
_pdbx_unobs_or_zero_occ_residues.id 
_pdbx_unobs_or_zero_occ_residues.PDB_model_num 
_pdbx_unobs_or_zero_occ_residues.polymer_flag 
_pdbx_unobs_or_zero_occ_residues.occupancy_flag 
_pdbx_unobs_or_zero_occ_residues.auth_asym_id 
_pdbx_unobs_or_zero_occ_residues.auth_comp_id 
_pdbx_unobs_or_zero_occ_residues.auth_seq_id 
_pdbx_unobs_or_zero_occ_residues.PDB_ins_code 
_pdbx_unobs_or_zero_occ_residues.label_asym_id 
_pdbx_unobs_or_zero_occ_residues.label_comp_id 
_pdbx_unobs_or_zero_occ_residues.label_seq_id 
1  1 Y 1 A MET 1   ? A MET 1   
2  1 Y 1 A ALA 2   ? A ALA 2   
3  1 Y 1 A ALA 106 ? A ALA 106 
4  1 Y 1 A ASN 107 ? A ASN 107 
5  1 Y 1 A GLY 108 ? A GLY 108 
6  1 Y 1 A LYS 109 ? A LYS 109 
7  1 Y 1 A ASN 110 ? A ASN 110 
8  1 Y 1 A GLY 111 ? A GLY 111 
9  1 Y 1 A GLN 112 ? A GLN 112 
10 1 Y 1 A SER 113 ? A SER 113 
11 1 Y 1 B MET 1   ? B MET 1   
12 1 Y 1 B ALA 2   ? B ALA 2   
13 1 Y 1 B SER 3   ? B SER 3   
14 1 Y 1 B PHE 4   ? B PHE 4   
15 1 Y 1 B GLY 5   ? B GLY 5   
16 1 Y 1 B ALA 106 ? B ALA 106 
17 1 Y 1 B ASN 107 ? B ASN 107 
18 1 Y 1 B GLY 108 ? B GLY 108 
19 1 Y 1 B LYS 109 ? B LYS 109 
20 1 Y 1 B ASN 110 ? B ASN 110 
21 1 Y 1 B GLY 111 ? B GLY 111 
22 1 Y 1 B GLN 112 ? B GLN 112 
23 1 Y 1 B SER 113 ? B SER 113 
# 
loop_
_chem_comp_atom.comp_id 
_chem_comp_atom.atom_id 
_chem_comp_atom.type_symbol 
_chem_comp_atom.pdbx_aromatic_flag 
_chem_comp_atom.pdbx_stereo_config 
_chem_comp_atom.pdbx_ordinal 
ALA N    N  N N 1   
ALA CA   C  N S 2   
ALA C    C  N N 3   
ALA O    O  N N 4   
ALA CB   C  N N 5   
ALA OXT  O  N N 6   
ALA H    H  N N 7   
ALA H2   H  N N 8   
ALA HA   H  N N 9   
ALA HB1  H  N N 10  
ALA HB2  H  N N 11  
ALA HB3  H  N N 12  
ALA HXT  H  N N 13  
ARG N    N  N N 14  
ARG CA   C  N S 15  
ARG C    C  N N 16  
ARG O    O  N N 17  
ARG CB   C  N N 18  
ARG CG   C  N N 19  
ARG CD   C  N N 20  
ARG NE   N  N N 21  
ARG CZ   C  N N 22  
ARG NH1  N  N N 23  
ARG NH2  N  N N 24  
ARG OXT  O  N N 25  
ARG H    H  N N 26  
ARG H2   H  N N 27  
ARG HA   H  N N 28  
ARG HB2  H  N N 29  
ARG HB3  H  N N 30  
ARG HG2  H  N N 31  
ARG HG3  H  N N 32  
ARG HD2  H  N N 33  
ARG HD3  H  N N 34  
ARG HE   H  N N 35  
ARG HH11 H  N N 36  
ARG HH12 H  N N 37  
ARG HH21 H  N N 38  
ARG HH22 H  N N 39  
ARG HXT  H  N N 40  
ASN N    N  N N 41  
ASN CA   C  N S 42  
ASN C    C  N N 43  
ASN O    O  N N 44  
ASN CB   C  N N 45  
ASN CG   C  N N 46  
ASN OD1  O  N N 47  
ASN ND2  N  N N 48  
ASN OXT  O  N N 49  
ASN H    H  N N 50  
ASN H2   H  N N 51  
ASN HA   H  N N 52  
ASN HB2  H  N N 53  
ASN HB3  H  N N 54  
ASN HD21 H  N N 55  
ASN HD22 H  N N 56  
ASN HXT  H  N N 57  
ASP N    N  N N 58  
ASP CA   C  N S 59  
ASP C    C  N N 60  
ASP O    O  N N 61  
ASP CB   C  N N 62  
ASP CG   C  N N 63  
ASP OD1  O  N N 64  
ASP OD2  O  N N 65  
ASP OXT  O  N N 66  
ASP H    H  N N 67  
ASP H2   H  N N 68  
ASP HA   H  N N 69  
ASP HB2  H  N N 70  
ASP HB3  H  N N 71  
ASP HD2  H  N N 72  
ASP HXT  H  N N 73  
CYS N    N  N N 74  
CYS CA   C  N R 75  
CYS C    C  N N 76  
CYS O    O  N N 77  
CYS CB   C  N N 78  
CYS SG   S  N N 79  
CYS OXT  O  N N 80  
CYS H    H  N N 81  
CYS H2   H  N N 82  
CYS HA   H  N N 83  
CYS HB2  H  N N 84  
CYS HB3  H  N N 85  
CYS HG   H  N N 86  
CYS HXT  H  N N 87  
FES FE1  FE N N 88  
FES FE2  FE N N 89  
FES S1   S  N N 90  
FES S2   S  N N 91  
GLN N    N  N N 92  
GLN CA   C  N S 93  
GLN C    C  N N 94  
GLN O    O  N N 95  
GLN CB   C  N N 96  
GLN CG   C  N N 97  
GLN CD   C  N N 98  
GLN OE1  O  N N 99  
GLN NE2  N  N N 100 
GLN OXT  O  N N 101 
GLN H    H  N N 102 
GLN H2   H  N N 103 
GLN HA   H  N N 104 
GLN HB2  H  N N 105 
GLN HB3  H  N N 106 
GLN HG2  H  N N 107 
GLN HG3  H  N N 108 
GLN HE21 H  N N 109 
GLN HE22 H  N N 110 
GLN HXT  H  N N 111 
GLU N    N  N N 112 
GLU CA   C  N S 113 
GLU C    C  N N 114 
GLU O    O  N N 115 
GLU CB   C  N N 116 
GLU CG   C  N N 117 
GLU CD   C  N N 118 
GLU OE1  O  N N 119 
GLU OE2  O  N N 120 
GLU OXT  O  N N 121 
GLU H    H  N N 122 
GLU H2   H  N N 123 
GLU HA   H  N N 124 
GLU HB2  H  N N 125 
GLU HB3  H  N N 126 
GLU HG2  H  N N 127 
GLU HG3  H  N N 128 
GLU HE2  H  N N 129 
GLU HXT  H  N N 130 
GLY N    N  N N 131 
GLY CA   C  N N 132 
GLY C    C  N N 133 
GLY O    O  N N 134 
GLY OXT  O  N N 135 
GLY H    H  N N 136 
GLY H2   H  N N 137 
GLY HA2  H  N N 138 
GLY HA3  H  N N 139 
GLY HXT  H  N N 140 
GSH N1   N  N N 141 
GSH CA1  C  N S 142 
GSH C1   C  N N 143 
GSH O11  O  N N 144 
GSH O12  O  N N 145 
GSH CB1  C  N N 146 
GSH CG1  C  N N 147 
GSH CD1  C  N N 148 
GSH OE1  O  N N 149 
GSH N2   N  N N 150 
GSH CA2  C  N R 151 
GSH C2   C  N N 152 
GSH O2   O  N N 153 
GSH CB2  C  N N 154 
GSH SG2  S  N N 155 
GSH N3   N  N N 156 
GSH CA3  C  N N 157 
GSH C3   C  N N 158 
GSH O31  O  N N 159 
GSH O32  O  N N 160 
GSH HN11 H  N N 161 
GSH HN12 H  N N 162 
GSH HA1  H  N N 163 
GSH H12  H  N N 164 
GSH HB12 H  N N 165 
GSH HB13 H  N N 166 
GSH HG12 H  N N 167 
GSH HG13 H  N N 168 
GSH HN2  H  N N 169 
GSH HA2  H  N N 170 
GSH HB22 H  N N 171 
GSH HB23 H  N N 172 
GSH HSG  H  N N 173 
GSH HN3  H  N N 174 
GSH HA31 H  N N 175 
GSH HA32 H  N N 176 
GSH H32  H  N N 177 
HIS N    N  N N 178 
HIS CA   C  N S 179 
HIS C    C  N N 180 
HIS O    O  N N 181 
HIS CB   C  N N 182 
HIS CG   C  Y N 183 
HIS ND1  N  Y N 184 
HIS CD2  C  Y N 185 
HIS CE1  C  Y N 186 
HIS NE2  N  Y N 187 
HIS OXT  O  N N 188 
HIS H    H  N N 189 
HIS H2   H  N N 190 
HIS HA   H  N N 191 
HIS HB2  H  N N 192 
HIS HB3  H  N N 193 
HIS HD1  H  N N 194 
HIS HD2  H  N N 195 
HIS HE1  H  N N 196 
HIS HE2  H  N N 197 
HIS HXT  H  N N 198 
HOH O    O  N N 199 
HOH H1   H  N N 200 
HOH H2   H  N N 201 
ILE N    N  N N 202 
ILE CA   C  N S 203 
ILE C    C  N N 204 
ILE O    O  N N 205 
ILE CB   C  N S 206 
ILE CG1  C  N N 207 
ILE CG2  C  N N 208 
ILE CD1  C  N N 209 
ILE OXT  O  N N 210 
ILE H    H  N N 211 
ILE H2   H  N N 212 
ILE HA   H  N N 213 
ILE HB   H  N N 214 
ILE HG12 H  N N 215 
ILE HG13 H  N N 216 
ILE HG21 H  N N 217 
ILE HG22 H  N N 218 
ILE HG23 H  N N 219 
ILE HD11 H  N N 220 
ILE HD12 H  N N 221 
ILE HD13 H  N N 222 
ILE HXT  H  N N 223 
LEU N    N  N N 224 
LEU CA   C  N S 225 
LEU C    C  N N 226 
LEU O    O  N N 227 
LEU CB   C  N N 228 
LEU CG   C  N N 229 
LEU CD1  C  N N 230 
LEU CD2  C  N N 231 
LEU OXT  O  N N 232 
LEU H    H  N N 233 
LEU H2   H  N N 234 
LEU HA   H  N N 235 
LEU HB2  H  N N 236 
LEU HB3  H  N N 237 
LEU HG   H  N N 238 
LEU HD11 H  N N 239 
LEU HD12 H  N N 240 
LEU HD13 H  N N 241 
LEU HD21 H  N N 242 
LEU HD22 H  N N 243 
LEU HD23 H  N N 244 
LEU HXT  H  N N 245 
LYS N    N  N N 246 
LYS CA   C  N S 247 
LYS C    C  N N 248 
LYS O    O  N N 249 
LYS CB   C  N N 250 
LYS CG   C  N N 251 
LYS CD   C  N N 252 
LYS CE   C  N N 253 
LYS NZ   N  N N 254 
LYS OXT  O  N N 255 
LYS H    H  N N 256 
LYS H2   H  N N 257 
LYS HA   H  N N 258 
LYS HB2  H  N N 259 
LYS HB3  H  N N 260 
LYS HG2  H  N N 261 
LYS HG3  H  N N 262 
LYS HD2  H  N N 263 
LYS HD3  H  N N 264 
LYS HE2  H  N N 265 
LYS HE3  H  N N 266 
LYS HZ1  H  N N 267 
LYS HZ2  H  N N 268 
LYS HZ3  H  N N 269 
LYS HXT  H  N N 270 
MET N    N  N N 271 
MET CA   C  N S 272 
MET C    C  N N 273 
MET O    O  N N 274 
MET CB   C  N N 275 
MET CG   C  N N 276 
MET SD   S  N N 277 
MET CE   C  N N 278 
MET OXT  O  N N 279 
MET H    H  N N 280 
MET H2   H  N N 281 
MET HA   H  N N 282 
MET HB2  H  N N 283 
MET HB3  H  N N 284 
MET HG2  H  N N 285 
MET HG3  H  N N 286 
MET HE1  H  N N 287 
MET HE2  H  N N 288 
MET HE3  H  N N 289 
MET HXT  H  N N 290 
PHE N    N  N N 291 
PHE CA   C  N S 292 
PHE C    C  N N 293 
PHE O    O  N N 294 
PHE CB   C  N N 295 
PHE CG   C  Y N 296 
PHE CD1  C  Y N 297 
PHE CD2  C  Y N 298 
PHE CE1  C  Y N 299 
PHE CE2  C  Y N 300 
PHE CZ   C  Y N 301 
PHE OXT  O  N N 302 
PHE H    H  N N 303 
PHE H2   H  N N 304 
PHE HA   H  N N 305 
PHE HB2  H  N N 306 
PHE HB3  H  N N 307 
PHE HD1  H  N N 308 
PHE HD2  H  N N 309 
PHE HE1  H  N N 310 
PHE HE2  H  N N 311 
PHE HZ   H  N N 312 
PHE HXT  H  N N 313 
PRO N    N  N N 314 
PRO CA   C  N S 315 
PRO C    C  N N 316 
PRO O    O  N N 317 
PRO CB   C  N N 318 
PRO CG   C  N N 319 
PRO CD   C  N N 320 
PRO OXT  O  N N 321 
PRO H    H  N N 322 
PRO HA   H  N N 323 
PRO HB2  H  N N 324 
PRO HB3  H  N N 325 
PRO HG2  H  N N 326 
PRO HG3  H  N N 327 
PRO HD2  H  N N 328 
PRO HD3  H  N N 329 
PRO HXT  H  N N 330 
SER N    N  N N 331 
SER CA   C  N S 332 
SER C    C  N N 333 
SER O    O  N N 334 
SER CB   C  N N 335 
SER OG   O  N N 336 
SER OXT  O  N N 337 
SER H    H  N N 338 
SER H2   H  N N 339 
SER HA   H  N N 340 
SER HB2  H  N N 341 
SER HB3  H  N N 342 
SER HG   H  N N 343 
SER HXT  H  N N 344 
THR N    N  N N 345 
THR CA   C  N S 346 
THR C    C  N N 347 
THR O    O  N N 348 
THR CB   C  N R 349 
THR OG1  O  N N 350 
THR CG2  C  N N 351 
THR OXT  O  N N 352 
THR H    H  N N 353 
THR H2   H  N N 354 
THR HA   H  N N 355 
THR HB   H  N N 356 
THR HG1  H  N N 357 
THR HG21 H  N N 358 
THR HG22 H  N N 359 
THR HG23 H  N N 360 
THR HXT  H  N N 361 
TRP N    N  N N 362 
TRP CA   C  N S 363 
TRP C    C  N N 364 
TRP O    O  N N 365 
TRP CB   C  N N 366 
TRP CG   C  Y N 367 
TRP CD1  C  Y N 368 
TRP CD2  C  Y N 369 
TRP NE1  N  Y N 370 
TRP CE2  C  Y N 371 
TRP CE3  C  Y N 372 
TRP CZ2  C  Y N 373 
TRP CZ3  C  Y N 374 
TRP CH2  C  Y N 375 
TRP OXT  O  N N 376 
TRP H    H  N N 377 
TRP H2   H  N N 378 
TRP HA   H  N N 379 
TRP HB2  H  N N 380 
TRP HB3  H  N N 381 
TRP HD1  H  N N 382 
TRP HE1  H  N N 383 
TRP HE3  H  N N 384 
TRP HZ2  H  N N 385 
TRP HZ3  H  N N 386 
TRP HH2  H  N N 387 
TRP HXT  H  N N 388 
TYR N    N  N N 389 
TYR CA   C  N S 390 
TYR C    C  N N 391 
TYR O    O  N N 392 
TYR CB   C  N N 393 
TYR CG   C  Y N 394 
TYR CD1  C  Y N 395 
TYR CD2  C  Y N 396 
TYR CE1  C  Y N 397 
TYR CE2  C  Y N 398 
TYR CZ   C  Y N 399 
TYR OH   O  N N 400 
TYR OXT  O  N N 401 
TYR H    H  N N 402 
TYR H2   H  N N 403 
TYR HA   H  N N 404 
TYR HB2  H  N N 405 
TYR HB3  H  N N 406 
TYR HD1  H  N N 407 
TYR HD2  H  N N 408 
TYR HE1  H  N N 409 
TYR HE2  H  N N 410 
TYR HH   H  N N 411 
TYR HXT  H  N N 412 
VAL N    N  N N 413 
VAL CA   C  N S 414 
VAL C    C  N N 415 
VAL O    O  N N 416 
VAL CB   C  N N 417 
VAL CG1  C  N N 418 
VAL CG2  C  N N 419 
VAL OXT  O  N N 420 
VAL H    H  N N 421 
VAL H2   H  N N 422 
VAL HA   H  N N 423 
VAL HB   H  N N 424 
VAL HG11 H  N N 425 
VAL HG12 H  N N 426 
VAL HG13 H  N N 427 
VAL HG21 H  N N 428 
VAL HG22 H  N N 429 
VAL HG23 H  N N 430 
VAL HXT  H  N N 431 
# 
loop_
_chem_comp_bond.comp_id 
_chem_comp_bond.atom_id_1 
_chem_comp_bond.atom_id_2 
_chem_comp_bond.value_order 
_chem_comp_bond.pdbx_aromatic_flag 
_chem_comp_bond.pdbx_stereo_config 
_chem_comp_bond.pdbx_ordinal 
ALA N   CA   sing N N 1   
ALA N   H    sing N N 2   
ALA N   H2   sing N N 3   
ALA CA  C    sing N N 4   
ALA CA  CB   sing N N 5   
ALA CA  HA   sing N N 6   
ALA C   O    doub N N 7   
ALA C   OXT  sing N N 8   
ALA CB  HB1  sing N N 9   
ALA CB  HB2  sing N N 10  
ALA CB  HB3  sing N N 11  
ALA OXT HXT  sing N N 12  
ARG N   CA   sing N N 13  
ARG N   H    sing N N 14  
ARG N   H2   sing N N 15  
ARG CA  C    sing N N 16  
ARG CA  CB   sing N N 17  
ARG CA  HA   sing N N 18  
ARG C   O    doub N N 19  
ARG C   OXT  sing N N 20  
ARG CB  CG   sing N N 21  
ARG CB  HB2  sing N N 22  
ARG CB  HB3  sing N N 23  
ARG CG  CD   sing N N 24  
ARG CG  HG2  sing N N 25  
ARG CG  HG3  sing N N 26  
ARG CD  NE   sing N N 27  
ARG CD  HD2  sing N N 28  
ARG CD  HD3  sing N N 29  
ARG NE  CZ   sing N N 30  
ARG NE  HE   sing N N 31  
ARG CZ  NH1  sing N N 32  
ARG CZ  NH2  doub N N 33  
ARG NH1 HH11 sing N N 34  
ARG NH1 HH12 sing N N 35  
ARG NH2 HH21 sing N N 36  
ARG NH2 HH22 sing N N 37  
ARG OXT HXT  sing N N 38  
ASN N   CA   sing N N 39  
ASN N   H    sing N N 40  
ASN N   H2   sing N N 41  
ASN CA  C    sing N N 42  
ASN CA  CB   sing N N 43  
ASN CA  HA   sing N N 44  
ASN C   O    doub N N 45  
ASN C   OXT  sing N N 46  
ASN CB  CG   sing N N 47  
ASN CB  HB2  sing N N 48  
ASN CB  HB3  sing N N 49  
ASN CG  OD1  doub N N 50  
ASN CG  ND2  sing N N 51  
ASN ND2 HD21 sing N N 52  
ASN ND2 HD22 sing N N 53  
ASN OXT HXT  sing N N 54  
ASP N   CA   sing N N 55  
ASP N   H    sing N N 56  
ASP N   H2   sing N N 57  
ASP CA  C    sing N N 58  
ASP CA  CB   sing N N 59  
ASP CA  HA   sing N N 60  
ASP C   O    doub N N 61  
ASP C   OXT  sing N N 62  
ASP CB  CG   sing N N 63  
ASP CB  HB2  sing N N 64  
ASP CB  HB3  sing N N 65  
ASP CG  OD1  doub N N 66  
ASP CG  OD2  sing N N 67  
ASP OD2 HD2  sing N N 68  
ASP OXT HXT  sing N N 69  
CYS N   CA   sing N N 70  
CYS N   H    sing N N 71  
CYS N   H2   sing N N 72  
CYS CA  C    sing N N 73  
CYS CA  CB   sing N N 74  
CYS CA  HA   sing N N 75  
CYS C   O    doub N N 76  
CYS C   OXT  sing N N 77  
CYS CB  SG   sing N N 78  
CYS CB  HB2  sing N N 79  
CYS CB  HB3  sing N N 80  
CYS SG  HG   sing N N 81  
CYS OXT HXT  sing N N 82  
FES FE1 S1   sing N N 83  
FES FE1 S2   sing N N 84  
FES FE2 S1   sing N N 85  
FES FE2 S2   sing N N 86  
GLN N   CA   sing N N 87  
GLN N   H    sing N N 88  
GLN N   H2   sing N N 89  
GLN CA  C    sing N N 90  
GLN CA  CB   sing N N 91  
GLN CA  HA   sing N N 92  
GLN C   O    doub N N 93  
GLN C   OXT  sing N N 94  
GLN CB  CG   sing N N 95  
GLN CB  HB2  sing N N 96  
GLN CB  HB3  sing N N 97  
GLN CG  CD   sing N N 98  
GLN CG  HG2  sing N N 99  
GLN CG  HG3  sing N N 100 
GLN CD  OE1  doub N N 101 
GLN CD  NE2  sing N N 102 
GLN NE2 HE21 sing N N 103 
GLN NE2 HE22 sing N N 104 
GLN OXT HXT  sing N N 105 
GLU N   CA   sing N N 106 
GLU N   H    sing N N 107 
GLU N   H2   sing N N 108 
GLU CA  C    sing N N 109 
GLU CA  CB   sing N N 110 
GLU CA  HA   sing N N 111 
GLU C   O    doub N N 112 
GLU C   OXT  sing N N 113 
GLU CB  CG   sing N N 114 
GLU CB  HB2  sing N N 115 
GLU CB  HB3  sing N N 116 
GLU CG  CD   sing N N 117 
GLU CG  HG2  sing N N 118 
GLU CG  HG3  sing N N 119 
GLU CD  OE1  doub N N 120 
GLU CD  OE2  sing N N 121 
GLU OE2 HE2  sing N N 122 
GLU OXT HXT  sing N N 123 
GLY N   CA   sing N N 124 
GLY N   H    sing N N 125 
GLY N   H2   sing N N 126 
GLY CA  C    sing N N 127 
GLY CA  HA2  sing N N 128 
GLY CA  HA3  sing N N 129 
GLY C   O    doub N N 130 
GLY C   OXT  sing N N 131 
GLY OXT HXT  sing N N 132 
GSH N1  CA1  sing N N 133 
GSH N1  HN11 sing N N 134 
GSH N1  HN12 sing N N 135 
GSH CA1 C1   sing N N 136 
GSH CA1 CB1  sing N N 137 
GSH CA1 HA1  sing N N 138 
GSH C1  O11  doub N N 139 
GSH C1  O12  sing N N 140 
GSH O12 H12  sing N N 141 
GSH CB1 CG1  sing N N 142 
GSH CB1 HB12 sing N N 143 
GSH CB1 HB13 sing N N 144 
GSH CG1 CD1  sing N N 145 
GSH CG1 HG12 sing N N 146 
GSH CG1 HG13 sing N N 147 
GSH CD1 OE1  doub N N 148 
GSH CD1 N2   sing N N 149 
GSH N2  CA2  sing N N 150 
GSH N2  HN2  sing N N 151 
GSH CA2 C2   sing N N 152 
GSH CA2 CB2  sing N N 153 
GSH CA2 HA2  sing N N 154 
GSH C2  O2   doub N N 155 
GSH C2  N3   sing N N 156 
GSH CB2 SG2  sing N N 157 
GSH CB2 HB22 sing N N 158 
GSH CB2 HB23 sing N N 159 
GSH SG2 HSG  sing N N 160 
GSH N3  CA3  sing N N 161 
GSH N3  HN3  sing N N 162 
GSH CA3 C3   sing N N 163 
GSH CA3 HA31 sing N N 164 
GSH CA3 HA32 sing N N 165 
GSH C3  O31  doub N N 166 
GSH C3  O32  sing N N 167 
GSH O32 H32  sing N N 168 
HIS N   CA   sing N N 169 
HIS N   H    sing N N 170 
HIS N   H2   sing N N 171 
HIS CA  C    sing N N 172 
HIS CA  CB   sing N N 173 
HIS CA  HA   sing N N 174 
HIS C   O    doub N N 175 
HIS C   OXT  sing N N 176 
HIS CB  CG   sing N N 177 
HIS CB  HB2  sing N N 178 
HIS CB  HB3  sing N N 179 
HIS CG  ND1  sing Y N 180 
HIS CG  CD2  doub Y N 181 
HIS ND1 CE1  doub Y N 182 
HIS ND1 HD1  sing N N 183 
HIS CD2 NE2  sing Y N 184 
HIS CD2 HD2  sing N N 185 
HIS CE1 NE2  sing Y N 186 
HIS CE1 HE1  sing N N 187 
HIS NE2 HE2  sing N N 188 
HIS OXT HXT  sing N N 189 
HOH O   H1   sing N N 190 
HOH O   H2   sing N N 191 
ILE N   CA   sing N N 192 
ILE N   H    sing N N 193 
ILE N   H2   sing N N 194 
ILE CA  C    sing N N 195 
ILE CA  CB   sing N N 196 
ILE CA  HA   sing N N 197 
ILE C   O    doub N N 198 
ILE C   OXT  sing N N 199 
ILE CB  CG1  sing N N 200 
ILE CB  CG2  sing N N 201 
ILE CB  HB   sing N N 202 
ILE CG1 CD1  sing N N 203 
ILE CG1 HG12 sing N N 204 
ILE CG1 HG13 sing N N 205 
ILE CG2 HG21 sing N N 206 
ILE CG2 HG22 sing N N 207 
ILE CG2 HG23 sing N N 208 
ILE CD1 HD11 sing N N 209 
ILE CD1 HD12 sing N N 210 
ILE CD1 HD13 sing N N 211 
ILE OXT HXT  sing N N 212 
LEU N   CA   sing N N 213 
LEU N   H    sing N N 214 
LEU N   H2   sing N N 215 
LEU CA  C    sing N N 216 
LEU CA  CB   sing N N 217 
LEU CA  HA   sing N N 218 
LEU C   O    doub N N 219 
LEU C   OXT  sing N N 220 
LEU CB  CG   sing N N 221 
LEU CB  HB2  sing N N 222 
LEU CB  HB3  sing N N 223 
LEU CG  CD1  sing N N 224 
LEU CG  CD2  sing N N 225 
LEU CG  HG   sing N N 226 
LEU CD1 HD11 sing N N 227 
LEU CD1 HD12 sing N N 228 
LEU CD1 HD13 sing N N 229 
LEU CD2 HD21 sing N N 230 
LEU CD2 HD22 sing N N 231 
LEU CD2 HD23 sing N N 232 
LEU OXT HXT  sing N N 233 
LYS N   CA   sing N N 234 
LYS N   H    sing N N 235 
LYS N   H2   sing N N 236 
LYS CA  C    sing N N 237 
LYS CA  CB   sing N N 238 
LYS CA  HA   sing N N 239 
LYS C   O    doub N N 240 
LYS C   OXT  sing N N 241 
LYS CB  CG   sing N N 242 
LYS CB  HB2  sing N N 243 
LYS CB  HB3  sing N N 244 
LYS CG  CD   sing N N 245 
LYS CG  HG2  sing N N 246 
LYS CG  HG3  sing N N 247 
LYS CD  CE   sing N N 248 
LYS CD  HD2  sing N N 249 
LYS CD  HD3  sing N N 250 
LYS CE  NZ   sing N N 251 
LYS CE  HE2  sing N N 252 
LYS CE  HE3  sing N N 253 
LYS NZ  HZ1  sing N N 254 
LYS NZ  HZ2  sing N N 255 
LYS NZ  HZ3  sing N N 256 
LYS OXT HXT  sing N N 257 
MET N   CA   sing N N 258 
MET N   H    sing N N 259 
MET N   H2   sing N N 260 
MET CA  C    sing N N 261 
MET CA  CB   sing N N 262 
MET CA  HA   sing N N 263 
MET C   O    doub N N 264 
MET C   OXT  sing N N 265 
MET CB  CG   sing N N 266 
MET CB  HB2  sing N N 267 
MET CB  HB3  sing N N 268 
MET CG  SD   sing N N 269 
MET CG  HG2  sing N N 270 
MET CG  HG3  sing N N 271 
MET SD  CE   sing N N 272 
MET CE  HE1  sing N N 273 
MET CE  HE2  sing N N 274 
MET CE  HE3  sing N N 275 
MET OXT HXT  sing N N 276 
PHE N   CA   sing N N 277 
PHE N   H    sing N N 278 
PHE N   H2   sing N N 279 
PHE CA  C    sing N N 280 
PHE CA  CB   sing N N 281 
PHE CA  HA   sing N N 282 
PHE C   O    doub N N 283 
PHE C   OXT  sing N N 284 
PHE CB  CG   sing N N 285 
PHE CB  HB2  sing N N 286 
PHE CB  HB3  sing N N 287 
PHE CG  CD1  doub Y N 288 
PHE CG  CD2  sing Y N 289 
PHE CD1 CE1  sing Y N 290 
PHE CD1 HD1  sing N N 291 
PHE CD2 CE2  doub Y N 292 
PHE CD2 HD2  sing N N 293 
PHE CE1 CZ   doub Y N 294 
PHE CE1 HE1  sing N N 295 
PHE CE2 CZ   sing Y N 296 
PHE CE2 HE2  sing N N 297 
PHE CZ  HZ   sing N N 298 
PHE OXT HXT  sing N N 299 
PRO N   CA   sing N N 300 
PRO N   CD   sing N N 301 
PRO N   H    sing N N 302 
PRO CA  C    sing N N 303 
PRO CA  CB   sing N N 304 
PRO CA  HA   sing N N 305 
PRO C   O    doub N N 306 
PRO C   OXT  sing N N 307 
PRO CB  CG   sing N N 308 
PRO CB  HB2  sing N N 309 
PRO CB  HB3  sing N N 310 
PRO CG  CD   sing N N 311 
PRO CG  HG2  sing N N 312 
PRO CG  HG3  sing N N 313 
PRO CD  HD2  sing N N 314 
PRO CD  HD3  sing N N 315 
PRO OXT HXT  sing N N 316 
SER N   CA   sing N N 317 
SER N   H    sing N N 318 
SER N   H2   sing N N 319 
SER CA  C    sing N N 320 
SER CA  CB   sing N N 321 
SER CA  HA   sing N N 322 
SER C   O    doub N N 323 
SER C   OXT  sing N N 324 
SER CB  OG   sing N N 325 
SER CB  HB2  sing N N 326 
SER CB  HB3  sing N N 327 
SER OG  HG   sing N N 328 
SER OXT HXT  sing N N 329 
THR N   CA   sing N N 330 
THR N   H    sing N N 331 
THR N   H2   sing N N 332 
THR CA  C    sing N N 333 
THR CA  CB   sing N N 334 
THR CA  HA   sing N N 335 
THR C   O    doub N N 336 
THR C   OXT  sing N N 337 
THR CB  OG1  sing N N 338 
THR CB  CG2  sing N N 339 
THR CB  HB   sing N N 340 
THR OG1 HG1  sing N N 341 
THR CG2 HG21 sing N N 342 
THR CG2 HG22 sing N N 343 
THR CG2 HG23 sing N N 344 
THR OXT HXT  sing N N 345 
TRP N   CA   sing N N 346 
TRP N   H    sing N N 347 
TRP N   H2   sing N N 348 
TRP CA  C    sing N N 349 
TRP CA  CB   sing N N 350 
TRP CA  HA   sing N N 351 
TRP C   O    doub N N 352 
TRP C   OXT  sing N N 353 
TRP CB  CG   sing N N 354 
TRP CB  HB2  sing N N 355 
TRP CB  HB3  sing N N 356 
TRP CG  CD1  doub Y N 357 
TRP CG  CD2  sing Y N 358 
TRP CD1 NE1  sing Y N 359 
TRP CD1 HD1  sing N N 360 
TRP CD2 CE2  doub Y N 361 
TRP CD2 CE3  sing Y N 362 
TRP NE1 CE2  sing Y N 363 
TRP NE1 HE1  sing N N 364 
TRP CE2 CZ2  sing Y N 365 
TRP CE3 CZ3  doub Y N 366 
TRP CE3 HE3  sing N N 367 
TRP CZ2 CH2  doub Y N 368 
TRP CZ2 HZ2  sing N N 369 
TRP CZ3 CH2  sing Y N 370 
TRP CZ3 HZ3  sing N N 371 
TRP CH2 HH2  sing N N 372 
TRP OXT HXT  sing N N 373 
TYR N   CA   sing N N 374 
TYR N   H    sing N N 375 
TYR N   H2   sing N N 376 
TYR CA  C    sing N N 377 
TYR CA  CB   sing N N 378 
TYR CA  HA   sing N N 379 
TYR C   O    doub N N 380 
TYR C   OXT  sing N N 381 
TYR CB  CG   sing N N 382 
TYR CB  HB2  sing N N 383 
TYR CB  HB3  sing N N 384 
TYR CG  CD1  doub Y N 385 
TYR CG  CD2  sing Y N 386 
TYR CD1 CE1  sing Y N 387 
TYR CD1 HD1  sing N N 388 
TYR CD2 CE2  doub Y N 389 
TYR CD2 HD2  sing N N 390 
TYR CE1 CZ   doub Y N 391 
TYR CE1 HE1  sing N N 392 
TYR CE2 CZ   sing Y N 393 
TYR CE2 HE2  sing N N 394 
TYR CZ  OH   sing N N 395 
TYR OH  HH   sing N N 396 
TYR OXT HXT  sing N N 397 
VAL N   CA   sing N N 398 
VAL N   H    sing N N 399 
VAL N   H2   sing N N 400 
VAL CA  C    sing N N 401 
VAL CA  CB   sing N N 402 
VAL CA  HA   sing N N 403 
VAL C   O    doub N N 404 
VAL C   OXT  sing N N 405 
VAL CB  CG1  sing N N 406 
VAL CB  CG2  sing N N 407 
VAL CB  HB   sing N N 408 
VAL CG1 HG11 sing N N 409 
VAL CG1 HG12 sing N N 410 
VAL CG1 HG13 sing N N 411 
VAL CG2 HG21 sing N N 412 
VAL CG2 HG22 sing N N 413 
VAL CG2 HG23 sing N N 414 
VAL OXT HXT  sing N N 415 
# 
_atom_sites.entry_id                    3RHC 
_atom_sites.fract_transf_matrix[1][1]   0.00534525 
_atom_sites.fract_transf_matrix[1][2]   -0.00314608 
_atom_sites.fract_transf_matrix[1][3]   -0.00826517 
_atom_sites.fract_transf_matrix[2][1]   -0.00454338 
_atom_sites.fract_transf_matrix[2][2]   -0.00592575 
_atom_sites.fract_transf_matrix[2][3]   -0.00714241 
_atom_sites.fract_transf_matrix[3][1]   -0.00490203 
_atom_sites.fract_transf_matrix[3][2]   0.01400514 
_atom_sites.fract_transf_matrix[3][3]   -0.00850120 
_atom_sites.fract_transf_vector[1]      -0.197398 
_atom_sites.fract_transf_vector[2]      -0.079018 
_atom_sites.fract_transf_vector[3]      -0.096708 
# 
loop_
_atom_type.symbol 
C  
FE 
N  
O  
S  
# 
loop_
_atom_site.group_PDB 
_atom_site.id 
_atom_site.type_symbol 
_atom_site.label_atom_id 
_atom_site.label_alt_id 
_atom_site.label_comp_id 
_atom_site.label_asym_id 
_atom_site.label_entity_id 
_atom_site.label_seq_id 
_atom_site.pdbx_PDB_ins_code 
_atom_site.Cartn_x 
_atom_site.Cartn_y 
_atom_site.Cartn_z 
_atom_site.occupancy 
_atom_site.B_iso_or_equiv 
_atom_site.pdbx_formal_charge 
_atom_site.auth_seq_id 
_atom_site.auth_comp_id 
_atom_site.auth_asym_id 
_atom_site.auth_atom_id 
_atom_site.pdbx_PDB_model_num 
ATOM   1    N  N   . SER A 1 3   ? 25.699  -20.652 1.626   1.00 44.45  ? 3   SER A N   1 
ATOM   2    C  CA  . SER A 1 3   ? 25.494  -19.396 0.792   1.00 44.70  ? 3   SER A CA  1 
ATOM   3    C  C   . SER A 1 3   ? 24.783  -18.300 1.541   1.00 44.75  ? 3   SER A C   1 
ATOM   4    O  O   . SER A 1 3   ? 24.001  -18.558 2.485   1.00 47.28  ? 3   SER A O   1 
ATOM   5    C  CB  . SER A 1 3   ? 24.729  -19.721 -0.498  1.00 43.63  ? 3   SER A CB  1 
ATOM   6    O  OG  . SER A 1 3   ? 23.348  -19.832 -0.176  1.00 46.87  ? 3   SER A OG  1 
ATOM   7    N  N   . PHE A 1 4   ? 24.989  -17.054 1.102   1.00 43.77  ? 4   PHE A N   1 
ATOM   8    C  CA  . PHE A 1 4   ? 24.192  -15.926 1.588   1.00 41.71  ? 4   PHE A CA  1 
ATOM   9    C  C   . PHE A 1 4   ? 22.658  -16.155 1.530   1.00 41.61  ? 4   PHE A C   1 
ATOM   10   O  O   . PHE A 1 4   ? 21.933  -15.786 2.468   1.00 40.81  ? 4   PHE A O   1 
ATOM   11   C  CB  . PHE A 1 4   ? 24.595  -14.719 0.773   1.00 42.01  ? 4   PHE A CB  1 
ATOM   12   C  CG  . PHE A 1 4   ? 23.953  -13.433 1.184   1.00 41.42  ? 4   PHE A CG  1 
ATOM   13   C  CD1 . PHE A 1 4   ? 24.645  -12.537 1.973   1.00 39.60  ? 4   PHE A CD1 1 
ATOM   14   C  CD2 . PHE A 1 4   ? 22.693  -13.054 0.646   1.00 39.07  ? 4   PHE A CD2 1 
ATOM   15   C  CE1 . PHE A 1 4   ? 24.082  -11.316 2.302   1.00 41.18  ? 4   PHE A CE1 1 
ATOM   16   C  CE2 . PHE A 1 4   ? 22.109  -11.814 0.984   1.00 39.78  ? 4   PHE A CE2 1 
ATOM   17   C  CZ  . PHE A 1 4   ? 22.797  -10.939 1.796   1.00 39.62  ? 4   PHE A CZ  1 
ATOM   18   N  N   . GLY A 1 5   ? 22.158  -16.710 0.447   1.00 40.10  ? 5   GLY A N   1 
ATOM   19   C  CA  . GLY A 1 5   ? 20.706  -16.902 0.374   1.00 43.49  ? 5   GLY A CA  1 
ATOM   20   C  C   . GLY A 1 5   ? 20.153  -17.924 1.362   1.00 45.07  ? 5   GLY A C   1 
ATOM   21   O  O   . GLY A 1 5   ? 19.091  -17.715 1.962   1.00 45.73  ? 5   GLY A O   1 
ATOM   22   N  N   . SER A 1 6   ? 20.873  -19.034 1.526   1.00 46.26  ? 6   SER A N   1 
ATOM   23   C  CA  . SER A 1 6   ? 20.673  -19.952 2.667   1.00 47.77  ? 6   SER A CA  1 
ATOM   24   C  C   . SER A 1 6   ? 20.710  -19.299 4.022   1.00 46.77  ? 6   SER A C   1 
ATOM   25   O  O   . SER A 1 6   ? 19.825  -19.555 4.836   1.00 46.41  ? 6   SER A O   1 
ATOM   26   C  CB  . SER A 1 6   ? 21.733  -21.091 2.666   1.00 48.59  ? 6   SER A CB  1 
ATOM   27   O  OG  . SER A 1 6   ? 21.278  -22.078 1.755   1.00 53.59  ? 6   SER A OG  1 
ATOM   28   N  N   . ARG A 1 7   ? 21.735  -18.498 4.289   1.00 46.68  ? 7   ARG A N   1 
ATOM   29   C  CA  . ARG A 1 7   ? 21.836  -17.873 5.594   1.00 48.00  ? 7   ARG A CA  1 
ATOM   30   C  C   . ARG A 1 7   ? 20.656  -16.963 5.776   1.00 48.64  ? 7   ARG A C   1 
ATOM   31   O  O   . ARG A 1 7   ? 19.967  -17.081 6.800   1.00 50.55  ? 7   ARG A O   1 
ATOM   32   C  CB  . ARG A 1 7   ? 23.158  -17.147 5.773   1.00 47.89  ? 7   ARG A CB  1 
ATOM   33   C  CG  . ARG A 1 7   ? 24.320  -18.223 5.753   1.00 54.57  ? 7   ARG A CG  1 
ATOM   34   C  CD  . ARG A 1 7   ? 25.718  -17.667 6.111   1.00 62.48  ? 7   ARG A CD  1 
ATOM   35   N  NE  . ARG A 1 7   ? 26.452  -17.205 4.925   1.00 67.89  ? 7   ARG A NE  1 
ATOM   36   C  CZ  . ARG A 1 7   ? 26.644  -15.919 4.628   1.00 71.16  ? 7   ARG A CZ  1 
ATOM   37   N  NH1 . ARG A 1 7   ? 26.170  -14.962 5.435   1.00 72.36  ? 7   ARG A NH1 1 
ATOM   38   N  NH2 . ARG A 1 7   ? 27.314  -15.585 3.522   1.00 72.66  ? 7   ARG A NH2 1 
ATOM   39   N  N   . MET A 1 8   ? 20.332  -16.146 4.765   1.00 47.03  ? 8   MET A N   1 
ATOM   40   C  CA  . MET A 1 8   ? 19.201  -15.260 4.886   1.00 46.60  ? 8   MET A CA  1 
ATOM   41   C  C   . MET A 1 8   ? 17.936  -16.103 5.119   1.00 46.58  ? 8   MET A C   1 
ATOM   42   O  O   . MET A 1 8   ? 17.125  -15.779 5.976   1.00 45.50  ? 8   MET A O   1 
ATOM   43   C  CB  . MET A 1 8   ? 19.103  -14.365 3.630   1.00 47.39  ? 8   MET A CB  1 
ATOM   44   C  CG  . MET A 1 8   ? 17.869  -13.455 3.533   1.00 50.21  ? 8   MET A CG  1 
ATOM   45   S  SD  . MET A 1 8   ? 18.151  -12.125 2.318   1.00 52.46  ? 8   MET A SD  1 
ATOM   46   C  CE  . MET A 1 8   ? 19.193  -11.034 3.283   1.00 44.24  ? 8   MET A CE  1 
ATOM   47   N  N   . GLU A 1 9   ? 17.764  -17.188 4.375   1.00 46.44  ? 9   GLU A N   1 
ATOM   48   C  CA  . GLU A 1 9   ? 16.594  -18.020 4.590   1.00 48.98  ? 9   GLU A CA  1 
ATOM   49   C  C   . GLU A 1 9   ? 16.543  -18.535 6.068   1.00 50.56  ? 9   GLU A C   1 
ATOM   50   O  O   . GLU A 1 9   ? 15.436  -18.583 6.721   1.00 49.15  ? 9   GLU A O   1 
ATOM   51   C  CB  . GLU A 1 9   ? 16.526  -19.145 3.560   1.00 48.02  ? 9   GLU A CB  1 
ATOM   52   C  CG  . GLU A 1 9   ? 15.133  -19.787 3.484   1.00 53.87  ? 9   GLU A CG  1 
ATOM   53   C  CD  . GLU A 1 9   ? 14.929  -20.770 2.307   1.00 61.10  ? 9   GLU A CD  1 
ATOM   54   O  OE1 . GLU A 1 9   ? 15.599  -20.650 1.259   1.00 66.19  ? 9   GLU A OE1 1 
ATOM   55   O  OE2 . GLU A 1 9   ? 14.080  -21.683 2.406   1.00 66.35  ? 9   GLU A OE2 1 
ATOM   56   N  N   . GLU A 1 10  ? 17.744  -18.806 6.614   1.00 51.15  ? 10  GLU A N   1 
ATOM   57   C  CA  . GLU A 1 10  ? 17.879  -19.316 8.000   1.00 52.30  ? 10  GLU A CA  1 
ATOM   58   C  C   . GLU A 1 10  ? 17.638  -18.201 8.970   1.00 51.55  ? 10  GLU A C   1 
ATOM   59   O  O   . GLU A 1 10  ? 16.971  -18.453 9.939   1.00 51.73  ? 10  GLU A O   1 
ATOM   60   C  CB  . GLU A 1 10  ? 19.217  -20.113 8.262   1.00 52.92  ? 10  GLU A CB  1 
ATOM   61   C  CG  . GLU A 1 10  ? 20.136  -19.480 9.389   1.00 59.45  ? 10  GLU A CG  1 
ATOM   62   C  CD  . GLU A 1 10  ? 21.626  -19.193 9.026   1.00 63.98  ? 10  GLU A CD  1 
ATOM   63   O  OE1 . GLU A 1 10  ? 21.998  -17.996 9.179   1.00 63.70  ? 10  GLU A OE1 1 
ATOM   64   O  OE2 . GLU A 1 10  ? 22.419  -20.126 8.672   1.00 63.45  ? 10  GLU A OE2 1 
ATOM   65   N  N   . SER A 1 11  ? 18.111  -16.964 8.739   1.00 51.28  ? 11  SER A N   1 
ATOM   66   C  CA  . SER A 1 11  ? 17.717  -15.877 9.667   1.00 51.78  ? 11  SER A CA  1 
ATOM   67   C  C   . SER A 1 11  ? 16.196  -15.729 9.807   1.00 51.40  ? 11  SER A C   1 
ATOM   68   O  O   . SER A 1 11  ? 15.669  -15.415 10.885  1.00 51.70  ? 11  SER A O   1 
ATOM   69   C  CB  . SER A 1 11  ? 18.229  -14.522 9.242   1.00 52.27  ? 11  SER A CB  1 
ATOM   70   O  OG  . SER A 1 11  ? 19.588  -14.582 8.915   1.00 57.58  ? 11  SER A OG  1 
ATOM   71   N  N   . ILE A 1 12  ? 15.477  -15.932 8.722   1.00 50.12  ? 12  ILE A N   1 
ATOM   72   C  CA  . ILE A 1 12  ? 14.037  -15.666 8.785   1.00 49.56  ? 12  ILE A CA  1 
ATOM   73   C  C   . ILE A 1 12  ? 13.316  -16.746 9.625   1.00 49.27  ? 12  ILE A C   1 
ATOM   74   O  O   . ILE A 1 12  ? 12.488  -16.422 10.485  1.00 46.69  ? 12  ILE A O   1 
ATOM   75   C  CB  . ILE A 1 12  ? 13.394  -15.557 7.368   1.00 47.63  ? 12  ILE A CB  1 
ATOM   76   C  CG1 . ILE A 1 12  ? 13.916  -14.326 6.628   1.00 48.04  ? 12  ILE A CG1 1 
ATOM   77   C  CG2 . ILE A 1 12  ? 11.914  -15.487 7.470   1.00 47.12  ? 12  ILE A CG2 1 
ATOM   78   C  CD1 . ILE A 1 12  ? 13.740  -14.490 5.112   1.00 40.95  ? 12  ILE A CD1 1 
ATOM   79   N  N   . ARG A 1 13  ? 13.586  -18.010 9.295   1.00 50.13  ? 13  ARG A N   1 
ATOM   80   C  CA  . ARG A 1 13  ? 13.105  -19.152 10.087  1.00 52.27  ? 13  ARG A CA  1 
ATOM   81   C  C   . ARG A 1 13  ? 13.367  -18.956 11.607  1.00 53.66  ? 13  ARG A C   1 
ATOM   82   O  O   . ARG A 1 13  ? 12.446  -19.158 12.414  1.00 53.78  ? 13  ARG A O   1 
ATOM   83   C  CB  . ARG A 1 13  ? 13.756  -20.409 9.604   1.00 51.01  ? 13  ARG A CB  1 
ATOM   84   C  CG  . ARG A 1 13  ? 13.294  -20.841 8.251   1.00 52.86  ? 13  ARG A CG  1 
ATOM   85   C  CD  . ARG A 1 13  ? 13.732  -22.240 8.112   1.00 55.84  ? 13  ARG A CD  1 
ATOM   86   N  NE  . ARG A 1 13  ? 14.203  -22.518 6.773   1.00 59.45  ? 13  ARG A NE  1 
ATOM   87   C  CZ  . ARG A 1 13  ? 13.508  -23.237 5.884   1.00 63.01  ? 13  ARG A CZ  1 
ATOM   88   N  NH1 . ARG A 1 13  ? 12.294  -23.734 6.217   1.00 59.59  ? 13  ARG A NH1 1 
ATOM   89   N  NH2 . ARG A 1 13  ? 14.025  -23.451 4.661   1.00 62.99  ? 13  ARG A NH2 1 
ATOM   90   N  N   . LYS A 1 14  ? 14.576  -18.472 11.958  1.00 54.37  ? 14  LYS A N   1 
ATOM   91   C  CA  . LYS A 1 14  ? 14.935  -18.099 13.313  1.00 56.30  ? 14  LYS A CA  1 
ATOM   92   C  C   . LYS A 1 14  ? 14.098  -16.949 13.896  1.00 56.58  ? 14  LYS A C   1 
ATOM   93   O  O   . LYS A 1 14  ? 13.481  -17.115 14.952  1.00 58.17  ? 14  LYS A O   1 
ATOM   94   C  CB  . LYS A 1 14  ? 16.476  -17.869 13.452  1.00 57.47  ? 14  LYS A CB  1 
ATOM   95   C  CG  . LYS A 1 14  ? 16.972  -17.222 14.734  1.00 59.04  ? 14  LYS A CG  1 
ATOM   96   C  CD  . LYS A 1 14  ? 18.114  -18.016 15.406  1.00 65.51  ? 14  LYS A CD  1 
ATOM   97   C  CE  . LYS A 1 14  ? 18.241  -17.679 16.967  1.00 68.28  ? 14  LYS A CE  1 
ATOM   98   N  NZ  . LYS A 1 14  ? 16.953  -17.712 17.874  1.00 65.90  ? 14  LYS A NZ  1 
ATOM   99   N  N   . THR A 1 15  ? 14.072  -15.792 13.245  1.00 56.69  ? 15  THR A N   1 
ATOM   100  C  CA  . THR A 1 15  ? 13.251  -14.628 13.682  1.00 54.65  ? 15  THR A CA  1 
ATOM   101  C  C   . THR A 1 15  ? 11.793  -14.993 13.946  1.00 54.95  ? 15  THR A C   1 
ATOM   102  O  O   . THR A 1 15  ? 11.199  -14.529 14.928  1.00 55.66  ? 15  THR A O   1 
ATOM   103  C  CB  . THR A 1 15  ? 13.375  -13.504 12.658  1.00 54.45  ? 15  THR A CB  1 
ATOM   104  O  OG1 . THR A 1 15  ? 14.762  -13.142 12.538  1.00 54.36  ? 15  THR A OG1 1 
ATOM   105  C  CG2 . THR A 1 15  ? 12.487  -12.243 13.005  1.00 52.92  ? 15  THR A CG2 1 
ATOM   106  N  N   . VAL A 1 16  ? 11.245  -15.856 13.092  1.00 55.24  ? 16  VAL A N   1 
ATOM   107  C  CA  . VAL A 1 16  ? 9.840   -16.294 13.091  1.00 55.57  ? 16  VAL A CA  1 
ATOM   108  C  C   . VAL A 1 16  ? 9.486   -17.318 14.240  1.00 57.72  ? 16  VAL A C   1 
ATOM   109  O  O   . VAL A 1 16  ? 8.360   -17.294 14.812  1.00 56.81  ? 16  VAL A O   1 
ATOM   110  C  CB  . VAL A 1 16  ? 9.489   -16.779 11.648  1.00 54.92  ? 16  VAL A CB  1 
ATOM   111  C  CG1 . VAL A 1 16  ? 8.570   -17.943 11.609  1.00 53.64  ? 16  VAL A CG1 1 
ATOM   112  C  CG2 . VAL A 1 16  ? 8.963   -15.622 10.815  1.00 52.91  ? 16  VAL A CG2 1 
ATOM   113  N  N   . THR A 1 17  ? 10.447  -18.197 14.568  1.00 59.45  ? 17  THR A N   1 
ATOM   114  C  CA  . THR A 1 17  ? 10.329  -19.119 15.726  1.00 60.89  ? 17  THR A CA  1 
ATOM   115  C  C   . THR A 1 17  ? 10.568  -18.387 17.071  1.00 61.96  ? 17  THR A C   1 
ATOM   116  O  O   . THR A 1 17  ? 9.857   -18.648 18.031  1.00 61.94  ? 17  THR A O   1 
ATOM   117  C  CB  . THR A 1 17  ? 11.265  -20.333 15.599  1.00 61.12  ? 17  THR A CB  1 
ATOM   118  O  OG1 . THR A 1 17  ? 12.634  -19.882 15.523  1.00 62.50  ? 17  THR A OG1 1 
ATOM   119  C  CG2 . THR A 1 17  ? 10.923  -21.170 14.351  1.00 60.50  ? 17  THR A CG2 1 
ATOM   120  N  N   . GLU A 1 18  ? 11.518  -17.448 17.109  1.00 62.71  ? 18  GLU A N   1 
ATOM   121  C  CA  . GLU A 1 18  ? 11.826  -16.645 18.296  1.00 64.54  ? 18  GLU A CA  1 
ATOM   122  C  C   . GLU A 1 18  ? 10.816  -15.553 18.771  1.00 63.96  ? 18  GLU A C   1 
ATOM   123  O  O   . GLU A 1 18  ? 10.804  -15.214 19.965  1.00 65.51  ? 18  GLU A O   1 
ATOM   124  C  CB  . GLU A 1 18  ? 13.250  -16.046 18.140  1.00 66.08  ? 18  GLU A CB  1 
ATOM   125  C  CG  . GLU A 1 18  ? 13.771  -15.033 19.244  1.00 72.97  ? 18  GLU A CG  1 
ATOM   126  C  CD  . GLU A 1 18  ? 14.121  -15.659 20.683  1.00 81.65  ? 18  GLU A CD  1 
ATOM   127  O  OE1 . GLU A 1 18  ? 13.462  -16.646 21.161  1.00 84.56  ? 18  GLU A OE1 1 
ATOM   128  O  OE2 . GLU A 1 18  ? 15.051  -15.119 21.355  1.00 81.37  ? 18  GLU A OE2 1 
ATOM   129  N  N   . ASN A 1 19  ? 9.992   -14.975 17.887  1.00 62.76  ? 19  ASN A N   1 
ATOM   130  C  CA  . ASN A 1 19  ? 9.110   -13.830 18.274  1.00 59.78  ? 19  ASN A CA  1 
ATOM   131  C  C   . ASN A 1 19  ? 7.633   -14.144 18.104  1.00 60.00  ? 19  ASN A C   1 
ATOM   132  O  O   . ASN A 1 19  ? 7.222   -14.964 17.263  1.00 60.43  ? 19  ASN A O   1 
ATOM   133  C  CB  . ASN A 1 19  ? 9.425   -12.534 17.524  1.00 58.61  ? 19  ASN A CB  1 
ATOM   134  C  CG  . ASN A 1 19  ? 10.920  -12.137 17.551  1.00 56.49  ? 19  ASN A CG  1 
ATOM   135  O  OD1 . ASN A 1 19  ? 11.289  -11.192 18.213  1.00 52.10  ? 19  ASN A OD1 1 
ATOM   136  N  ND2 . ASN A 1 19  ? 11.746  -12.810 16.745  1.00 51.25  ? 19  ASN A ND2 1 
ATOM   137  N  N   . THR A 1 20  ? 6.813   -13.504 18.915  1.00 59.04  ? 20  THR A N   1 
ATOM   138  C  CA  . THR A 1 20  ? 5.401   -13.809 18.867  1.00 59.06  ? 20  THR A CA  1 
ATOM   139  C  C   . THR A 1 20  ? 4.827   -13.406 17.477  1.00 57.23  ? 20  THR A C   1 
ATOM   140  O  O   . THR A 1 20  ? 4.239   -14.237 16.761  1.00 57.27  ? 20  THR A O   1 
ATOM   141  C  CB  . THR A 1 20  ? 4.669   -13.109 20.061  1.00 59.65  ? 20  THR A CB  1 
ATOM   142  O  OG1 . THR A 1 20  ? 5.533   -13.156 21.208  1.00 64.97  ? 20  THR A OG1 1 
ATOM   143  C  CG2 . THR A 1 20  ? 3.317   -13.770 20.377  1.00 57.83  ? 20  THR A CG2 1 
ATOM   144  N  N   . VAL A 1 21  ? 5.011   -12.134 17.134  1.00 54.31  ? 21  VAL A N   1 
ATOM   145  C  CA  . VAL A 1 21  ? 4.597   -11.590 15.876  1.00 51.60  ? 21  VAL A CA  1 
ATOM   146  C  C   . VAL A 1 21  ? 5.776   -10.944 15.197  1.00 49.22  ? 21  VAL A C   1 
ATOM   147  O  O   . VAL A 1 21  ? 6.524   -10.135 15.787  1.00 46.69  ? 21  VAL A O   1 
ATOM   148  C  CB  . VAL A 1 21  ? 3.487   -10.546 16.017  1.00 53.16  ? 21  VAL A CB  1 
ATOM   149  C  CG1 . VAL A 1 21  ? 2.960   -10.212 14.642  1.00 53.10  ? 21  VAL A CG1 1 
ATOM   150  C  CG2 . VAL A 1 21  ? 2.329   -11.077 16.888  1.00 51.54  ? 21  VAL A CG2 1 
ATOM   151  N  N   . VAL A 1 22  ? 5.943   -11.358 13.945  1.00 47.11  ? 22  VAL A N   1 
ATOM   152  C  CA  . VAL A 1 22  ? 6.895   -10.723 13.024  1.00 45.21  ? 22  VAL A CA  1 
ATOM   153  C  C   . VAL A 1 22  ? 6.171   -10.215 11.754  1.00 42.87  ? 22  VAL A C   1 
ATOM   154  O  O   . VAL A 1 22  ? 5.354   -10.905 11.137  1.00 40.85  ? 22  VAL A O   1 
ATOM   155  C  CB  . VAL A 1 22  ? 8.036   -11.670 12.616  1.00 45.77  ? 22  VAL A CB  1 
ATOM   156  C  CG1 . VAL A 1 22  ? 9.057   -10.935 11.720  1.00 46.75  ? 22  VAL A CG1 1 
ATOM   157  C  CG2 . VAL A 1 22  ? 8.729   -12.221 13.842  1.00 46.19  ? 22  VAL A CG2 1 
ATOM   158  N  N   . ILE A 1 23  ? 6.498   -8.996  11.377  1.00 41.37  ? 23  ILE A N   1 
ATOM   159  C  CA  . ILE A 1 23  ? 5.831   -8.349  10.280  1.00 39.79  ? 23  ILE A CA  1 
ATOM   160  C  C   . ILE A 1 23  ? 6.903   -7.806  9.382   1.00 39.58  ? 23  ILE A C   1 
ATOM   161  O  O   . ILE A 1 23  ? 7.665   -6.923  9.814   1.00 38.19  ? 23  ILE A O   1 
ATOM   162  C  CB  . ILE A 1 23  ? 5.012   -7.185  10.757  1.00 38.92  ? 23  ILE A CB  1 
ATOM   163  C  CG1 . ILE A 1 23  ? 3.846   -7.675  11.609  1.00 36.10  ? 23  ILE A CG1 1 
ATOM   164  C  CG2 . ILE A 1 23  ? 4.508   -6.419  9.539   1.00 40.56  ? 23  ILE A CG2 1 
ATOM   165  C  CD1 . ILE A 1 23  ? 3.115   -6.570  12.161  1.00 35.45  ? 23  ILE A CD1 1 
ATOM   166  N  N   . TYR A 1 24  ? 7.006   -8.359  8.155   1.00 38.56  ? 24  TYR A N   1 
ATOM   167  C  CA  . TYR A 1 24  ? 7.886   -7.728  7.179   1.00 38.07  ? 24  TYR A CA  1 
ATOM   168  C  C   . TYR A 1 24  ? 7.101   -6.623  6.464   1.00 38.32  ? 24  TYR A C   1 
ATOM   169  O  O   . TYR A 1 24  ? 5.970   -6.849  6.012   1.00 39.00  ? 24  TYR A O   1 
ATOM   170  C  CB  . TYR A 1 24  ? 8.395   -8.761  6.238   1.00 38.36  ? 24  TYR A CB  1 
ATOM   171  C  CG  . TYR A 1 24  ? 9.241   -9.706  7.003   1.00 38.90  ? 24  TYR A CG  1 
ATOM   172  C  CD1 . TYR A 1 24  ? 10.617  -9.481  7.132   1.00 37.63  ? 24  TYR A CD1 1 
ATOM   173  C  CD2 . TYR A 1 24  ? 8.663   -10.817 7.596   1.00 36.42  ? 24  TYR A CD2 1 
ATOM   174  C  CE1 . TYR A 1 24  ? 11.377  -10.325 7.839   1.00 40.87  ? 24  TYR A CE1 1 
ATOM   175  C  CE2 . TYR A 1 24  ? 9.418   -11.691 8.299   1.00 38.30  ? 24  TYR A CE2 1 
ATOM   176  C  CZ  . TYR A 1 24  ? 10.772  -11.429 8.447   1.00 42.43  ? 24  TYR A CZ  1 
ATOM   177  O  OH  . TYR A 1 24  ? 11.537  -12.309 9.179   1.00 44.05  ? 24  TYR A OH  1 
ATOM   178  N  N   . SER A 1 25  ? 7.709   -5.456  6.367   1.00 37.27  ? 25  SER A N   1 
ATOM   179  C  CA  . SER A 1 25  ? 6.979   -4.213  6.262   1.00 37.55  ? 25  SER A CA  1 
ATOM   180  C  C   . SER A 1 25  ? 7.704   -3.181  5.362   1.00 36.78  ? 25  SER A C   1 
ATOM   181  O  O   . SER A 1 25  ? 8.863   -3.397  5.016   1.00 36.71  ? 25  SER A O   1 
ATOM   182  C  CB  . SER A 1 25  ? 6.759   -3.694  7.690   1.00 37.20  ? 25  SER A CB  1 
ATOM   183  O  OG  . SER A 1 25  ? 6.204   -2.370  7.684   1.00 40.59  ? 25  SER A OG  1 
ATOM   184  N  N   . LYS A 1 26  ? 7.002   -2.117  4.928   1.00 36.76  ? 26  LYS A N   1 
ATOM   185  C  CA  . LYS A 1 26  ? 7.639   -0.912  4.317   1.00 36.29  ? 26  LYS A CA  1 
ATOM   186  C  C   . LYS A 1 26  ? 7.055   0.302   4.952   1.00 37.55  ? 26  LYS A C   1 
ATOM   187  O  O   . LYS A 1 26  ? 5.833   0.345   5.206   1.00 38.22  ? 26  LYS A O   1 
ATOM   188  C  CB  . LYS A 1 26  ? 7.498   -0.881  2.817   1.00 36.11  ? 26  LYS A CB  1 
ATOM   189  C  CG  . LYS A 1 26  ? 8.220   -2.037  2.217   1.00 35.52  ? 26  LYS A CG  1 
ATOM   190  C  CD  . LYS A 1 26  ? 8.163   -1.978  0.748   1.00 35.02  ? 26  LYS A CD  1 
ATOM   191  C  CE  . LYS A 1 26  ? 9.025   -3.087  0.184   1.00 34.15  ? 26  LYS A CE  1 
ATOM   192  N  NZ  . LYS A 1 26  ? 8.653   -3.251  -1.249  1.00 40.31  ? 26  LYS A NZ  1 
ATOM   193  N  N   . THR A 1 27  ? 7.895   1.257   5.323   1.00 37.48  ? 27  THR A N   1 
ATOM   194  C  CA  . THR A 1 27  ? 7.361   2.436   6.075   1.00 38.81  ? 27  THR A CA  1 
ATOM   195  C  C   . THR A 1 27  ? 6.335   3.232   5.266   1.00 39.79  ? 27  THR A C   1 
ATOM   196  O  O   . THR A 1 27  ? 5.523   3.955   5.806   1.00 42.36  ? 27  THR A O   1 
ATOM   197  C  CB  . THR A 1 27  ? 8.482   3.447   6.453   1.00 37.87  ? 27  THR A CB  1 
ATOM   198  O  OG1 . THR A 1 27  ? 9.107   3.843   5.241   1.00 41.74  ? 27  THR A OG1 1 
ATOM   199  C  CG2 . THR A 1 27  ? 9.637   2.771   7.254   1.00 37.15  ? 27  THR A CG2 1 
ATOM   200  N  N   . TRP A 1 28  ? 6.347   3.167   3.954   1.00 39.29  ? 28  TRP A N   1 
ATOM   201  C  CA  . TRP A 1 28  ? 5.448   4.079   3.283   1.00 38.65  ? 28  TRP A CA  1 
ATOM   202  C  C   . TRP A 1 28  ? 4.101   3.468   3.000   1.00 38.41  ? 28  TRP A C   1 
ATOM   203  O  O   . TRP A 1 28  ? 3.311   4.116   2.331   1.00 37.50  ? 28  TRP A O   1 
ATOM   204  C  CB  . TRP A 1 28  ? 6.053   4.481   1.960   1.00 38.49  ? 28  TRP A CB  1 
ATOM   205  C  CG  . TRP A 1 28  ? 6.328   3.308   1.032   1.00 39.47  ? 28  TRP A CG  1 
ATOM   206  C  CD1 . TRP A 1 28  ? 5.432   2.418   0.467   1.00 38.39  ? 28  TRP A CD1 1 
ATOM   207  C  CD2 . TRP A 1 28  ? 7.622   2.924   0.574   1.00 38.83  ? 28  TRP A CD2 1 
ATOM   208  N  NE1 . TRP A 1 28  ? 6.122   1.495   -0.367  1.00 36.86  ? 28  TRP A NE1 1 
ATOM   209  C  CE2 . TRP A 1 28  ? 7.465   1.821   -0.298  1.00 38.59  ? 28  TRP A CE2 1 
ATOM   210  C  CE3 . TRP A 1 28  ? 8.892   3.450   0.789   1.00 43.79  ? 28  TRP A CE3 1 
ATOM   211  C  CZ2 . TRP A 1 28  ? 8.536   1.234   -0.922  1.00 40.82  ? 28  TRP A CZ2 1 
ATOM   212  C  CZ3 . TRP A 1 28  ? 9.967   2.862   0.169   1.00 46.95  ? 28  TRP A CZ3 1 
ATOM   213  C  CH2 . TRP A 1 28  ? 9.782   1.770   -0.681  1.00 45.77  ? 28  TRP A CH2 1 
ATOM   214  N  N   . CYS A 1 29  ? 3.878   2.228   3.464   1.00 37.35  ? 29  CYS A N   1 
ATOM   215  C  CA  . CYS A 1 29  ? 2.708   1.429   3.081   1.00 37.78  ? 29  CYS A CA  1 
ATOM   216  C  C   . CYS A 1 29  ? 1.609   1.460   4.153   1.00 38.74  ? 29  CYS A C   1 
ATOM   217  O  O   . CYS A 1 29  ? 1.715   0.843   5.210   1.00 39.06  ? 29  CYS A O   1 
ATOM   218  C  CB  . CYS A 1 29  ? 3.139   -0.016  2.717   1.00 35.19  ? 29  CYS A CB  1 
ATOM   219  S  SG  . CYS A 1 29  ? 1.876   -1.333  2.397   1.00 37.84  ? 29  CYS A SG  1 
ATOM   220  N  N   . SER A 1 30  ? 0.531   2.163   3.859   1.00 40.62  ? 30  SER A N   1 
ATOM   221  C  CA  . SER A 1 30  ? -0.761  1.968   4.567   1.00 41.55  ? 30  SER A CA  1 
ATOM   222  C  C   . SER A 1 30  ? -1.189  0.554   4.952   1.00 41.21  ? 30  SER A C   1 
ATOM   223  O  O   . SER A 1 30  ? -1.681  0.360   6.063   1.00 42.13  ? 30  SER A O   1 
ATOM   224  C  CB  . SER A 1 30  ? -1.900  2.619   3.786   1.00 41.14  ? 30  SER A CB  1 
ATOM   225  O  OG  . SER A 1 30  ? -1.624  4.013   3.793   1.00 42.88  ? 30  SER A OG  1 
ATOM   226  N  N   . TYR A 1 31  ? -1.109  -0.426  4.057   1.00 41.02  ? 31  TYR A N   1 
ATOM   227  C  CA  . TYR A 1 31  ? -1.530  -1.808  4.480   1.00 39.57  ? 31  TYR A CA  1 
ATOM   228  C  C   . TYR A 1 31  ? -0.639  -2.286  5.606   1.00 39.38  ? 31  TYR A C   1 
ATOM   229  O  O   . TYR A 1 31  ? -1.081  -2.962  6.504   1.00 39.17  ? 31  TYR A O   1 
ATOM   230  C  CB  . TYR A 1 31  ? -1.386  -2.829  3.347   1.00 40.55  ? 31  TYR A CB  1 
ATOM   231  C  CG  . TYR A 1 31  ? -2.590  -2.988  2.479   1.00 40.45  ? 31  TYR A CG  1 
ATOM   232  C  CD1 . TYR A 1 31  ? -2.796  -4.156  1.792   1.00 43.41  ? 31  TYR A CD1 1 
ATOM   233  C  CD2 . TYR A 1 31  ? -3.556  -1.980  2.391   1.00 41.86  ? 31  TYR A CD2 1 
ATOM   234  C  CE1 . TYR A 1 31  ? -3.967  -4.356  0.993   1.00 44.58  ? 31  TYR A CE1 1 
ATOM   235  C  CE2 . TYR A 1 31  ? -4.693  -2.135  1.600   1.00 42.67  ? 31  TYR A CE2 1 
ATOM   236  C  CZ  . TYR A 1 31  ? -4.898  -3.334  0.905   1.00 43.86  ? 31  TYR A CZ  1 
ATOM   237  O  OH  . TYR A 1 31  ? -6.028  -3.498  0.090   1.00 46.12  ? 31  TYR A OH  1 
ATOM   238  N  N   . CYS A 1 32  ? 0.646   -1.958  5.524   1.00 39.22  ? 32  CYS A N   1 
ATOM   239  C  CA  . CYS A 1 32  ? 1.596   -2.303  6.546   1.00 39.94  ? 32  CYS A CA  1 
ATOM   240  C  C   . CYS A 1 32  ? 1.255   -1.577  7.866   1.00 40.19  ? 32  CYS A C   1 
ATOM   241  O  O   . CYS A 1 32  ? 1.243   -2.206  8.915   1.00 40.14  ? 32  CYS A O   1 
ATOM   242  C  CB  . CYS A 1 32  ? 3.010   -1.960  6.084   1.00 38.42  ? 32  CYS A CB  1 
ATOM   243  S  SG  . CYS A 1 32  ? 3.609   -3.144  4.811   1.00 39.10  ? 32  CYS A SG  1 
ATOM   244  N  N   . THR A 1 33  ? 0.970   -0.287  7.787   1.00 40.70  ? 33  THR A N   1 
ATOM   245  C  CA  . THR A 1 33  ? 0.624   0.517   8.950   1.00 42.61  ? 33  THR A CA  1 
ATOM   246  C  C   . THR A 1 33  ? -0.570  -0.140  9.662   1.00 44.78  ? 33  THR A C   1 
ATOM   247  O  O   . THR A 1 33  ? -0.581  -0.256  10.889  1.00 44.65  ? 33  THR A O   1 
ATOM   248  C  CB  . THR A 1 33  ? 0.238   1.942   8.556   1.00 41.99  ? 33  THR A CB  1 
ATOM   249  O  OG1 . THR A 1 33  ? 1.332   2.552   7.877   1.00 42.00  ? 33  THR A OG1 1 
ATOM   250  C  CG2 . THR A 1 33  ? -0.041  2.855   9.831   1.00 43.91  ? 33  THR A CG2 1 
ATOM   251  N  N   . GLU A 1 34  ? -1.508  -0.641  8.864   1.00 46.62  ? 34  GLU A N   1 
ATOM   252  C  CA  . GLU A 1 34  ? -2.744  -1.227  9.324   1.00 49.10  ? 34  GLU A CA  1 
ATOM   253  C  C   . GLU A 1 34  ? -2.555  -2.519  10.073  1.00 49.32  ? 34  GLU A C   1 
ATOM   254  O  O   . GLU A 1 34  ? -3.337  -2.771  10.965  1.00 50.30  ? 34  GLU A O   1 
ATOM   255  C  CB  . GLU A 1 34  ? -3.629  -1.486  8.114   1.00 49.74  ? 34  GLU A CB  1 
ATOM   256  C  CG  . GLU A 1 34  ? -5.164  -1.668  8.286   1.00 57.64  ? 34  GLU A CG  1 
ATOM   257  C  CD  . GLU A 1 34  ? -5.906  -1.665  6.855   1.00 71.44  ? 34  GLU A CD  1 
ATOM   258  O  OE1 . GLU A 1 34  ? -6.670  -2.644  6.583   1.00 74.74  ? 34  GLU A OE1 1 
ATOM   259  O  OE2 . GLU A 1 34  ? -5.698  -0.717  5.987   1.00 73.82  ? 34  GLU A OE2 1 
ATOM   260  N  N   . VAL A 1 35  ? -1.594  -3.385  9.690   1.00 49.10  ? 35  VAL A N   1 
ATOM   261  C  CA  . VAL A 1 35  ? -1.464  -4.628  10.415  1.00 49.01  ? 35  VAL A CA  1 
ATOM   262  C  C   . VAL A 1 35  ? -0.735  -4.323  11.690  1.00 49.62  ? 35  VAL A C   1 
ATOM   263  O  O   . VAL A 1 35  ? -0.974  -4.999  12.700  1.00 49.73  ? 35  VAL A O   1 
ATOM   264  C  CB  . VAL A 1 35  ? -0.717  -5.793  9.702   1.00 48.13  ? 35  VAL A CB  1 
ATOM   265  C  CG1 . VAL A 1 35  ? -1.391  -6.166  8.465   1.00 49.55  ? 35  VAL A CG1 1 
ATOM   266  C  CG2 . VAL A 1 35  ? 0.659   -5.435  9.445   1.00 50.34  ? 35  VAL A CG2 1 
ATOM   267  N  N   . LYS A 1 36  ? 0.190   -3.362  11.611  1.00 50.26  ? 36  LYS A N   1 
ATOM   268  C  CA  . LYS A 1 36  ? 0.993   -2.938  12.744  1.00 51.92  ? 36  LYS A CA  1 
ATOM   269  C  C   . LYS A 1 36  ? 0.057   -2.377  13.778  1.00 53.41  ? 36  LYS A C   1 
ATOM   270  O  O   . LYS A 1 36  ? 0.061   -2.814  14.909  1.00 53.80  ? 36  LYS A O   1 
ATOM   271  C  CB  . LYS A 1 36  ? 2.006   -1.845  12.382  1.00 51.01  ? 36  LYS A CB  1 
ATOM   272  C  CG  . LYS A 1 36  ? 3.320   -2.349  11.696  1.00 51.63  ? 36  LYS A CG  1 
ATOM   273  C  CD  . LYS A 1 36  ? 4.265   -1.205  11.373  1.00 50.61  ? 36  LYS A CD  1 
ATOM   274  C  CE  . LYS A 1 36  ? 4.112   -0.780  9.956   1.00 50.94  ? 36  LYS A CE  1 
ATOM   275  N  NZ  . LYS A 1 36  ? 5.110   0.282   9.678   1.00 49.48  ? 36  LYS A NZ  1 
ATOM   276  N  N   . THR A 1 37  ? -0.752  -1.418  13.360  1.00 55.29  ? 37  THR A N   1 
ATOM   277  C  CA  . THR A 1 37  ? -1.754  -0.828  14.199  1.00 56.81  ? 37  THR A CA  1 
ATOM   278  C  C   . THR A 1 37  ? -2.658  -1.865  14.824  1.00 57.69  ? 37  THR A C   1 
ATOM   279  O  O   . THR A 1 37  ? -3.044  -1.715  15.988  1.00 58.69  ? 37  THR A O   1 
ATOM   280  C  CB  . THR A 1 37  ? -2.580  0.160   13.430  1.00 56.48  ? 37  THR A CB  1 
ATOM   281  O  OG1 . THR A 1 37  ? -1.784  1.334   13.226  1.00 56.97  ? 37  THR A OG1 1 
ATOM   282  C  CG2 . THR A 1 37  ? -3.828  0.539   14.223  1.00 58.25  ? 37  THR A CG2 1 
ATOM   283  N  N   . LEU A 1 38  ? -2.960  -2.929  14.094  1.00 57.40  ? 38  LEU A N   1 
ATOM   284  C  CA  . LEU A 1 38  ? -3.904  -3.922  14.596  1.00 57.77  ? 38  LEU A CA  1 
ATOM   285  C  C   . LEU A 1 38  ? -3.366  -4.753  15.743  1.00 58.61  ? 38  LEU A C   1 
ATOM   286  O  O   . LEU A 1 38  ? -4.142  -5.292  16.520  1.00 59.29  ? 38  LEU A O   1 
ATOM   287  C  CB  . LEU A 1 38  ? -4.368  -4.825  13.452  1.00 57.51  ? 38  LEU A CB  1 
ATOM   288  C  CG  . LEU A 1 38  ? -5.126  -6.162  13.565  1.00 56.84  ? 38  LEU A CG  1 
ATOM   289  C  CD1 . LEU A 1 38  ? -5.823  -6.389  12.238  1.00 58.16  ? 38  LEU A CD1 1 
ATOM   290  C  CD2 . LEU A 1 38  ? -4.238  -7.361  13.832  1.00 53.53  ? 38  LEU A CD2 1 
ATOM   291  N  N   . PHE A 1 39  ? -2.050  -4.902  15.822  1.00 59.27  ? 39  PHE A N   1 
ATOM   292  C  CA  . PHE A 1 39  ? -1.452  -5.731  16.840  1.00 59.69  ? 39  PHE A CA  1 
ATOM   293  C  C   . PHE A 1 39  ? -1.297  -4.863  18.069  1.00 61.80  ? 39  PHE A C   1 
ATOM   294  O  O   . PHE A 1 39  ? -1.328  -5.363  19.217  1.00 62.90  ? 39  PHE A O   1 
ATOM   295  C  CB  . PHE A 1 39  ? -0.111  -6.365  16.374  1.00 57.82  ? 39  PHE A CB  1 
ATOM   296  C  CG  . PHE A 1 39  ? -0.289  -7.626  15.514  1.00 54.62  ? 39  PHE A CG  1 
ATOM   297  C  CD1 . PHE A 1 39  ? -0.610  -8.856  16.094  1.00 49.90  ? 39  PHE A CD1 1 
ATOM   298  C  CD2 . PHE A 1 39  ? -0.155  -7.570  14.128  1.00 48.72  ? 39  PHE A CD2 1 
ATOM   299  C  CE1 . PHE A 1 39  ? -0.799  -10.005 15.312  1.00 50.42  ? 39  PHE A CE1 1 
ATOM   300  C  CE2 . PHE A 1 39  ? -0.307  -8.686  13.355  1.00 45.24  ? 39  PHE A CE2 1 
ATOM   301  C  CZ  . PHE A 1 39  ? -0.625  -9.921  13.935  1.00 50.80  ? 39  PHE A CZ  1 
ATOM   302  N  N   . LYS A 1 40  ? -1.134  -3.563  17.831  1.00 63.01  ? 40  LYS A N   1 
ATOM   303  C  CA  . LYS A 1 40  ? -1.077  -2.561  18.903  1.00 64.84  ? 40  LYS A CA  1 
ATOM   304  C  C   . LYS A 1 40  ? -2.391  -2.474  19.697  1.00 64.69  ? 40  LYS A C   1 
ATOM   305  O  O   . LYS A 1 40  ? -2.401  -2.628  20.927  1.00 65.73  ? 40  LYS A O   1 
ATOM   306  C  CB  . LYS A 1 40  ? -0.725  -1.192  18.332  1.00 65.35  ? 40  LYS A CB  1 
ATOM   307  C  CG  . LYS A 1 40  ? 0.677   -1.171  17.722  1.00 69.23  ? 40  LYS A CG  1 
ATOM   308  C  CD  . LYS A 1 40  ? 1.691   -1.992  18.555  1.00 71.42  ? 40  LYS A CD  1 
ATOM   309  C  CE  . LYS A 1 40  ? 3.108   -1.576  18.163  1.00 75.72  ? 40  LYS A CE  1 
ATOM   310  N  NZ  . LYS A 1 40  ? 3.305   -1.508  16.642  1.00 77.87  ? 40  LYS A NZ  1 
ATOM   311  N  N   . ARG A 1 41  ? -3.492  -2.284  18.986  1.00 63.97  ? 41  ARG A N   1 
ATOM   312  C  CA  . ARG A 1 41  ? -4.787  -2.358  19.601  1.00 64.20  ? 41  ARG A CA  1 
ATOM   313  C  C   . ARG A 1 41  ? -5.000  -3.700  20.322  1.00 64.74  ? 41  ARG A C   1 
ATOM   314  O  O   . ARG A 1 41  ? -5.942  -3.821  21.043  1.00 66.11  ? 41  ARG A O   1 
ATOM   315  C  CB  . ARG A 1 41  ? -5.923  -2.089  18.622  1.00 62.74  ? 41  ARG A CB  1 
ATOM   316  C  CG  . ARG A 1 41  ? -5.928  -0.744  17.912  1.00 61.70  ? 41  ARG A CG  1 
ATOM   317  C  CD  . ARG A 1 41  ? -6.763  -0.996  16.643  1.00 62.74  ? 41  ARG A CD  1 
ATOM   318  N  NE  . ARG A 1 41  ? -7.172  0.097   15.761  1.00 64.38  ? 41  ARG A NE  1 
ATOM   319  C  CZ  . ARG A 1 41  ? -6.932  1.399   15.916  1.00 67.43  ? 41  ARG A CZ  1 
ATOM   320  N  NH1 . ARG A 1 41  ? -7.388  2.246   14.990  1.00 68.32  ? 41  ARG A NH1 1 
ATOM   321  N  NH2 . ARG A 1 41  ? -6.249  1.874   16.960  1.00 68.43  ? 41  ARG A NH2 1 
ATOM   322  N  N   . LEU A 1 42  ? -4.136  -4.693  20.155  1.00 65.66  ? 42  LEU A N   1 
ATOM   323  C  CA  . LEU A 1 42  ? -4.217  -5.933  20.979  1.00 65.71  ? 42  LEU A CA  1 
ATOM   324  C  C   . LEU A 1 42  ? -3.187  -5.995  22.122  1.00 65.95  ? 42  LEU A C   1 
ATOM   325  O  O   . LEU A 1 42  ? -3.005  -7.060  22.723  1.00 67.17  ? 42  LEU A O   1 
ATOM   326  C  CB  . LEU A 1 42  ? -4.049  -7.206  20.142  1.00 64.75  ? 42  LEU A CB  1 
ATOM   327  C  CG  . LEU A 1 42  ? -5.051  -7.677  19.106  1.00 64.94  ? 42  LEU A CG  1 
ATOM   328  C  CD1 . LEU A 1 42  ? -4.407  -8.680  18.150  1.00 64.29  ? 42  LEU A CD1 1 
ATOM   329  C  CD2 . LEU A 1 42  ? -6.272  -8.302  19.751  1.00 66.29  ? 42  LEU A CD2 1 
ATOM   330  N  N   . GLY A 1 43  ? -2.498  -4.898  22.427  1.00 65.66  ? 43  GLY A N   1 
ATOM   331  C  CA  . GLY A 1 43  ? -1.461  -4.983  23.444  1.00 65.50  ? 43  GLY A CA  1 
ATOM   332  C  C   . GLY A 1 43  ? -0.326  -5.949  23.124  1.00 66.11  ? 43  GLY A C   1 
ATOM   333  O  O   . GLY A 1 43  ? 0.421   -6.361  24.036  1.00 66.95  ? 43  GLY A O   1 
ATOM   334  N  N   . VAL A 1 44  ? -0.177  -6.295  21.831  1.00 65.96  ? 44  VAL A N   1 
ATOM   335  C  CA  . VAL A 1 44  ? 1.008   -6.986  21.290  1.00 64.57  ? 44  VAL A CA  1 
ATOM   336  C  C   . VAL A 1 44  ? 1.983   -5.986  20.651  1.00 63.33  ? 44  VAL A C   1 
ATOM   337  O  O   . VAL A 1 44  ? 1.568   -5.030  20.021  1.00 63.15  ? 44  VAL A O   1 
ATOM   338  C  CB  . VAL A 1 44  ? 0.655   -8.055  20.238  1.00 65.48  ? 44  VAL A CB  1 
ATOM   339  C  CG1 . VAL A 1 44  ? 1.768   -9.080  20.156  1.00 66.71  ? 44  VAL A CG1 1 
ATOM   340  C  CG2 . VAL A 1 44  ? -0.659  -8.791  20.580  1.00 67.61  ? 44  VAL A CG2 1 
ATOM   341  N  N   . GLN A 1 45  ? 3.279   -6.195  20.867  1.00 62.38  ? 45  GLN A N   1 
ATOM   342  C  CA  . GLN A 1 45  ? 4.326   -5.425  20.219  1.00 62.05  ? 45  GLN A CA  1 
ATOM   343  C  C   . GLN A 1 45  ? 5.035   -6.420  19.294  1.00 60.78  ? 45  GLN A C   1 
ATOM   344  O  O   . GLN A 1 45  ? 5.804   -7.291  19.761  1.00 59.92  ? 45  GLN A O   1 
ATOM   345  C  CB  . GLN A 1 45  ? 5.287   -4.732  21.228  1.00 63.40  ? 45  GLN A CB  1 
ATOM   346  C  CG  . GLN A 1 45  ? 6.502   -3.962  20.640  1.00 66.64  ? 45  GLN A CG  1 
ATOM   347  C  CD  . GLN A 1 45  ? 6.104   -2.732  19.774  1.00 74.64  ? 45  GLN A CD  1 
ATOM   348  O  OE1 . GLN A 1 45  ? 5.452   -1.778  20.261  1.00 75.91  ? 45  GLN A OE1 1 
ATOM   349  N  NE2 . GLN A 1 45  ? 6.481   -2.767  18.465  1.00 76.79  ? 45  GLN A NE2 1 
ATOM   350  N  N   . PRO A 1 46  ? 4.759   -6.291  17.964  1.00 58.79  ? 46  PRO A N   1 
ATOM   351  C  CA  . PRO A 1 46  ? 5.325   -7.125  16.914  1.00 56.28  ? 46  PRO A CA  1 
ATOM   352  C  C   . PRO A 1 46  ? 6.779   -6.770  16.664  1.00 53.76  ? 46  PRO A C   1 
ATOM   353  O  O   . PRO A 1 46  ? 7.144   -5.589  16.780  1.00 52.10  ? 46  PRO A O   1 
ATOM   354  C  CB  . PRO A 1 46  ? 4.503   -6.707  15.686  1.00 58.00  ? 46  PRO A CB  1 
ATOM   355  C  CG  . PRO A 1 46  ? 3.604   -5.491  16.145  1.00 58.23  ? 46  PRO A CG  1 
ATOM   356  C  CD  . PRO A 1 46  ? 4.149   -5.059  17.422  1.00 57.96  ? 46  PRO A CD  1 
ATOM   357  N  N   . LEU A 1 47  ? 7.609   -7.760  16.318  1.00 51.30  ? 47  LEU A N   1 
ATOM   358  C  CA  . LEU A 1 47  ? 8.882   -7.425  15.678  1.00 49.38  ? 47  LEU A CA  1 
ATOM   359  C  C   . LEU A 1 47  ? 8.635   -7.007  14.236  1.00 48.91  ? 47  LEU A C   1 
ATOM   360  O  O   . LEU A 1 47  ? 8.058   -7.742  13.443  1.00 49.33  ? 47  LEU A O   1 
ATOM   361  C  CB  . LEU A 1 47  ? 9.892   -8.551  15.732  1.00 49.52  ? 47  LEU A CB  1 
ATOM   362  C  CG  . LEU A 1 47  ? 11.236  -8.209  15.056  1.00 50.46  ? 47  LEU A CG  1 
ATOM   363  C  CD1 . LEU A 1 47  ? 11.908  -7.010  15.718  1.00 50.76  ? 47  LEU A CD1 1 
ATOM   364  C  CD2 . LEU A 1 47  ? 12.223  -9.348  15.105  1.00 50.12  ? 47  LEU A CD2 1 
ATOM   365  N  N   . VAL A 1 48  ? 9.104   -5.817  13.917  1.00 48.54  ? 48  VAL A N   1 
ATOM   366  C  CA  . VAL A 1 48  ? 8.849   -5.132  12.664  1.00 46.98  ? 48  VAL A CA  1 
ATOM   367  C  C   . VAL A 1 48  ? 10.109  -4.946  11.823  1.00 46.44  ? 48  VAL A C   1 
ATOM   368  O  O   . VAL A 1 48  ? 11.029  -4.221  12.236  1.00 46.61  ? 48  VAL A O   1 
ATOM   369  C  CB  . VAL A 1 48  ? 8.259   -3.759  12.938  1.00 46.67  ? 48  VAL A CB  1 
ATOM   370  C  CG1 . VAL A 1 48  ? 8.185   -2.964  11.634  1.00 45.02  ? 48  VAL A CG1 1 
ATOM   371  C  CG2 . VAL A 1 48  ? 6.860   -3.959  13.525  1.00 45.67  ? 48  VAL A CG2 1 
ATOM   372  N  N   . VAL A 1 49  ? 10.158  -5.575  10.650  1.00 44.80  ? 49  VAL A N   1 
ATOM   373  C  CA  . VAL A 1 49  ? 11.311  -5.375  9.754   1.00 43.58  ? 49  VAL A CA  1 
ATOM   374  C  C   . VAL A 1 49  ? 10.831  -4.562  8.577   1.00 42.11  ? 49  VAL A C   1 
ATOM   375  O  O   . VAL A 1 49  ? 9.963   -5.019  7.807   1.00 40.84  ? 49  VAL A O   1 
ATOM   376  C  CB  . VAL A 1 49  ? 11.911  -6.720  9.320   1.00 44.68  ? 49  VAL A CB  1 
ATOM   377  C  CG1 . VAL A 1 49  ? 13.157  -6.557  8.382   1.00 42.79  ? 49  VAL A CG1 1 
ATOM   378  C  CG2 . VAL A 1 49  ? 12.232  -7.544  10.572  1.00 44.10  ? 49  VAL A CG2 1 
ATOM   379  N  N   . GLU A 1 50  ? 11.326  -3.336  8.512   1.00 41.01  ? 50  GLU A N   1 
ATOM   380  C  CA  . GLU A 1 50  ? 10.991  -2.375  7.459   1.00 41.38  ? 50  GLU A CA  1 
ATOM   381  C  C   . GLU A 1 50  ? 11.956  -2.588  6.331   1.00 41.67  ? 50  GLU A C   1 
ATOM   382  O  O   . GLU A 1 50  ? 13.111  -2.184  6.453   1.00 43.55  ? 50  GLU A O   1 
ATOM   383  C  CB  . GLU A 1 50  ? 11.129  -0.941  7.984   1.00 40.13  ? 50  GLU A CB  1 
ATOM   384  C  CG  . GLU A 1 50  ? 10.151  -0.584  9.140   1.00 44.48  ? 50  GLU A CG  1 
ATOM   385  C  CD  . GLU A 1 50  ? 8.643   -0.613  8.693   1.00 52.88  ? 50  GLU A CD  1 
ATOM   386  O  OE1 . GLU A 1 50  ? 8.340   -0.874  7.481   1.00 51.60  ? 50  GLU A OE1 1 
ATOM   387  O  OE2 . GLU A 1 50  ? 7.757   -0.349  9.552   1.00 54.99  ? 50  GLU A OE2 1 
ATOM   388  N  N   . LEU A 1 51  ? 11.505  -3.209  5.242   1.00 40.94  ? 51  LEU A N   1 
ATOM   389  C  CA  . LEU A 1 51  ? 12.383  -3.637  4.165   1.00 41.21  ? 51  LEU A CA  1 
ATOM   390  C  C   . LEU A 1 51  ? 13.088  -2.481  3.437   1.00 42.08  ? 51  LEU A C   1 
ATOM   391  O  O   . LEU A 1 51  ? 14.194  -2.660  2.938   1.00 39.84  ? 51  LEU A O   1 
ATOM   392  C  CB  . LEU A 1 51  ? 11.598  -4.483  3.141   1.00 40.27  ? 51  LEU A CB  1 
ATOM   393  C  CG  . LEU A 1 51  ? 11.084  -5.862  3.651   1.00 44.72  ? 51  LEU A CG  1 
ATOM   394  C  CD1 . LEU A 1 51  ? 10.537  -6.738  2.560   1.00 45.54  ? 51  LEU A CD1 1 
ATOM   395  C  CD2 . LEU A 1 51  ? 12.144  -6.614  4.364   1.00 45.91  ? 51  LEU A CD2 1 
ATOM   396  N  N   . ASP A 1 52  ? 12.407  -1.319  3.344   1.00 43.67  ? 52  ASP A N   1 
ATOM   397  C  CA  . ASP A 1 52  ? 12.890  -0.123  2.627   1.00 44.92  ? 52  ASP A CA  1 
ATOM   398  C  C   . ASP A 1 52  ? 14.057  0.574   3.403   1.00 46.44  ? 52  ASP A C   1 
ATOM   399  O  O   . ASP A 1 52  ? 14.735  1.485   2.879   1.00 46.64  ? 52  ASP A O   1 
ATOM   400  C  CB  . ASP A 1 52  ? 11.721  0.850   2.409   1.00 44.98  ? 52  ASP A CB  1 
ATOM   401  C  CG  . ASP A 1 52  ? 10.929  1.132   3.711   1.00 48.84  ? 52  ASP A CG  1 
ATOM   402  O  OD1 . ASP A 1 52  ? 10.562  2.309   3.979   1.00 51.67  ? 52  ASP A OD1 1 
ATOM   403  O  OD2 . ASP A 1 52  ? 10.697  0.181   4.503   1.00 48.83  ? 52  ASP A OD2 1 
ATOM   404  N  N   . GLN A 1 53  ? 14.299  0.124   4.636   1.00 47.23  ? 53  GLN A N   1 
ATOM   405  C  CA  . GLN A 1 53  ? 15.322  0.712   5.493   1.00 49.32  ? 53  GLN A CA  1 
ATOM   406  C  C   . GLN A 1 53  ? 16.587  -0.161  5.474   1.00 49.65  ? 53  GLN A C   1 
ATOM   407  O  O   . GLN A 1 53  ? 17.523  0.127   6.238   1.00 49.82  ? 53  GLN A O   1 
ATOM   408  C  CB  . GLN A 1 53  ? 14.827  0.841   6.957   1.00 49.77  ? 53  GLN A CB  1 
ATOM   409  C  CG  . GLN A 1 53  ? 13.695  1.857   7.208   1.00 54.43  ? 53  GLN A CG  1 
ATOM   410  C  CD  . GLN A 1 53  ? 14.137  3.295   6.912   1.00 67.09  ? 53  GLN A CD  1 
ATOM   411  O  OE1 . GLN A 1 53  ? 13.457  4.028   6.170   1.00 70.26  ? 53  GLN A OE1 1 
ATOM   412  N  NE2 . GLN A 1 53  ? 15.317  3.704   7.462   1.00 71.03  ? 53  GLN A NE2 1 
ATOM   413  N  N   . LEU A 1 54  ? 16.605  -1.224  4.649   1.00 48.26  ? 54  LEU A N   1 
ATOM   414  C  CA  . LEU A 1 54  ? 17.738  -2.170  4.608   1.00 47.82  ? 54  LEU A CA  1 
ATOM   415  C  C   . LEU A 1 54  ? 18.618  -2.087  3.337   1.00 47.51  ? 54  LEU A C   1 
ATOM   416  O  O   . LEU A 1 54  ? 19.358  -3.003  3.025   1.00 48.12  ? 54  LEU A O   1 
ATOM   417  C  CB  . LEU A 1 54  ? 17.225  -3.602  4.810   1.00 46.66  ? 54  LEU A CB  1 
ATOM   418  C  CG  . LEU A 1 54  ? 16.457  -3.863  6.109   1.00 49.37  ? 54  LEU A CG  1 
ATOM   419  C  CD1 . LEU A 1 54  ? 15.905  -5.259  6.109   1.00 49.17  ? 54  LEU A CD1 1 
ATOM   420  C  CD2 . LEU A 1 54  ? 17.351  -3.619  7.351   1.00 50.57  ? 54  LEU A CD2 1 
ATOM   421  N  N   . GLY A 1 55  ? 18.502  -1.011  2.580   1.00 47.96  ? 55  GLY A N   1 
ATOM   422  C  CA  . GLY A 1 55  ? 19.272  -0.847  1.357   1.00 48.28  ? 55  GLY A CA  1 
ATOM   423  C  C   . GLY A 1 55  ? 18.997  -1.982  0.365   1.00 49.26  ? 55  GLY A C   1 
ATOM   424  O  O   . GLY A 1 55  ? 17.798  -2.303  0.107   1.00 49.47  ? 55  GLY A O   1 
ATOM   425  N  N   . PRO A 1 56  ? 20.083  -2.588  -0.200  1.00 48.19  ? 56  PRO A N   1 
ATOM   426  C  CA  . PRO A 1 56  ? 19.905  -3.726  -1.142  1.00 47.91  ? 56  PRO A CA  1 
ATOM   427  C  C   . PRO A 1 56  ? 19.423  -4.997  -0.468  1.00 47.33  ? 56  PRO A C   1 
ATOM   428  O  O   . PRO A 1 56  ? 19.028  -5.965  -1.153  1.00 48.81  ? 56  PRO A O   1 
ATOM   429  C  CB  . PRO A 1 56  ? 21.306  -3.959  -1.748  1.00 48.70  ? 56  PRO A CB  1 
ATOM   430  C  CG  . PRO A 1 56  ? 22.277  -3.062  -0.952  1.00 48.46  ? 56  PRO A CG  1 
ATOM   431  C  CD  . PRO A 1 56  ? 21.460  -2.037  -0.195  1.00 47.83  ? 56  PRO A CD  1 
ATOM   432  N  N   . GLN A 1 57  ? 19.421  -5.012  0.850   1.00 45.64  ? 57  GLN A N   1 
ATOM   433  C  CA  . GLN A 1 57  ? 19.028  -6.216  1.529   1.00 45.96  ? 57  GLN A CA  1 
ATOM   434  C  C   . GLN A 1 57  ? 17.507  -6.340  1.601   1.00 43.66  ? 57  GLN A C   1 
ATOM   435  O  O   . GLN A 1 57  ? 16.999  -7.444  1.752   1.00 43.81  ? 57  GLN A O   1 
ATOM   436  C  CB  . GLN A 1 57  ? 19.662  -6.232  2.920   1.00 48.16  ? 57  GLN A CB  1 
ATOM   437  C  CG  . GLN A 1 57  ? 19.679  -7.541  3.725   1.00 55.13  ? 57  GLN A CG  1 
ATOM   438  C  CD  . GLN A 1 57  ? 19.850  -7.297  5.276   1.00 66.08  ? 57  GLN A CD  1 
ATOM   439  O  OE1 . GLN A 1 57  ? 19.384  -8.103  6.100   1.00 70.48  ? 57  GLN A OE1 1 
ATOM   440  N  NE2 . GLN A 1 57  ? 20.517  -6.175  5.662   1.00 69.37  ? 57  GLN A NE2 1 
ATOM   441  N  N   . GLY A 1 58  ? 16.796  -5.219  1.497   1.00 41.52  ? 58  GLY A N   1 
ATOM   442  C  CA  . GLY A 1 58  ? 15.323  -5.221  1.494   1.00 39.70  ? 58  GLY A CA  1 
ATOM   443  C  C   . GLY A 1 58  ? 14.715  -6.067  0.385   1.00 38.00  ? 58  GLY A C   1 
ATOM   444  O  O   . GLY A 1 58  ? 13.968  -6.995  0.659   1.00 37.32  ? 58  GLY A O   1 
ATOM   445  N  N   . PRO A 1 59  ? 15.095  -5.799  -0.873  1.00 36.93  ? 59  PRO A N   1 
ATOM   446  C  CA  . PRO A 1 59  ? 14.598  -6.637  -2.006  1.00 36.24  ? 59  PRO A CA  1 
ATOM   447  C  C   . PRO A 1 59  ? 15.103  -8.077  -1.950  1.00 37.64  ? 59  PRO A C   1 
ATOM   448  O  O   . PRO A 1 59  ? 14.375  -8.983  -2.408  1.00 39.96  ? 59  PRO A O   1 
ATOM   449  C  CB  . PRO A 1 59  ? 15.175  -5.931  -3.269  1.00 33.84  ? 59  PRO A CB  1 
ATOM   450  C  CG  . PRO A 1 59  ? 15.314  -4.502  -2.875  1.00 33.83  ? 59  PRO A CG  1 
ATOM   451  C  CD  . PRO A 1 59  ? 15.766  -4.571  -1.354  1.00 36.30  ? 59  PRO A CD  1 
ATOM   452  N  N   . GLN A 1 60  ? 16.314  -8.321  -1.430  1.00 36.01  ? 60  GLN A N   1 
ATOM   453  C  CA  . GLN A 1 60  ? 16.740  -9.728  -1.160  1.00 36.41  ? 60  GLN A CA  1 
ATOM   454  C  C   . GLN A 1 60  ? 15.836  -10.491 -0.191  1.00 36.14  ? 60  GLN A C   1 
ATOM   455  O  O   . GLN A 1 60  ? 15.395  -11.640 -0.469  1.00 36.72  ? 60  GLN A O   1 
ATOM   456  C  CB  . GLN A 1 60  ? 18.169  -9.706  -0.676  1.00 36.04  ? 60  GLN A CB  1 
ATOM   457  C  CG  . GLN A 1 60  ? 19.041  -8.999  -1.819  1.00 36.63  ? 60  GLN A CG  1 
ATOM   458  C  CD  . GLN A 1 60  ? 20.494  -8.900  -1.505  1.00 37.69  ? 60  GLN A CD  1 
ATOM   459  O  OE1 . GLN A 1 60  ? 21.360  -8.862  -2.421  1.00 39.08  ? 60  GLN A OE1 1 
ATOM   460  N  NE2 . GLN A 1 60  ? 20.792  -8.763  -0.229  1.00 34.91  ? 60  GLN A NE2 1 
ATOM   461  N  N   . LEU A 1 61  ? 15.543  -9.852  0.929   1.00 35.22  ? 61  LEU A N   1 
ATOM   462  C  CA  . LEU A 1 61  ? 14.652  -10.408 1.924   1.00 36.52  ? 61  LEU A CA  1 
ATOM   463  C  C   . LEU A 1 61  ? 13.287  -10.724 1.322   1.00 35.67  ? 61  LEU A C   1 
ATOM   464  O  O   . LEU A 1 61  ? 12.674  -11.830 1.530   1.00 36.03  ? 61  LEU A O   1 
ATOM   465  C  CB  . LEU A 1 61  ? 14.461  -9.392  3.074   1.00 37.46  ? 61  LEU A CB  1 
ATOM   466  C  CG  . LEU A 1 61  ? 15.285  -9.529  4.346   1.00 43.47  ? 61  LEU A CG  1 
ATOM   467  C  CD1 . LEU A 1 61  ? 14.545  -8.826  5.461   1.00 49.38  ? 61  LEU A CD1 1 
ATOM   468  C  CD2 . LEU A 1 61  ? 15.400  -10.998 4.743   1.00 48.95  ? 61  LEU A CD2 1 
ATOM   469  N  N   . GLN A 1 62  ? 12.804  -9.787  0.542   1.00 34.93  ? 62  GLN A N   1 
ATOM   470  C  CA  . GLN A 1 62  ? 11.541  -10.030 -0.132  1.00 35.88  ? 62  GLN A CA  1 
ATOM   471  C  C   . GLN A 1 62  ? 11.646  -11.249 -1.026  1.00 36.24  ? 62  GLN A C   1 
ATOM   472  O  O   . GLN A 1 62  ? 10.724  -12.075 -1.008  1.00 37.86  ? 62  GLN A O   1 
ATOM   473  C  CB  . GLN A 1 62  ? 11.096  -8.781  -0.918  1.00 35.08  ? 62  GLN A CB  1 
ATOM   474  C  CG  . GLN A 1 62  ? 9.649   -8.519  -0.752  1.00 37.13  ? 62  GLN A CG  1 
ATOM   475  C  CD  . GLN A 1 62  ? 9.193   -7.211  -1.366  1.00 39.86  ? 62  GLN A CD  1 
ATOM   476  O  OE1 . GLN A 1 62  ? 9.954   -6.249  -1.440  1.00 38.62  ? 62  GLN A OE1 1 
ATOM   477  N  NE2 . GLN A 1 62  ? 7.922   -7.154  -1.760  1.00 39.24  ? 62  GLN A NE2 1 
ATOM   478  N  N   . LYS A 1 63  ? 12.734  -11.407 -1.807  1.00 35.42  ? 63  LYS A N   1 
ATOM   479  C  CA  . LYS A 1 63  ? 12.813  -12.616 -2.620  1.00 37.52  ? 63  LYS A CA  1 
ATOM   480  C  C   . LYS A 1 63  ? 12.957  -13.880 -1.802  1.00 38.15  ? 63  LYS A C   1 
ATOM   481  O  O   . LYS A 1 63  ? 12.532  -14.969 -2.221  1.00 35.88  ? 63  LYS A O   1 
ATOM   482  C  CB  . LYS A 1 63  ? 13.923  -12.556 -3.619  1.00 37.93  ? 63  LYS A CB  1 
ATOM   483  C  CG  . LYS A 1 63  ? 13.591  -11.540 -4.672  1.00 42.40  ? 63  LYS A CG  1 
ATOM   484  C  CD  . LYS A 1 63  ? 14.911  -11.082 -5.269  1.00 48.74  ? 63  LYS A CD  1 
ATOM   485  C  CE  . LYS A 1 63  ? 14.706  -10.063 -6.373  1.00 54.62  ? 63  LYS A CE  1 
ATOM   486  N  NZ  . LYS A 1 63  ? 15.887  -9.124  -6.334  1.00 61.11  ? 63  LYS A NZ  1 
ATOM   487  N  N   . VAL A 1 64  ? 13.591  -13.747 -0.634  1.00 39.01  ? 64  VAL A N   1 
ATOM   488  C  CA  . VAL A 1 64  ? 13.786  -14.919 0.211   1.00 38.94  ? 64  VAL A CA  1 
ATOM   489  C  C   . VAL A 1 64  ? 12.465  -15.226 0.889   1.00 37.99  ? 64  VAL A C   1 
ATOM   490  O  O   . VAL A 1 64  ? 12.097  -16.393 0.957   1.00 37.78  ? 64  VAL A O   1 
ATOM   491  C  CB  . VAL A 1 64  ? 14.937  -14.707 1.222   1.00 40.52  ? 64  VAL A CB  1 
ATOM   492  C  CG1 . VAL A 1 64  ? 15.053  -15.919 2.165   1.00 40.26  ? 64  VAL A CG1 1 
ATOM   493  C  CG2 . VAL A 1 64  ? 16.234  -14.551 0.438   1.00 39.88  ? 64  VAL A CG2 1 
ATOM   494  N  N   . LEU A 1 65  ? 11.706  -14.215 1.325   1.00 36.90  ? 65  LEU A N   1 
ATOM   495  C  CA  . LEU A 1 65  ? 10.385  -14.526 1.919   1.00 37.63  ? 65  LEU A CA  1 
ATOM   496  C  C   . LEU A 1 65  ? 9.513   -15.285 0.891   1.00 38.29  ? 65  LEU A C   1 
ATOM   497  O  O   . LEU A 1 65  ? 8.822   -16.256 1.204   1.00 39.12  ? 65  LEU A O   1 
ATOM   498  C  CB  . LEU A 1 65  ? 9.653   -13.268 2.363   1.00 36.57  ? 65  LEU A CB  1 
ATOM   499  C  CG  . LEU A 1 65  ? 10.175  -12.720 3.710   1.00 41.88  ? 65  LEU A CG  1 
ATOM   500  C  CD1 . LEU A 1 65  ? 10.008  -11.215 3.791   1.00 33.78  ? 65  LEU A CD1 1 
ATOM   501  C  CD2 . LEU A 1 65  ? 9.579   -13.488 5.029   1.00 42.16  ? 65  LEU A CD2 1 
ATOM   502  N  N   . GLU A 1 66  ? 9.588   -14.856 -0.361  1.00 38.44  ? 66  GLU A N   1 
ATOM   503  C  CA  . GLU A 1 66  ? 8.807   -15.485 -1.397  1.00 37.37  ? 66  GLU A CA  1 
ATOM   504  C  C   . GLU A 1 66  ? 9.283   -16.882 -1.618  1.00 37.03  ? 66  GLU A C   1 
ATOM   505  O  O   . GLU A 1 66  ? 8.459   -17.785 -1.881  1.00 37.49  ? 66  GLU A O   1 
ATOM   506  C  CB  . GLU A 1 66  ? 8.792   -14.649 -2.685  1.00 35.88  ? 66  GLU A CB  1 
ATOM   507  C  CG  . GLU A 1 66  ? 8.254   -15.383 -3.887  1.00 37.80  ? 66  GLU A CG  1 
ATOM   508  C  CD  . GLU A 1 66  ? 8.368   -14.574 -5.173  1.00 44.32  ? 66  GLU A CD  1 
ATOM   509  O  OE1 . GLU A 1 66  ? 9.500   -14.119 -5.553  1.00 48.30  ? 66  GLU A OE1 1 
ATOM   510  O  OE2 . GLU A 1 66  ? 7.308   -14.401 -5.813  1.00 41.66  ? 66  GLU A OE2 1 
ATOM   511  N  N   . ARG A 1 67  ? 10.584  -17.100 -1.528  1.00 36.64  ? 67  ARG A N   1 
ATOM   512  C  CA  . ARG A 1 67  ? 11.041  -18.466 -1.639  1.00 37.48  ? 67  ARG A CA  1 
ATOM   513  C  C   . ARG A 1 67  ? 10.535  -19.359 -0.508  1.00 39.01  ? 67  ARG A C   1 
ATOM   514  O  O   . ARG A 1 67  ? 10.195  -20.542 -0.727  1.00 40.08  ? 67  ARG A O   1 
ATOM   515  C  CB  . ARG A 1 67  ? 12.558  -18.544 -1.752  1.00 37.40  ? 67  ARG A CB  1 
ATOM   516  C  CG  . ARG A 1 67  ? 13.004  -19.874 -2.354  1.00 36.82  ? 67  ARG A CG  1 
ATOM   517  C  CD  . ARG A 1 67  ? 14.556  -19.960 -2.468  1.00 41.26  ? 67  ARG A CD  1 
ATOM   518  N  NE  . ARG A 1 67  ? 14.949  -21.368 -2.333  1.00 43.23  ? 67  ARG A NE  1 
ATOM   519  C  CZ  . ARG A 1 67  ? 14.727  -22.318 -3.253  1.00 45.81  ? 67  ARG A CZ  1 
ATOM   520  N  NH1 . ARG A 1 67  ? 15.104  -23.548 -3.024  1.00 47.30  ? 67  ARG A NH1 1 
ATOM   521  N  NH2 . ARG A 1 67  ? 14.183  -22.057 -4.433  1.00 49.30  ? 67  ARG A NH2 1 
ATOM   522  N  N   . LEU A 1 68  ? 10.486  -18.792 0.693   1.00 40.77  ? 68  LEU A N   1 
ATOM   523  C  CA  . LEU A 1 68  ? 10.018  -19.527 1.875   1.00 41.71  ? 68  LEU A CA  1 
ATOM   524  C  C   . LEU A 1 68  ? 8.552   -19.839 1.855   1.00 41.27  ? 68  LEU A C   1 
ATOM   525  O  O   . LEU A 1 68  ? 8.140   -20.986 2.069   1.00 41.29  ? 68  LEU A O   1 
ATOM   526  C  CB  . LEU A 1 68  ? 10.226  -18.697 3.113   1.00 42.77  ? 68  LEU A CB  1 
ATOM   527  C  CG  . LEU A 1 68  ? 11.560  -18.843 3.747   1.00 45.38  ? 68  LEU A CG  1 
ATOM   528  C  CD1 . LEU A 1 68  ? 11.338  -18.201 5.121   1.00 50.77  ? 68  LEU A CD1 1 
ATOM   529  C  CD2 . LEU A 1 68  ? 11.593  -20.318 3.947   1.00 51.00  ? 68  LEU A CD2 1 
ATOM   530  N  N   . THR A 1 69  ? 7.751   -18.809 1.569   1.00 41.11  ? 69  THR A N   1 
ATOM   531  C  CA  . THR A 1 69  ? 6.349   -18.850 1.871   1.00 40.28  ? 69  THR A CA  1 
ATOM   532  C  C   . THR A 1 69  ? 5.526   -18.692 0.619   1.00 40.59  ? 69  THR A C   1 
ATOM   533  O  O   . THR A 1 69  ? 4.289   -18.949 0.661   1.00 42.60  ? 69  THR A O   1 
ATOM   534  C  CB  . THR A 1 69  ? 5.965   -17.695 2.795   1.00 40.57  ? 69  THR A CB  1 
ATOM   535  O  OG1 . THR A 1 69  ? 5.995   -16.504 2.020   1.00 42.68  ? 69  THR A OG1 1 
ATOM   536  C  CG2 . THR A 1 69  ? 6.957   -17.527 3.962   1.00 39.65  ? 69  THR A CG2 1 
ATOM   537  N  N   . GLY A 1 70  ? 6.128   -18.224 -0.484  1.00 37.77  ? 70  GLY A N   1 
ATOM   538  C  CA  . GLY A 1 70  ? 5.375   -18.191 -1.705  1.00 35.79  ? 70  GLY A CA  1 
ATOM   539  C  C   . GLY A 1 70  ? 4.679   -16.844 -1.824  1.00 37.32  ? 70  GLY A C   1 
ATOM   540  O  O   . GLY A 1 70  ? 4.090   -16.545 -2.868  1.00 35.98  ? 70  GLY A O   1 
ATOM   541  N  N   . GLN A 1 71  ? 4.766   -16.003 -0.787  1.00 36.93  ? 71  GLN A N   1 
ATOM   542  C  CA  . GLN A 1 71  ? 4.212   -14.689 -0.877  1.00 37.89  ? 71  GLN A CA  1 
ATOM   543  C  C   . GLN A 1 71  ? 5.329   -13.629 -1.222  1.00 39.15  ? 71  GLN A C   1 
ATOM   544  O  O   . GLN A 1 71  ? 6.338   -13.616 -0.556  1.00 37.28  ? 71  GLN A O   1 
ATOM   545  C  CB  . GLN A 1 71  ? 3.611   -14.362 0.463   1.00 36.60  ? 71  GLN A CB  1 
ATOM   546  C  CG  . GLN A 1 71  ? 3.174   -12.896 0.605   1.00 38.78  ? 71  GLN A CG  1 
ATOM   547  C  CD  . GLN A 1 71  ? 2.453   -12.647 1.965   1.00 41.98  ? 71  GLN A CD  1 
ATOM   548  O  OE1 . GLN A 1 71  ? 1.757   -13.538 2.432   1.00 45.35  ? 71  GLN A OE1 1 
ATOM   549  N  NE2 . GLN A 1 71  ? 2.607   -11.450 2.563   1.00 39.19  ? 71  GLN A NE2 1 
ATOM   550  N  N   . HIS A 1 72  ? 5.152   -12.737 -2.212  1.00 40.91  ? 72  HIS A N   1 
ATOM   551  C  CA  . HIS A 1 72  ? 6.203   -11.710 -2.426  1.00 44.10  ? 72  HIS A CA  1 
ATOM   552  C  C   . HIS A 1 72  ? 5.826   -10.321 -1.843  1.00 44.49  ? 72  HIS A C   1 
ATOM   553  O  O   . HIS A 1 72  ? 6.743   -9.470  -1.564  1.00 47.31  ? 72  HIS A O   1 
ATOM   554  C  CB  . HIS A 1 72  ? 6.550   -11.573 -3.902  1.00 45.75  ? 72  HIS A CB  1 
ATOM   555  C  CG  . HIS A 1 72  ? 7.713   -10.633 -4.185  1.00 54.11  ? 72  HIS A CG  1 
ATOM   556  N  ND1 . HIS A 1 72  ? 9.043   -11.042 -4.184  1.00 54.26  ? 72  HIS A ND1 1 
ATOM   557  C  CD2 . HIS A 1 72  ? 7.730   -9.319  -4.551  1.00 59.39  ? 72  HIS A CD2 1 
ATOM   558  C  CE1 . HIS A 1 72  ? 9.820   -10.020 -4.512  1.00 57.29  ? 72  HIS A CE1 1 
ATOM   559  N  NE2 . HIS A 1 72  ? 9.054   -8.963  -4.734  1.00 59.22  ? 72  HIS A NE2 1 
ATOM   560  N  N   . THR A 1 73  ? 4.537   -10.146 -1.556  1.00 40.06  ? 73  THR A N   1 
ATOM   561  C  CA  . THR A 1 73  ? 3.994   -8.896  -1.128  1.00 38.36  ? 73  THR A CA  1 
ATOM   562  C  C   . THR A 1 73  ? 4.214   -8.537  0.379   1.00 38.69  ? 73  THR A C   1 
ATOM   563  O  O   . THR A 1 73  ? 4.423   -9.414  1.222   1.00 38.72  ? 73  THR A O   1 
ATOM   564  C  CB  . THR A 1 73  ? 2.498   -8.893  -1.472  1.00 38.92  ? 73  THR A CB  1 
ATOM   565  O  OG1 . THR A 1 73  ? 1.876   -9.963  -0.776  1.00 36.59  ? 73  THR A OG1 1 
ATOM   566  C  CG2 . THR A 1 73  ? 2.277   -9.082  -3.019  1.00 31.14  ? 73  THR A CG2 1 
ATOM   567  N  N   . VAL A 1 74  ? 4.198   -7.246  0.715   1.00 36.18  ? 74  VAL A N   1 
ATOM   568  C  CA  . VAL A 1 74  ? 4.194   -6.852  2.075   1.00 35.86  ? 74  VAL A CA  1 
ATOM   569  C  C   . VAL A 1 74  ? 2.784   -6.334  2.401   1.00 35.55  ? 74  VAL A C   1 
ATOM   570  O  O   . VAL A 1 74  ? 2.093   -5.825  1.529   1.00 36.84  ? 74  VAL A O   1 
ATOM   571  C  CB  . VAL A 1 74  ? 5.280   -5.794  2.445   1.00 35.54  ? 74  VAL A CB  1 
ATOM   572  C  CG1 . VAL A 1 74  ? 6.657   -6.351  2.230   1.00 34.19  ? 74  VAL A CG1 1 
ATOM   573  C  CG2 . VAL A 1 74  ? 5.040   -4.513  1.636   1.00 35.67  ? 74  VAL A CG2 1 
ATOM   574  N  N   . PRO A 1 75  ? 2.371   -6.391  3.676   1.00 35.35  ? 75  PRO A N   1 
ATOM   575  C  CA  . PRO A 1 75  ? 3.071   -6.914  4.834   1.00 34.18  ? 75  PRO A CA  1 
ATOM   576  C  C   . PRO A 1 75  ? 3.163   -8.401  4.737   1.00 34.87  ? 75  PRO A C   1 
ATOM   577  O  O   . PRO A 1 75  ? 2.321   -9.071  4.081   1.00 35.25  ? 75  PRO A O   1 
ATOM   578  C  CB  . PRO A 1 75  ? 2.132   -6.545  6.008   1.00 34.68  ? 75  PRO A CB  1 
ATOM   579  C  CG  . PRO A 1 75  ? 0.766   -6.374  5.357   1.00 32.88  ? 75  PRO A CG  1 
ATOM   580  C  CD  . PRO A 1 75  ? 1.107   -5.692  4.069   1.00 34.91  ? 75  PRO A CD  1 
ATOM   581  N  N   . ASN A 1 76  ? 4.214   -8.949  5.314   1.00 34.93  ? 76  ASN A N   1 
ATOM   582  C  CA  . ASN A 1 76  ? 4.304   -10.413 5.375   1.00 36.14  ? 76  ASN A CA  1 
ATOM   583  C  C   . ASN A 1 76  ? 4.357   -10.783 6.884   1.00 37.12  ? 76  ASN A C   1 
ATOM   584  O  O   . ASN A 1 76  ? 5.251   -10.328 7.630   1.00 38.28  ? 76  ASN A O   1 
ATOM   585  C  CB  . ASN A 1 76  ? 5.484   -10.951 4.578   1.00 33.88  ? 76  ASN A CB  1 
ATOM   586  C  CG  . ASN A 1 76  ? 5.315   -12.385 4.255   1.00 39.02  ? 76  ASN A CG  1 
ATOM   587  O  OD1 . ASN A 1 76  ? 4.527   -13.073 4.909   1.00 47.16  ? 76  ASN A OD1 1 
ATOM   588  N  ND2 . ASN A 1 76  ? 6.027   -12.873 3.256   1.00 39.07  ? 76  ASN A ND2 1 
ATOM   589  N  N   . VAL A 1 77  ? 3.340   -11.502 7.336   1.00 38.89  ? 77  VAL A N   1 
ATOM   590  C  CA  . VAL A 1 77  ? 2.986   -11.510 8.742   1.00 39.40  ? 77  VAL A CA  1 
ATOM   591  C  C   . VAL A 1 77  ? 3.130   -12.930 9.267   1.00 41.34  ? 77  VAL A C   1 
ATOM   592  O  O   . VAL A 1 77  ? 2.543   -13.853 8.741   1.00 42.00  ? 77  VAL A O   1 
ATOM   593  C  CB  . VAL A 1 77  ? 1.558   -10.959 9.021   1.00 39.40  ? 77  VAL A CB  1 
ATOM   594  C  CG1 . VAL A 1 77  ? 1.251   -10.931 10.573  1.00 37.88  ? 77  VAL A CG1 1 
ATOM   595  C  CG2 . VAL A 1 77  ? 1.367   -9.566  8.470   1.00 33.77  ? 77  VAL A CG2 1 
ATOM   596  N  N   . PHE A 1 78  ? 3.929   -13.084 10.309  1.00 43.56  ? 78  PHE A N   1 
ATOM   597  C  CA  . PHE A 1 78  ? 4.023   -14.323 11.070  1.00 46.25  ? 78  PHE A CA  1 
ATOM   598  C  C   . PHE A 1 78  ? 3.561   -14.143 12.538  1.00 48.63  ? 78  PHE A C   1 
ATOM   599  O  O   . PHE A 1 78  ? 4.015   -13.224 13.275  1.00 47.11  ? 78  PHE A O   1 
ATOM   600  C  CB  . PHE A 1 78  ? 5.462   -14.868 11.051  1.00 45.75  ? 78  PHE A CB  1 
ATOM   601  C  CG  . PHE A 1 78  ? 5.995   -15.099 9.667   1.00 46.14  ? 78  PHE A CG  1 
ATOM   602  C  CD1 . PHE A 1 78  ? 6.044   -16.378 9.159   1.00 45.17  ? 78  PHE A CD1 1 
ATOM   603  C  CD2 . PHE A 1 78  ? 6.455   -14.015 8.881   1.00 43.18  ? 78  PHE A CD2 1 
ATOM   604  C  CE1 . PHE A 1 78  ? 6.549   -16.590 7.920   1.00 50.83  ? 78  PHE A CE1 1 
ATOM   605  C  CE2 . PHE A 1 78  ? 6.938   -14.204 7.639   1.00 45.84  ? 78  PHE A CE2 1 
ATOM   606  C  CZ  . PHE A 1 78  ? 6.991   -15.474 7.122   1.00 50.00  ? 78  PHE A CZ  1 
ATOM   607  N  N   . VAL A 1 79  ? 2.686   -15.054 12.947  1.00 51.12  ? 79  VAL A N   1 
ATOM   608  C  CA  . VAL A 1 79  ? 2.252   -15.118 14.335  1.00 54.48  ? 79  VAL A CA  1 
ATOM   609  C  C   . VAL A 1 79  ? 2.609   -16.483 14.955  1.00 56.03  ? 79  VAL A C   1 
ATOM   610  O  O   . VAL A 1 79  ? 2.218   -17.516 14.429  1.00 55.93  ? 79  VAL A O   1 
ATOM   611  C  CB  . VAL A 1 79  ? 0.767   -14.882 14.424  1.00 55.04  ? 79  VAL A CB  1 
ATOM   612  C  CG1 . VAL A 1 79  ? 0.204   -15.336 15.807  1.00 55.63  ? 79  VAL A CG1 1 
ATOM   613  C  CG2 . VAL A 1 79  ? 0.484   -13.412 14.132  1.00 55.92  ? 79  VAL A CG2 1 
ATOM   614  N  N   . CYS A 1 80  ? 3.389   -16.469 16.028  1.00 57.48  ? 80  CYS A N   1 
ATOM   615  C  CA  . CYS A 1 80  ? 3.737   -17.692 16.772  1.00 61.25  ? 80  CYS A CA  1 
ATOM   616  C  C   . CYS A 1 80  ? 4.498   -18.730 15.995  1.00 61.47  ? 80  CYS A C   1 
ATOM   617  O  O   . CYS A 1 80  ? 4.342   -19.931 16.278  1.00 62.45  ? 80  CYS A O   1 
ATOM   618  C  CB  . CYS A 1 80  ? 2.503   -18.378 17.380  1.00 61.45  ? 80  CYS A CB  1 
ATOM   619  S  SG  . CYS A 1 80  ? 1.816   -17.417 18.730  1.00 68.34  ? 80  CYS A SG  1 
ATOM   620  N  N   . GLY A 1 81  ? 5.297   -18.298 15.019  1.00 60.52  ? 81  GLY A N   1 
ATOM   621  C  CA  . GLY A 1 81  ? 6.010   -19.248 14.182  1.00 59.49  ? 81  GLY A CA  1 
ATOM   622  C  C   . GLY A 1 81  ? 5.288   -19.656 12.912  1.00 58.85  ? 81  GLY A C   1 
ATOM   623  O  O   . GLY A 1 81  ? 5.874   -20.316 12.052  1.00 59.00  ? 81  GLY A O   1 
ATOM   624  N  N   . LYS A 1 82  ? 4.014   -19.313 12.810  1.00 57.66  ? 82  LYS A N   1 
ATOM   625  C  CA  . LYS A 1 82  ? 3.240   -19.608 11.608  1.00 57.74  ? 82  LYS A CA  1 
ATOM   626  C  C   . LYS A 1 82  ? 2.960   -18.360 10.680  1.00 55.89  ? 82  LYS A C   1 
ATOM   627  O  O   . LYS A 1 82  ? 2.700   -17.219 11.145  1.00 53.89  ? 82  LYS A O   1 
ATOM   628  C  CB  . LYS A 1 82  ? 1.914   -20.332 11.946  1.00 59.12  ? 82  LYS A CB  1 
ATOM   629  C  CG  . LYS A 1 82  ? 2.021   -21.763 12.611  1.00 64.05  ? 82  LYS A CG  1 
ATOM   630  C  CD  . LYS A 1 82  ? 1.627   -21.694 14.144  1.00 72.02  ? 82  LYS A CD  1 
ATOM   631  C  CE  . LYS A 1 82  ? 0.072   -21.626 14.436  1.00 74.20  ? 82  LYS A CE  1 
ATOM   632  N  NZ  . LYS A 1 82  ? -0.301  -21.423 15.928  1.00 77.86  ? 82  LYS A NZ  1 
ATOM   633  N  N   . HIS A 1 83  ? 2.990   -18.637 9.376   1.00 54.00  ? 83  HIS A N   1 
ATOM   634  C  CA  . HIS A 1 83  ? 2.789   -17.634 8.339   1.00 52.21  ? 83  HIS A CA  1 
ATOM   635  C  C   . HIS A 1 83  ? 1.302   -17.453 8.117   1.00 52.03  ? 83  HIS A C   1 
ATOM   636  O  O   . HIS A 1 83  ? 0.615   -18.424 7.845   1.00 49.24  ? 83  HIS A O   1 
ATOM   637  C  CB  . HIS A 1 83  ? 3.537   -18.044 7.043   1.00 50.95  ? 83  HIS A CB  1 
ATOM   638  C  CG  . HIS A 1 83  ? 3.269   -17.142 5.880   1.00 48.69  ? 83  HIS A CG  1 
ATOM   639  N  ND1 . HIS A 1 83  ? 2.661   -17.582 4.736   1.00 47.64  ? 83  HIS A ND1 1 
ATOM   640  C  CD2 . HIS A 1 83  ? 3.491   -15.818 5.697   1.00 48.53  ? 83  HIS A CD2 1 
ATOM   641  C  CE1 . HIS A 1 83  ? 2.533   -16.576 3.885   1.00 48.41  ? 83  HIS A CE1 1 
ATOM   642  N  NE2 . HIS A 1 83  ? 3.040   -15.497 4.438   1.00 44.84  ? 83  HIS A NE2 1 
ATOM   643  N  N   . ILE A 1 84  ? 0.841   -16.198 8.216   1.00 53.02  ? 84  ILE A N   1 
ATOM   644  C  CA  . ILE A 1 84  ? -0.577  -15.837 8.178   1.00 54.38  ? 84  ILE A CA  1 
ATOM   645  C  C   . ILE A 1 84  ? -1.222  -15.480 6.827   1.00 54.38  ? 84  ILE A C   1 
ATOM   646  O  O   . ILE A 1 84  ? -2.449  -15.608 6.720   1.00 55.80  ? 84  ILE A O   1 
ATOM   647  C  CB  . ILE A 1 84  ? -0.867  -14.625 9.066   1.00 54.97  ? 84  ILE A CB  1 
ATOM   648  C  CG1 . ILE A 1 84  ? -0.411  -14.847 10.477  1.00 56.67  ? 84  ILE A CG1 1 
ATOM   649  C  CG2 . ILE A 1 84  ? -2.336  -14.298 9.122   1.00 53.58  ? 84  ILE A CG2 1 
ATOM   650  C  CD1 . ILE A 1 84  ? -0.735  -13.586 11.296  1.00 56.55  ? 84  ILE A CD1 1 
ATOM   651  N  N   . GLY A 1 85  ? -0.542  -14.914 5.830   1.00 53.36  ? 85  GLY A N   1 
ATOM   652  C  CA  . GLY A 1 85  ? 0.599   -14.043 5.918   1.00 51.25  ? 85  GLY A CA  1 
ATOM   653  C  C   . GLY A 1 85  ? 0.396   -12.618 5.407   1.00 48.46  ? 85  GLY A C   1 
ATOM   654  O  O   . GLY A 1 85  ? 1.157   -11.786 5.785   1.00 47.98  ? 85  GLY A O   1 
ATOM   655  N  N   . GLY A 1 86  ? -0.658  -12.299 4.657   1.00 48.12  ? 86  GLY A N   1 
ATOM   656  C  CA  . GLY A 1 86  ? -0.969  -10.853 4.265   1.00 47.42  ? 86  GLY A CA  1 
ATOM   657  C  C   . GLY A 1 86  ? -1.843  -9.952  5.169   1.00 48.02  ? 86  GLY A C   1 
ATOM   658  O  O   . GLY A 1 86  ? -2.263  -10.366 6.243   1.00 47.72  ? 86  GLY A O   1 
ATOM   659  N  N   . CYS A 1 87  ? -2.113  -8.705  4.758   1.00 47.77  ? 87  CYS A N   1 
ATOM   660  C  CA  . CYS A 1 87  ? -2.977  -7.806  5.511   1.00 48.14  ? 87  CYS A CA  1 
ATOM   661  C  C   . CYS A 1 87  ? -4.480  -8.215  5.532   1.00 49.33  ? 87  CYS A C   1 
ATOM   662  O  O   . CYS A 1 87  ? -5.132  -8.132  6.559   1.00 47.49  ? 87  CYS A O   1 
ATOM   663  C  CB  . CYS A 1 87  ? -2.873  -6.397  4.985   1.00 48.82  ? 87  CYS A CB  1 
ATOM   664  S  SG  . CYS A 1 87  ? -3.888  -5.141  5.919   1.00 51.67  ? 87  CYS A SG  1 
ATOM   665  N  N   . THR A 1 88  ? -5.032  -8.672  4.415   1.00 50.20  ? 88  THR A N   1 
ATOM   666  C  CA  . THR A 1 88  ? -6.390  -9.043  4.461   1.00 51.18  ? 88  THR A CA  1 
ATOM   667  C  C   . THR A 1 88  ? -6.525  -10.407 5.097   1.00 52.47  ? 88  THR A C   1 
ATOM   668  O  O   . THR A 1 88  ? -7.572  -10.643 5.657   1.00 54.25  ? 88  THR A O   1 
ATOM   669  C  CB  . THR A 1 88  ? -7.156  -8.943  3.112   1.00 52.22  ? 88  THR A CB  1 
ATOM   670  O  OG1 . THR A 1 88  ? -6.871  -10.108 2.361   1.00 56.37  ? 88  THR A OG1 1 
ATOM   671  C  CG2 . THR A 1 88  ? -6.849  -7.635  2.277   1.00 48.05  ? 88  THR A CG2 1 
ATOM   672  N  N   . ASP A 1 89  ? -5.495  -11.271 5.068   1.00 52.49  ? 89  ASP A N   1 
ATOM   673  C  CA  . ASP A 1 89  ? -5.483  -12.526 5.833   1.00 53.41  ? 89  ASP A CA  1 
ATOM   674  C  C   . ASP A 1 89  ? -5.427  -12.385 7.341   1.00 53.73  ? 89  ASP A C   1 
ATOM   675  O  O   . ASP A 1 89  ? -5.976  -13.232 8.061   1.00 53.71  ? 89  ASP A O   1 
ATOM   676  C  CB  . ASP A 1 89  ? -4.300  -13.382 5.503   1.00 53.68  ? 89  ASP A CB  1 
ATOM   677  C  CG  . ASP A 1 89  ? -4.371  -13.943 4.141   1.00 60.86  ? 89  ASP A CG  1 
ATOM   678  O  OD1 . ASP A 1 89  ? -3.429  -13.653 3.338   1.00 67.36  ? 89  ASP A OD1 1 
ATOM   679  O  OD2 . ASP A 1 89  ? -5.363  -14.664 3.861   1.00 65.30  ? 89  ASP A OD2 1 
ATOM   680  N  N   . THR A 1 90  ? -4.692  -11.373 7.800   1.00 53.60  ? 90  THR A N   1 
ATOM   681  C  CA  . THR A 1 90  ? -4.548  -11.054 9.211   1.00 53.25  ? 90  THR A CA  1 
ATOM   682  C  C   . THR A 1 90  ? -5.796  -10.349 9.653   1.00 54.52  ? 90  THR A C   1 
ATOM   683  O  O   . THR A 1 90  ? -6.303  -10.609 10.716  1.00 53.64  ? 90  THR A O   1 
ATOM   684  C  CB  . THR A 1 90  ? -3.341  -10.079 9.466   1.00 53.12  ? 90  THR A CB  1 
ATOM   685  O  OG1 . THR A 1 90  ? -2.118  -10.661 8.956   1.00 48.48  ? 90  THR A OG1 1 
ATOM   686  C  CG2 . THR A 1 90  ? -3.204  -9.697  10.977  1.00 49.14  ? 90  THR A CG2 1 
ATOM   687  N  N   . VAL A 1 91  ? -6.287  -9.435  8.833   1.00 56.65  ? 91  VAL A N   1 
ATOM   688  C  CA  . VAL A 1 91  ? -7.519  -8.761  9.164   1.00 59.03  ? 91  VAL A CA  1 
ATOM   689  C  C   . VAL A 1 91  ? -8.690  -9.752  9.274   1.00 62.19  ? 91  VAL A C   1 
ATOM   690  O  O   . VAL A 1 91  ? -9.493  -9.660  10.221  1.00 63.36  ? 91  VAL A O   1 
ATOM   691  C  CB  . VAL A 1 91  ? -7.835  -7.613  8.204   1.00 58.77  ? 91  VAL A CB  1 
ATOM   692  C  CG1 . VAL A 1 91  ? -9.308  -7.203  8.320   1.00 59.73  ? 91  VAL A CG1 1 
ATOM   693  C  CG2 . VAL A 1 91  ? -6.929  -6.419  8.510   1.00 57.34  ? 91  VAL A CG2 1 
ATOM   694  N  N   . LYS A 1 92  ? -8.788  -10.707 8.348   1.00 65.15  ? 92  LYS A N   1 
ATOM   695  C  CA  . LYS A 1 92  ? -9.935  -11.623 8.328   1.00 67.35  ? 92  LYS A CA  1 
ATOM   696  C  C   . LYS A 1 92  ? -9.825  -12.613 9.472   1.00 68.50  ? 92  LYS A C   1 
ATOM   697  O  O   . LYS A 1 92  ? -10.843 -13.083 10.009  1.00 69.29  ? 92  LYS A O   1 
ATOM   698  C  CB  . LYS A 1 92  ? -10.113 -12.308 6.953   1.00 67.56  ? 92  LYS A CB  1 
ATOM   699  C  CG  . LYS A 1 92  ? -9.859  -13.867 6.897   1.00 71.31  ? 92  LYS A CG  1 
ATOM   700  C  CD  . LYS A 1 92  ? -10.269 -14.544 5.511   1.00 72.72  ? 92  LYS A CD  1 
ATOM   701  C  CE  . LYS A 1 92  ? -10.254 -16.081 5.644   1.00 76.63  ? 92  LYS A CE  1 
ATOM   702  N  NZ  . LYS A 1 92  ? -11.527 -16.724 5.141   1.00 79.07  ? 92  LYS A NZ  1 
ATOM   703  N  N   . LEU A 1 93  ? -8.592  -12.896 9.868   1.00 69.57  ? 93  LEU A N   1 
ATOM   704  C  CA  . LEU A 1 93  ? -8.336  -13.817 10.950  1.00 70.96  ? 93  LEU A CA  1 
ATOM   705  C  C   . LEU A 1 93  ? -8.419  -13.137 12.326  1.00 72.36  ? 93  LEU A C   1 
ATOM   706  O  O   . LEU A 1 93  ? -8.058  -13.721 13.338  1.00 73.32  ? 93  LEU A O   1 
ATOM   707  C  CB  . LEU A 1 93  ? -6.960  -14.400 10.777  1.00 70.65  ? 93  LEU A CB  1 
ATOM   708  C  CG  . LEU A 1 93  ? -6.643  -15.781 11.284  1.00 70.67  ? 93  LEU A CG  1 
ATOM   709  C  CD1 . LEU A 1 93  ? -7.390  -16.811 10.462  1.00 70.90  ? 93  LEU A CD1 1 
ATOM   710  C  CD2 . LEU A 1 93  ? -5.159  -15.912 11.080  1.00 71.92  ? 93  LEU A CD2 1 
ATOM   711  N  N   . ASN A 1 94  ? -8.895  -11.908 12.360  1.00 73.82  ? 94  ASN A N   1 
ATOM   712  C  CA  . ASN A 1 94  ? -8.974  -11.140 13.598  1.00 75.45  ? 94  ASN A CA  1 
ATOM   713  C  C   . ASN A 1 94  ? -10.388 -10.540 13.737  1.00 77.16  ? 94  ASN A C   1 
ATOM   714  O  O   . ASN A 1 94  ? -10.728 -9.902  14.753  1.00 77.33  ? 94  ASN A O   1 
ATOM   715  C  CB  . ASN A 1 94  ? -7.924  -10.046 13.578  1.00 74.45  ? 94  ASN A CB  1 
ATOM   716  C  CG  . ASN A 1 94  ? -7.896  -9.233  14.845  1.00 72.73  ? 94  ASN A CG  1 
ATOM   717  O  OD1 . ASN A 1 94  ? -7.429  -9.704  15.871  1.00 69.81  ? 94  ASN A OD1 1 
ATOM   718  N  ND2 . ASN A 1 94  ? -8.350  -7.979  14.763  1.00 69.07  ? 94  ASN A ND2 1 
ATOM   719  N  N   . ARG A 1 95  ? -11.186 -10.718 12.683  1.00 78.53  ? 95  ARG A N   1 
ATOM   720  C  CA  . ARG A 1 95  ? -12.615 -10.515 12.770  1.00 79.75  ? 95  ARG A CA  1 
ATOM   721  C  C   . ARG A 1 95  ? -13.180 -11.851 13.241  1.00 80.69  ? 95  ARG A C   1 
ATOM   722  O  O   . ARG A 1 95  ? -13.761 -11.893 14.335  1.00 80.66  ? 95  ARG A O   1 
ATOM   723  C  CB  . ARG A 1 95  ? -13.211 -9.982  11.464  1.00 79.71  ? 95  ARG A CB  1 
ATOM   724  C  CG  . ARG A 1 95  ? -12.769 -8.531  11.207  1.00 81.23  ? 95  ARG A CG  1 
ATOM   725  C  CD  . ARG A 1 95  ? -13.828 -7.674  10.539  1.00 82.59  ? 95  ARG A CD  1 
ATOM   726  N  NE  . ARG A 1 95  ? -13.742 -7.656  9.077   1.00 81.42  ? 95  ARG A NE  1 
ATOM   727  C  CZ  . ARG A 1 95  ? -13.211 -6.671  8.351   1.00 80.10  ? 95  ARG A CZ  1 
ATOM   728  N  NH1 . ARG A 1 95  ? -13.221 -6.752  7.033   1.00 77.64  ? 95  ARG A NH1 1 
ATOM   729  N  NH2 . ARG A 1 95  ? -12.673 -5.601  8.928   1.00 80.35  ? 95  ARG A NH2 1 
ATOM   730  N  N   . LYS A 1 96  ? -12.932 -12.937 12.491  1.00 81.21  ? 96  LYS A N   1 
ATOM   731  C  CA  . LYS A 1 96  ? -13.294 -14.283 12.951  1.00 82.56  ? 96  LYS A CA  1 
ATOM   732  C  C   . LYS A 1 96  ? -12.685 -14.601 14.331  1.00 83.53  ? 96  LYS A C   1 
ATOM   733  O  O   . LYS A 1 96  ? -12.921 -15.676 14.878  1.00 83.56  ? 96  LYS A O   1 
ATOM   734  C  CB  . LYS A 1 96  ? -12.936 -15.393 11.927  1.00 82.84  ? 96  LYS A CB  1 
ATOM   735  C  CG  . LYS A 1 96  ? -11.761 -16.276 12.356  1.00 83.20  ? 96  LYS A CG  1 
ATOM   736  C  CD  . LYS A 1 96  ? -11.836 -17.684 11.808  1.00 85.27  ? 96  LYS A CD  1 
ATOM   737  C  CE  . LYS A 1 96  ? -11.243 -17.791 10.411  1.00 85.77  ? 96  LYS A CE  1 
ATOM   738  N  NZ  . LYS A 1 96  ? -11.491 -19.126 9.797   1.00 85.19  ? 96  LYS A NZ  1 
ATOM   739  N  N   . GLY A 1 97  ? -11.906 -13.659 14.877  1.00 84.79  ? 97  GLY A N   1 
ATOM   740  C  CA  . GLY A 1 97  ? -11.351 -13.740 16.234  1.00 85.38  ? 97  GLY A CA  1 
ATOM   741  C  C   . GLY A 1 97  ? -10.308 -14.805 16.563  1.00 86.23  ? 97  GLY A C   1 
ATOM   742  O  O   . GLY A 1 97  ? -9.919  -14.927 17.731  1.00 86.62  ? 97  GLY A O   1 
ATOM   743  N  N   . ASP A 1 98  ? -9.830  -15.562 15.568  1.00 87.06  ? 98  ASP A N   1 
ATOM   744  C  CA  . ASP A 1 98  ? -8.929  -16.706 15.823  1.00 88.00  ? 98  ASP A CA  1 
ATOM   745  C  C   . ASP A 1 98  ? -7.483  -16.300 16.100  1.00 87.99  ? 98  ASP A C   1 
ATOM   746  O  O   . ASP A 1 98  ? -6.634  -17.149 16.352  1.00 88.16  ? 98  ASP A O   1 
ATOM   747  C  CB  . ASP A 1 98  ? -8.975  -17.713 14.671  1.00 88.49  ? 98  ASP A CB  1 
ATOM   748  C  CG  . ASP A 1 98  ? -8.845  -19.165 15.147  1.00 91.41  ? 98  ASP A CG  1 
ATOM   749  O  OD1 . ASP A 1 98  ? -7.695  -19.688 15.242  1.00 94.07  ? 98  ASP A OD1 1 
ATOM   750  O  OD2 . ASP A 1 98  ? -9.902  -19.787 15.439  1.00 93.93  ? 98  ASP A OD2 1 
ATOM   751  N  N   . LEU A 1 99  ? -7.224  -14.997 16.060  1.00 88.40  ? 99  LEU A N   1 
ATOM   752  C  CA  . LEU A 1 99  ? -5.913  -14.402 16.342  1.00 88.47  ? 99  LEU A CA  1 
ATOM   753  C  C   . LEU A 1 99  ? -5.720  -14.103 17.827  1.00 88.71  ? 99  LEU A C   1 
ATOM   754  O  O   . LEU A 1 99  ? -4.594  -14.177 18.330  1.00 88.76  ? 99  LEU A O   1 
ATOM   755  C  CB  . LEU A 1 99  ? -5.751  -13.114 15.512  1.00 88.27  ? 99  LEU A CB  1 
ATOM   756  C  CG  . LEU A 1 99  ? -4.502  -12.212 15.518  1.00 88.88  ? 99  LEU A CG  1 
ATOM   757  C  CD1 . LEU A 1 99  ? -3.191  -12.975 15.300  1.00 87.25  ? 99  LEU A CD1 1 
ATOM   758  C  CD2 . LEU A 1 99  ? -4.652  -11.105 14.468  1.00 87.69  ? 99  LEU A CD2 1 
ATOM   759  N  N   . GLU A 1 100 ? -6.812  -13.732 18.505  1.00 89.33  ? 100 GLU A N   1 
ATOM   760  C  CA  . GLU A 1 100 ? -6.855  -13.525 19.964  1.00 89.77  ? 100 GLU A CA  1 
ATOM   761  C  C   . GLU A 1 100 ? -6.398  -14.842 20.590  1.00 89.98  ? 100 GLU A C   1 
ATOM   762  O  O   . GLU A 1 100 ? -5.492  -14.871 21.436  1.00 89.56  ? 100 GLU A O   1 
ATOM   763  C  CB  . GLU A 1 100 ? -8.296  -13.156 20.408  1.00 90.10  ? 100 GLU A CB  1 
ATOM   764  C  CG  . GLU A 1 100 ? -8.462  -11.824 21.225  1.00 90.99  ? 100 GLU A CG  1 
ATOM   765  C  CD  . GLU A 1 100 ? -9.590  -10.882 20.703  1.00 92.72  ? 100 GLU A CD  1 
ATOM   766  O  OE1 . GLU A 1 100 ? -9.948  -10.957 19.489  1.00 92.91  ? 100 GLU A OE1 1 
ATOM   767  O  OE2 . GLU A 1 100 ? -10.097 -10.048 21.503  1.00 89.75  ? 100 GLU A OE2 1 
ATOM   768  N  N   . LEU A 1 101 ? -6.995  -15.930 20.106  1.00 90.50  ? 101 LEU A N   1 
ATOM   769  C  CA  . LEU A 1 101 ? -6.686  -17.287 20.550  1.00 91.36  ? 101 LEU A CA  1 
ATOM   770  C  C   . LEU A 1 101 ? -5.234  -17.698 20.298  1.00 92.02  ? 101 LEU A C   1 
ATOM   771  O  O   . LEU A 1 101 ? -4.460  -17.825 21.257  1.00 92.35  ? 101 LEU A O   1 
ATOM   772  C  CB  . LEU A 1 101 ? -7.699  -18.302 19.996  1.00 91.19  ? 101 LEU A CB  1 
ATOM   773  C  CG  . LEU A 1 101 ? -8.973  -18.300 20.861  1.00 91.82  ? 101 LEU A CG  1 
ATOM   774  C  CD1 . LEU A 1 101 ? -10.260 -18.368 20.009  1.00 91.57  ? 101 LEU A CD1 1 
ATOM   775  C  CD2 . LEU A 1 101 ? -8.914  -19.410 21.941  1.00 91.95  ? 101 LEU A CD2 1 
ATOM   776  N  N   . MET A 1 102 ? -4.850  -17.879 19.032  1.00 92.40  ? 102 MET A N   1 
ATOM   777  C  CA  . MET A 1 102 ? -3.487  -18.330 18.715  1.00 92.52  ? 102 MET A CA  1 
ATOM   778  C  C   . MET A 1 102 ? -2.381  -17.463 19.323  1.00 92.32  ? 102 MET A C   1 
ATOM   779  O  O   . MET A 1 102 ? -1.245  -17.912 19.433  1.00 92.25  ? 102 MET A O   1 
ATOM   780  C  CB  . MET A 1 102 ? -3.285  -18.492 17.210  1.00 93.01  ? 102 MET A CB  1 
ATOM   781  C  CG  . MET A 1 102 ? -3.083  -17.193 16.449  1.00 94.33  ? 102 MET A CG  1 
ATOM   782  S  SD  . MET A 1 102 ? -3.297  -17.407 14.662  1.00 99.42  ? 102 MET A SD  1 
ATOM   783  C  CE  . MET A 1 102 ? -1.845  -18.383 14.197  1.00 97.91  ? 102 MET A CE  1 
ATOM   784  N  N   . LEU A 1 103 ? -2.705  -16.240 19.732  1.00 92.10  ? 103 LEU A N   1 
ATOM   785  C  CA  . LEU A 1 103 ? -1.725  -15.449 20.455  1.00 92.65  ? 103 LEU A CA  1 
ATOM   786  C  C   . LEU A 1 103 ? -1.426  -16.045 21.838  1.00 93.47  ? 103 LEU A C   1 
ATOM   787  O  O   . LEU A 1 103 ? -0.461  -15.637 22.495  1.00 93.83  ? 103 LEU A O   1 
ATOM   788  C  CB  . LEU A 1 103 ? -2.112  -13.959 20.524  1.00 92.07  ? 103 LEU A CB  1 
ATOM   789  C  CG  . LEU A 1 103 ? -1.601  -13.094 19.351  1.00 91.68  ? 103 LEU A CG  1 
ATOM   790  C  CD1 . LEU A 1 103 ? -2.411  -11.804 19.146  1.00 89.91  ? 103 LEU A CD1 1 
ATOM   791  C  CD2 . LEU A 1 103 ? -0.124  -12.760 19.500  1.00 90.67  ? 103 LEU A CD2 1 
ATOM   792  N  N   . ALA A 1 104 ? -2.224  -17.039 22.257  1.00 94.41  ? 104 ALA A N   1 
ATOM   793  C  CA  . ALA A 1 104 ? -2.170  -17.598 23.632  1.00 94.44  ? 104 ALA A CA  1 
ATOM   794  C  C   . ALA A 1 104 ? -1.729  -19.077 23.712  1.00 94.80  ? 104 ALA A C   1 
ATOM   795  O  O   . ALA A 1 104 ? -2.489  -19.977 23.360  1.00 94.67  ? 104 ALA A O   1 
ATOM   796  C  CB  . ALA A 1 104 ? -3.508  -17.387 24.330  1.00 94.17  ? 104 ALA A CB  1 
ATOM   797  N  N   . GLU A 1 105 ? -0.476  -19.331 24.097  1.00 95.20  ? 105 GLU A N   1 
ATOM   798  C  CA  . GLU A 1 105 ? 0.562   -18.303 24.134  1.00 95.42  ? 105 GLU A CA  1 
ATOM   799  C  C   . GLU A 1 105 ? 1.340   -18.333 22.815  1.00 95.11  ? 105 GLU A C   1 
ATOM   800  O  O   . GLU A 1 105 ? 1.736   -19.402 22.363  1.00 94.35  ? 105 GLU A O   1 
ATOM   801  C  CB  . GLU A 1 105 ? 1.521   -18.514 25.309  1.00 95.68  ? 105 GLU A CB  1 
ATOM   802  C  CG  . GLU A 1 105 ? 2.725   -17.549 25.311  1.00 96.06  ? 105 GLU A CG  1 
ATOM   803  C  CD  . GLU A 1 105 ? 2.311   -16.091 25.128  1.00 96.64  ? 105 GLU A CD  1 
ATOM   804  O  OE1 . GLU A 1 105 ? 1.487   -15.592 25.926  1.00 96.05  ? 105 GLU A OE1 1 
ATOM   805  O  OE2 . GLU A 1 105 ? 2.802   -15.445 24.179  1.00 97.14  ? 105 GLU A OE2 1 
ATOM   806  N  N   . SER B 1 6   ? 6.586   26.341  -13.380 1.00 78.63  ? 6   SER B N   1 
ATOM   807  C  CA  . SER B 1 6   ? 7.406   25.157  -13.806 1.00 78.88  ? 6   SER B CA  1 
ATOM   808  C  C   . SER B 1 6   ? 6.683   24.266  -14.844 1.00 78.12  ? 6   SER B C   1 
ATOM   809  O  O   . SER B 1 6   ? 5.436   24.293  -14.950 1.00 77.31  ? 6   SER B O   1 
ATOM   810  C  CB  . SER B 1 6   ? 7.858   24.308  -12.580 1.00 78.89  ? 6   SER B CB  1 
ATOM   811  O  OG  . SER B 1 6   ? 6.759   23.628  -11.947 1.00 80.08  ? 6   SER B OG  1 
ATOM   812  N  N   . ARG B 1 7   ? 7.489   23.480  -15.571 1.00 77.63  ? 7   ARG B N   1 
ATOM   813  C  CA  . ARG B 1 7   ? 7.045   22.492  -16.567 1.00 77.16  ? 7   ARG B CA  1 
ATOM   814  C  C   . ARG B 1 7   ? 6.282   21.307  -15.972 1.00 76.00  ? 7   ARG B C   1 
ATOM   815  O  O   . ARG B 1 7   ? 5.616   20.592  -16.716 1.00 76.83  ? 7   ARG B O   1 
ATOM   816  C  CB  . ARG B 1 7   ? 8.236   21.973  -17.410 1.00 78.17  ? 7   ARG B CB  1 
ATOM   817  C  CG  . ARG B 1 7   ? 7.845   21.427  -18.832 1.00 81.64  ? 7   ARG B CG  1 
ATOM   818  C  CD  . ARG B 1 7   ? 9.032   20.993  -19.753 1.00 87.58  ? 7   ARG B CD  1 
ATOM   819  N  NE  . ARG B 1 7   ? 10.125  21.981  -19.835 1.00 91.68  ? 7   ARG B NE  1 
ATOM   820  C  CZ  . ARG B 1 7   ? 11.396  21.761  -19.464 1.00 93.56  ? 7   ARG B CZ  1 
ATOM   821  N  NH1 . ARG B 1 7   ? 12.295  22.727  -19.579 1.00 92.66  ? 7   ARG B NH1 1 
ATOM   822  N  NH2 . ARG B 1 7   ? 11.786  20.571  -19.002 1.00 94.07  ? 7   ARG B NH2 1 
ATOM   823  N  N   . MET B 1 8   ? 6.358   21.079  -14.660 1.00 74.38  ? 8   MET B N   1 
ATOM   824  C  CA  . MET B 1 8   ? 5.535   20.014  -14.085 1.00 73.18  ? 8   MET B CA  1 
ATOM   825  C  C   . MET B 1 8   ? 4.117   20.504  -13.836 1.00 71.43  ? 8   MET B C   1 
ATOM   826  O  O   . MET B 1 8   ? 3.185   19.777  -14.041 1.00 70.75  ? 8   MET B O   1 
ATOM   827  C  CB  . MET B 1 8   ? 6.114   19.440  -12.794 1.00 73.42  ? 8   MET B CB  1 
ATOM   828  C  CG  . MET B 1 8   ? 7.627   19.335  -12.759 1.00 76.34  ? 8   MET B CG  1 
ATOM   829  S  SD  . MET B 1 8   ? 8.204   17.735  -12.121 1.00 78.00  ? 8   MET B SD  1 
ATOM   830  C  CE  . MET B 1 8   ? 7.945   16.716  -13.596 1.00 73.61  ? 8   MET B CE  1 
ATOM   831  N  N   . GLU B 1 9   ? 3.975   21.749  -13.406 1.00 70.38  ? 9   GLU B N   1 
ATOM   832  C  CA  . GLU B 1 9   ? 2.671   22.368  -13.132 1.00 69.92  ? 9   GLU B CA  1 
ATOM   833  C  C   . GLU B 1 9   ? 1.770   22.393  -14.345 1.00 68.79  ? 9   GLU B C   1 
ATOM   834  O  O   . GLU B 1 9   ? 0.574   22.109  -14.248 1.00 67.69  ? 9   GLU B O   1 
ATOM   835  C  CB  . GLU B 1 9   ? 2.893   23.776  -12.653 1.00 70.24  ? 9   GLU B CB  1 
ATOM   836  C  CG  . GLU B 1 9   ? 1.708   24.558  -12.246 1.00 72.88  ? 9   GLU B CG  1 
ATOM   837  C  CD  . GLU B 1 9   ? 2.160   25.701  -11.376 1.00 78.30  ? 9   GLU B CD  1 
ATOM   838  O  OE1 . GLU B 1 9   ? 2.756   25.394  -10.306 1.00 81.40  ? 9   GLU B OE1 1 
ATOM   839  O  OE2 . GLU B 1 9   ? 1.976   26.882  -11.766 1.00 80.24  ? 9   GLU B OE2 1 
ATOM   840  N  N   . GLU B 1 10  ? 2.377   22.727  -15.478 1.00 68.40  ? 10  GLU B N   1 
ATOM   841  C  CA  . GLU B 1 10  ? 1.698   22.735  -16.767 1.00 68.63  ? 10  GLU B CA  1 
ATOM   842  C  C   . GLU B 1 10  ? 1.269   21.332  -17.121 1.00 67.43  ? 10  GLU B C   1 
ATOM   843  O  O   . GLU B 1 10  ? 0.231   21.138  -17.761 1.00 67.30  ? 10  GLU B O   1 
ATOM   844  C  CB  . GLU B 1 10  ? 2.630   23.267  -17.875 1.00 69.27  ? 10  GLU B CB  1 
ATOM   845  C  CG  . GLU B 1 10  ? 2.933   24.730  -17.700 1.00 72.58  ? 10  GLU B CG  1 
ATOM   846  C  CD  . GLU B 1 10  ? 4.248   25.196  -18.336 1.00 77.56  ? 10  GLU B CD  1 
ATOM   847  O  OE1 . GLU B 1 10  ? 4.813   24.461  -19.210 1.00 78.35  ? 10  GLU B OE1 1 
ATOM   848  O  OE2 . GLU B 1 10  ? 4.687   26.327  -17.948 1.00 78.33  ? 10  GLU B OE2 1 
ATOM   849  N  N   . SER B 1 11  ? 2.085   20.356  -16.731 1.00 66.01  ? 11  SER B N   1 
ATOM   850  C  CA  . SER B 1 11  ? 1.812   18.981  -17.118 1.00 64.49  ? 11  SER B CA  1 
ATOM   851  C  C   . SER B 1 11  ? 0.579   18.474  -16.368 1.00 62.74  ? 11  SER B C   1 
ATOM   852  O  O   . SER B 1 11  ? -0.309  17.847  -16.950 1.00 61.01  ? 11  SER B O   1 
ATOM   853  C  CB  . SER B 1 11  ? 3.027   18.117  -16.857 1.00 64.37  ? 11  SER B CB  1 
ATOM   854  O  OG  . SER B 1 11  ? 2.858   16.876  -17.514 1.00 65.93  ? 11  SER B OG  1 
ATOM   855  N  N   . ILE B 1 12  ? 0.545   18.791  -15.076 1.00 61.30  ? 12  ILE B N   1 
ATOM   856  C  CA  . ILE B 1 12  ? -0.566  18.448  -14.202 1.00 60.69  ? 12  ILE B CA  1 
ATOM   857  C  C   . ILE B 1 12  ? -1.846  19.174  -14.620 1.00 61.21  ? 12  ILE B C   1 
ATOM   858  O  O   . ILE B 1 12  ? -2.845  18.515  -14.952 1.00 60.46  ? 12  ILE B O   1 
ATOM   859  C  CB  . ILE B 1 12  ? -0.210  18.720  -12.737 1.00 59.85  ? 12  ILE B CB  1 
ATOM   860  C  CG1 . ILE B 1 12  ? 1.004   17.854  -12.370 1.00 59.02  ? 12  ILE B CG1 1 
ATOM   861  C  CG2 . ILE B 1 12  ? -1.454  18.521  -11.814 1.00 57.72  ? 12  ILE B CG2 1 
ATOM   862  C  CD1 . ILE B 1 12  ? 1.597   18.187  -11.008 1.00 62.35  ? 12  ILE B CD1 1 
ATOM   863  N  N   . ARG B 1 13  ? -1.797  20.518  -14.630 1.00 62.12  ? 13  ARG B N   1 
ATOM   864  C  CA  . ARG B 1 13  ? -2.929  21.363  -15.122 1.00 63.08  ? 13  ARG B CA  1 
ATOM   865  C  C   . ARG B 1 13  ? -3.502  20.868  -16.486 1.00 62.95  ? 13  ARG B C   1 
ATOM   866  O  O   . ARG B 1 13  ? -4.730  20.756  -16.616 1.00 63.52  ? 13  ARG B O   1 
ATOM   867  C  CB  . ARG B 1 13  ? -2.583  22.865  -15.121 1.00 63.29  ? 13  ARG B CB  1 
ATOM   868  C  CG  . ARG B 1 13  ? -2.390  23.512  -13.696 1.00 65.58  ? 13  ARG B CG  1 
ATOM   869  C  CD  . ARG B 1 13  ? -2.146  25.053  -13.803 1.00 72.57  ? 13  ARG B CD  1 
ATOM   870  N  NE  . ARG B 1 13  ? -1.804  25.747  -12.539 1.00 76.78  ? 13  ARG B NE  1 
ATOM   871  C  CZ  . ARG B 1 13  ? -2.573  25.775  -11.438 1.00 78.34  ? 13  ARG B CZ  1 
ATOM   872  N  NH1 . ARG B 1 13  ? -2.180  26.449  -10.362 1.00 76.08  ? 13  ARG B NH1 1 
ATOM   873  N  NH2 . ARG B 1 13  ? -3.736  25.111  -11.393 1.00 80.17  ? 13  ARG B NH2 1 
ATOM   874  N  N   . LYS B 1 14  ? -2.639  20.465  -17.427 1.00 61.57  ? 14  LYS B N   1 
ATOM   875  C  CA  . LYS B 1 14  ? -3.099  19.861  -18.678 1.00 62.32  ? 14  LYS B CA  1 
ATOM   876  C  C   . LYS B 1 14  ? -3.669  18.435  -18.600 1.00 61.42  ? 14  LYS B C   1 
ATOM   877  O  O   . LYS B 1 14  ? -4.680  18.126  -19.266 1.00 61.53  ? 14  LYS B O   1 
ATOM   878  C  CB  . LYS B 1 14  ? -2.023  19.927  -19.787 1.00 62.55  ? 14  LYS B CB  1 
ATOM   879  C  CG  . LYS B 1 14  ? -2.003  21.293  -20.604 1.00 67.04  ? 14  LYS B CG  1 
ATOM   880  C  CD  . LYS B 1 14  ? -1.067  21.254  -21.893 1.00 72.74  ? 14  LYS B CD  1 
ATOM   881  C  CE  . LYS B 1 14  ? 0.227   22.112  -21.782 1.00 74.50  ? 14  LYS B CE  1 
ATOM   882  N  NZ  . LYS B 1 14  ? 0.051   23.537  -22.289 1.00 77.36  ? 14  LYS B NZ  1 
ATOM   883  N  N   . THR B 1 15  ? -3.018  17.553  -17.841 1.00 59.84  ? 15  THR B N   1 
ATOM   884  C  CA  . THR B 1 15  ? -3.477  16.179  -17.775 1.00 58.49  ? 15  THR B CA  1 
ATOM   885  C  C   . THR B 1 15  ? -4.876  16.145  -17.135 1.00 57.51  ? 15  THR B C   1 
ATOM   886  O  O   . THR B 1 15  ? -5.775  15.388  -17.535 1.00 56.00  ? 15  THR B O   1 
ATOM   887  C  CB  . THR B 1 15  ? -2.488  15.313  -16.982 1.00 59.17  ? 15  THR B CB  1 
ATOM   888  O  OG1 . THR B 1 15  ? -1.198  15.441  -17.561 1.00 59.60  ? 15  THR B OG1 1 
ATOM   889  C  CG2 . THR B 1 15  ? -2.900  13.820  -17.005 1.00 57.44  ? 15  THR B CG2 1 
ATOM   890  N  N   . VAL B 1 16  ? -5.036  17.025  -16.173 1.00 56.82  ? 16  VAL B N   1 
ATOM   891  C  CA  . VAL B 1 16  ? -6.194  17.047  -15.335 1.00 58.68  ? 16  VAL B CA  1 
ATOM   892  C  C   . VAL B 1 16  ? -7.450  17.595  -16.041 1.00 59.66  ? 16  VAL B C   1 
ATOM   893  O  O   . VAL B 1 16  ? -8.508  16.945  -16.003 1.00 59.18  ? 16  VAL B O   1 
ATOM   894  C  CB  . VAL B 1 16  ? -5.838  17.758  -14.010 1.00 57.83  ? 16  VAL B CB  1 
ATOM   895  C  CG1 . VAL B 1 16  ? -7.038  18.228  -13.298 1.00 57.55  ? 16  VAL B CG1 1 
ATOM   896  C  CG2 . VAL B 1 16  ? -5.039  16.790  -13.145 1.00 58.36  ? 16  VAL B CG2 1 
ATOM   897  N  N   . THR B 1 17  ? -7.325  18.754  -16.704 1.00 61.15  ? 17  THR B N   1 
ATOM   898  C  CA  . THR B 1 17  ? -8.475  19.364  -17.422 1.00 61.39  ? 17  THR B CA  1 
ATOM   899  C  C   . THR B 1 17  ? -8.862  18.602  -18.719 1.00 61.35  ? 17  THR B C   1 
ATOM   900  O  O   . THR B 1 17  ? -9.949  18.821  -19.272 1.00 61.46  ? 17  THR B O   1 
ATOM   901  C  CB  . THR B 1 17  ? -8.208  20.795  -17.781 1.00 61.12  ? 17  THR B CB  1 
ATOM   902  O  OG1 . THR B 1 17  ? -7.212  20.791  -18.806 1.00 63.45  ? 17  THR B OG1 1 
ATOM   903  C  CG2 . THR B 1 17  ? -7.694  21.553  -16.590 1.00 60.31  ? 17  THR B CG2 1 
ATOM   904  N  N   . GLU B 1 18  ? -8.005  17.673  -19.145 1.00 60.41  ? 18  GLU B N   1 
ATOM   905  C  CA  . GLU B 1 18  ? -8.150  16.975  -20.424 1.00 60.35  ? 18  GLU B CA  1 
ATOM   906  C  C   . GLU B 1 18  ? -8.553  15.532  -20.265 1.00 60.20  ? 18  GLU B C   1 
ATOM   907  O  O   . GLU B 1 18  ? -8.831  14.877  -21.265 1.00 60.86  ? 18  GLU B O   1 
ATOM   908  C  CB  . GLU B 1 18  ? -6.798  16.966  -21.120 1.00 61.14  ? 18  GLU B CB  1 
ATOM   909  C  CG  . GLU B 1 18  ? -6.842  17.059  -22.628 1.00 66.05  ? 18  GLU B CG  1 
ATOM   910  C  CD  . GLU B 1 18  ? -5.475  17.422  -23.239 1.00 70.97  ? 18  GLU B CD  1 
ATOM   911  O  OE1 . GLU B 1 18  ? -5.155  16.950  -24.357 1.00 71.23  ? 18  GLU B OE1 1 
ATOM   912  O  OE2 . GLU B 1 18  ? -4.725  18.197  -22.599 1.00 73.72  ? 18  GLU B OE2 1 
ATOM   913  N  N   . ASN B 1 19  ? -8.513  14.993  -19.029 1.00 59.59  ? 19  ASN B N   1 
ATOM   914  C  CA  . ASN B 1 19  ? -9.077  13.656  -18.734 1.00 57.64  ? 19  ASN B CA  1 
ATOM   915  C  C   . ASN B 1 19  ? -10.105 13.684  -17.591 1.00 57.63  ? 19  ASN B C   1 
ATOM   916  O  O   . ASN B 1 19  ? -9.958  14.481  -16.630 1.00 57.75  ? 19  ASN B O   1 
ATOM   917  C  CB  . ASN B 1 19  ? -7.980  12.654  -18.431 1.00 57.17  ? 19  ASN B CB  1 
ATOM   918  C  CG  . ASN B 1 19  ? -6.920  12.647  -19.479 1.00 54.33  ? 19  ASN B CG  1 
ATOM   919  O  OD1 . ASN B 1 19  ? -6.911  11.760  -20.305 1.00 50.39  ? 19  ASN B OD1 1 
ATOM   920  N  ND2 . ASN B 1 19  ? -6.039  13.674  -19.481 1.00 49.45  ? 19  ASN B ND2 1 
ATOM   921  N  N   . THR B 1 20  ? -11.138 12.839  -17.699 1.00 55.81  ? 20  THR B N   1 
ATOM   922  C  CA  . THR B 1 20  ? -12.234 12.882  -16.733 1.00 55.92  ? 20  THR B CA  1 
ATOM   923  C  C   . THR B 1 20  ? -11.703 12.603  -15.330 1.00 54.80  ? 20  THR B C   1 
ATOM   924  O  O   . THR B 1 20  ? -11.885 13.401  -14.408 1.00 54.40  ? 20  THR B O   1 
ATOM   925  C  CB  . THR B 1 20  ? -13.283 11.785  -17.000 1.00 56.79  ? 20  THR B CB  1 
ATOM   926  O  OG1 . THR B 1 20  ? -13.346 11.469  -18.403 1.00 58.92  ? 20  THR B OG1 1 
ATOM   927  C  CG2 . THR B 1 20  ? -14.641 12.200  -16.428 1.00 57.98  ? 20  THR B CG2 1 
ATOM   928  N  N   . VAL B 1 21  ? -11.040 11.444  -15.224 1.00 53.85  ? 21  VAL B N   1 
ATOM   929  C  CA  . VAL B 1 21  ? -10.348 10.949  -14.047 1.00 51.93  ? 21  VAL B CA  1 
ATOM   930  C  C   . VAL B 1 21  ? -8.817  10.760  -14.301 1.00 50.95  ? 21  VAL B C   1 
ATOM   931  O  O   . VAL B 1 21  ? -8.379  10.012  -15.202 1.00 50.92  ? 21  VAL B O   1 
ATOM   932  C  CB  . VAL B 1 21  ? -10.947 9.556   -13.670 1.00 52.88  ? 21  VAL B CB  1 
ATOM   933  C  CG1 . VAL B 1 21  ? -10.301 9.045   -12.372 1.00 51.76  ? 21  VAL B CG1 1 
ATOM   934  C  CG2 . VAL B 1 21  ? -12.507 9.641   -13.570 1.00 50.81  ? 21  VAL B CG2 1 
ATOM   935  N  N   . VAL B 1 22  ? -8.025  11.407  -13.462 1.00 48.57  ? 22  VAL B N   1 
ATOM   936  C  CA  . VAL B 1 22  ? -6.590  11.212  -13.408 1.00 46.10  ? 22  VAL B CA  1 
ATOM   937  C  C   . VAL B 1 22  ? -6.239  10.604  -12.045 1.00 44.71  ? 22  VAL B C   1 
ATOM   938  O  O   . VAL B 1 22  ? -6.721  11.061  -10.999 1.00 43.85  ? 22  VAL B O   1 
ATOM   939  C  CB  . VAL B 1 22  ? -5.822  12.539  -13.573 1.00 47.31  ? 22  VAL B CB  1 
ATOM   940  C  CG1 . VAL B 1 22  ? -4.314  12.307  -13.488 1.00 47.01  ? 22  VAL B CG1 1 
ATOM   941  C  CG2 . VAL B 1 22  ? -6.161  13.166  -14.918 1.00 46.86  ? 22  VAL B CG2 1 
ATOM   942  N  N   . ILE B 1 23  ? -5.421  9.547   -12.061 1.00 41.97  ? 23  ILE B N   1 
ATOM   943  C  CA  . ILE B 1 23  ? -4.932  8.980   -10.808 1.00 39.52  ? 23  ILE B CA  1 
ATOM   944  C  C   . ILE B 1 23  ? -3.392  9.043   -10.872 1.00 39.42  ? 23  ILE B C   1 
ATOM   945  O  O   . ILE B 1 23  ? -2.776  8.368   -11.712 1.00 37.08  ? 23  ILE B O   1 
ATOM   946  C  CB  . ILE B 1 23  ? -5.359  7.534   -10.686 1.00 39.26  ? 23  ILE B CB  1 
ATOM   947  C  CG1 . ILE B 1 23  ? -6.891  7.350   -10.804 1.00 36.39  ? 23  ILE B CG1 1 
ATOM   948  C  CG2 . ILE B 1 23  ? -4.827  6.947   -9.366  1.00 39.56  ? 23  ILE B CG2 1 
ATOM   949  C  CD1 . ILE B 1 23  ? -7.289  5.876   -10.739 1.00 30.32  ? 23  ILE B CD1 1 
ATOM   950  N  N   . TYR B 1 24  ? -2.799  9.877   -10.019 1.00 38.31  ? 24  TYR B N   1 
ATOM   951  C  CA  . TYR B 1 24  ? -1.363  9.831   -9.732  1.00 37.94  ? 24  TYR B CA  1 
ATOM   952  C  C   . TYR B 1 24  ? -1.133  8.753   -8.708  1.00 38.16  ? 24  TYR B C   1 
ATOM   953  O  O   . TYR B 1 24  ? -1.710  8.781   -7.591  1.00 38.18  ? 24  TYR B O   1 
ATOM   954  C  CB  . TYR B 1 24  ? -0.871  11.170  -9.205  1.00 38.23  ? 24  TYR B CB  1 
ATOM   955  C  CG  . TYR B 1 24  ? -0.903  12.189  -10.319 1.00 38.98  ? 24  TYR B CG  1 
ATOM   956  C  CD1 . TYR B 1 24  ? 0.130   12.250  -11.259 1.00 40.80  ? 24  TYR B CD1 1 
ATOM   957  C  CD2 . TYR B 1 24  ? -2.004  13.006  -10.490 1.00 38.39  ? 24  TYR B CD2 1 
ATOM   958  C  CE1 . TYR B 1 24  ? 0.086   13.134  -12.304 1.00 44.44  ? 24  TYR B CE1 1 
ATOM   959  C  CE2 . TYR B 1 24  ? -2.073  13.887  -11.525 1.00 43.44  ? 24  TYR B CE2 1 
ATOM   960  C  CZ  . TYR B 1 24  ? -1.026  13.978  -12.421 1.00 46.42  ? 24  TYR B CZ  1 
ATOM   961  O  OH  . TYR B 1 24  ? -1.112  14.899  -13.448 1.00 50.08  ? 24  TYR B OH  1 
ATOM   962  N  N   . SER B 1 25  ? -0.280  7.820   -9.088  1.00 36.71  ? 25  SER B N   1 
ATOM   963  C  CA  . SER B 1 25  ? -0.296  6.524   -8.514  1.00 36.85  ? 25  SER B CA  1 
ATOM   964  C  C   . SER B 1 25  ? 1.112   5.880   -8.332  1.00 37.45  ? 25  SER B C   1 
ATOM   965  O  O   . SER B 1 25  ? 2.126   6.452   -8.748  1.00 35.39  ? 25  SER B O   1 
ATOM   966  C  CB  . SER B 1 25  ? -1.127  5.738   -9.478  1.00 36.36  ? 25  SER B CB  1 
ATOM   967  O  OG  . SER B 1 25  ? -1.032  4.397   -9.135  1.00 35.41  ? 25  SER B OG  1 
ATOM   968  N  N   . LYS B 1 26  ? 1.176   4.686   -7.689  1.00 38.57  ? 26  LYS B N   1 
ATOM   969  C  CA  . LYS B 1 26  ? 2.438   3.850   -7.680  1.00 36.73  ? 26  LYS B CA  1 
ATOM   970  C  C   . LYS B 1 26  ? 2.072   2.480   -7.983  1.00 36.75  ? 26  LYS B C   1 
ATOM   971  O  O   . LYS B 1 26  ? 1.043   2.017   -7.475  1.00 36.98  ? 26  LYS B O   1 
ATOM   972  C  CB  . LYS B 1 26  ? 3.235   3.986   -6.421  1.00 37.84  ? 26  LYS B CB  1 
ATOM   973  C  CG  . LYS B 1 26  ? 4.023   5.253   -6.490  1.00 36.36  ? 26  LYS B CG  1 
ATOM   974  C  CD  . LYS B 1 26  ? 4.357   5.756   -5.150  1.00 38.66  ? 26  LYS B CD  1 
ATOM   975  C  CE  . LYS B 1 26  ? 5.247   7.030   -5.298  1.00 41.40  ? 26  LYS B CE  1 
ATOM   976  N  NZ  . LYS B 1 26  ? 5.756   7.590   -3.942  1.00 43.06  ? 26  LYS B NZ  1 
ATOM   977  N  N   . THR B 1 27  ? 2.806   1.855   -8.913  1.00 36.07  ? 27  THR B N   1 
ATOM   978  C  CA  . THR B 1 27  ? 2.411   0.517   -9.368  1.00 36.91  ? 27  THR B CA  1 
ATOM   979  C  C   . THR B 1 27  ? 2.375   -0.506  -8.257  1.00 36.16  ? 27  THR B C   1 
ATOM   980  O  O   . THR B 1 27  ? 1.684   -1.519  -8.413  1.00 36.38  ? 27  THR B O   1 
ATOM   981  C  CB  . THR B 1 27  ? 3.316   -0.096  -10.441 1.00 37.43  ? 27  THR B CB  1 
ATOM   982  O  OG1 . THR B 1 27  ? 4.676   -0.031  -9.989  1.00 41.62  ? 27  THR B OG1 1 
ATOM   983  C  CG2 . THR B 1 27  ? 3.154   0.632   -11.788 1.00 37.63  ? 27  THR B CG2 1 
ATOM   984  N  N   . TRP B 1 28  ? 3.080   -0.263  -7.145  1.00 34.21  ? 28  TRP B N   1 
ATOM   985  C  CA  . TRP B 1 28  ? 3.168   -1.302  -6.164  1.00 34.10  ? 28  TRP B CA  1 
ATOM   986  C  C   . TRP B 1 28  ? 2.121   -1.112  -5.025  1.00 35.65  ? 28  TRP B C   1 
ATOM   987  O  O   . TRP B 1 28  ? 2.086   -1.913  -4.076  1.00 35.50  ? 28  TRP B O   1 
ATOM   988  C  CB  . TRP B 1 28  ? 4.577   -1.288  -5.602  1.00 34.84  ? 28  TRP B CB  1 
ATOM   989  C  CG  . TRP B 1 28  ? 4.915   -0.043  -4.919  1.00 31.28  ? 28  TRP B CG  1 
ATOM   990  C  CD1 . TRP B 1 28  ? 4.266   0.547   -3.829  1.00 31.19  ? 28  TRP B CD1 1 
ATOM   991  C  CD2 . TRP B 1 28  ? 5.998   0.799   -5.251  1.00 31.74  ? 28  TRP B CD2 1 
ATOM   992  N  NE1 . TRP B 1 28  ? 4.905   1.786   -3.501  1.00 27.88  ? 28  TRP B NE1 1 
ATOM   993  C  CE2 . TRP B 1 28  ? 5.970   1.921   -4.373  1.00 32.28  ? 28  TRP B CE2 1 
ATOM   994  C  CE3 . TRP B 1 28  ? 7.009   0.696   -6.179  1.00 36.70  ? 28  TRP B CE3 1 
ATOM   995  C  CZ2 . TRP B 1 28  ? 6.944   2.876   -4.392  1.00 37.59  ? 28  TRP B CZ2 1 
ATOM   996  C  CZ3 . TRP B 1 28  ? 7.949   1.659   -6.229  1.00 40.38  ? 28  TRP B CZ3 1 
ATOM   997  C  CH2 . TRP B 1 28  ? 7.912   2.747   -5.346  1.00 45.62  ? 28  TRP B CH2 1 
ATOM   998  N  N   . CYS B 1 29  ? 1.249   -0.108  -5.144  1.00 34.65  ? 29  CYS B N   1 
ATOM   999  C  CA  . CYS B 1 29  ? 0.453   0.349   -4.011  1.00 35.22  ? 29  CYS B CA  1 
ATOM   1000 C  C   . CYS B 1 29  ? -0.985  -0.203  -4.063  1.00 35.50  ? 29  CYS B C   1 
ATOM   1001 O  O   . CYS B 1 29  ? -1.721  0.081   -5.044  1.00 34.39  ? 29  CYS B O   1 
ATOM   1002 C  CB  . CYS B 1 29  ? 0.498   1.907   -3.931  1.00 32.94  ? 29  CYS B CB  1 
ATOM   1003 S  SG  . CYS B 1 29  ? -0.720  2.525   -2.653  1.00 39.08  ? 29  CYS B SG  1 
ATOM   1004 N  N   . SER B 1 30  ? -1.375  -1.031  -3.076  1.00 34.57  ? 30  SER B N   1 
ATOM   1005 C  CA  . SER B 1 30  ? -2.716  -1.563  -3.046  1.00 34.67  ? 30  SER B CA  1 
ATOM   1006 C  C   . SER B 1 30  ? -3.807  -0.480  -2.918  1.00 35.19  ? 30  SER B C   1 
ATOM   1007 O  O   . SER B 1 30  ? -4.838  -0.675  -3.473  1.00 36.27  ? 30  SER B O   1 
ATOM   1008 C  CB  . SER B 1 30  ? -2.974  -2.553  -1.908  1.00 34.92  ? 30  SER B CB  1 
ATOM   1009 O  OG  . SER B 1 30  ? -2.158  -3.684  -2.013  1.00 40.44  ? 30  SER B OG  1 
ATOM   1010 N  N   . TYR B 1 31  ? -3.625  0.599   -2.177  1.00 35.47  ? 31  TYR B N   1 
ATOM   1011 C  CA  . TYR B 1 31  ? -4.619  1.690   -2.201  1.00 37.78  ? 31  TYR B CA  1 
ATOM   1012 C  C   . TYR B 1 31  ? -4.855  2.229   -3.631  1.00 39.08  ? 31  TYR B C   1 
ATOM   1013 O  O   . TYR B 1 31  ? -6.032  2.411   -4.050  1.00 38.44  ? 31  TYR B O   1 
ATOM   1014 C  CB  . TYR B 1 31  ? -4.151  2.869   -1.356  1.00 38.99  ? 31  TYR B CB  1 
ATOM   1015 C  CG  . TYR B 1 31  ? -4.547  2.781   0.094   1.00 41.22  ? 31  TYR B CG  1 
ATOM   1016 C  CD1 . TYR B 1 31  ? -4.723  3.914   0.843   1.00 47.65  ? 31  TYR B CD1 1 
ATOM   1017 C  CD2 . TYR B 1 31  ? -4.787  1.574   0.678   1.00 45.38  ? 31  TYR B CD2 1 
ATOM   1018 C  CE1 . TYR B 1 31  ? -5.105  3.833   2.179   1.00 52.72  ? 31  TYR B CE1 1 
ATOM   1019 C  CE2 . TYR B 1 31  ? -5.153  1.461   1.978   1.00 52.17  ? 31  TYR B CE2 1 
ATOM   1020 C  CZ  . TYR B 1 31  ? -5.319  2.585   2.725   1.00 54.42  ? 31  TYR B CZ  1 
ATOM   1021 O  OH  . TYR B 1 31  ? -5.690  2.436   4.031   1.00 60.95  ? 31  TYR B OH  1 
ATOM   1022 N  N   . CYS B 1 32  ? -3.748  2.466   -4.370  1.00 37.06  ? 32  CYS B N   1 
ATOM   1023 C  CA  . CYS B 1 32  ? -3.826  2.882   -5.769  1.00 37.38  ? 32  CYS B CA  1 
ATOM   1024 C  C   . CYS B 1 32  ? -4.644  1.869   -6.539  1.00 38.43  ? 32  CYS B C   1 
ATOM   1025 O  O   . CYS B 1 32  ? -5.533  2.245   -7.313  1.00 39.01  ? 32  CYS B O   1 
ATOM   1026 C  CB  . CYS B 1 32  ? -2.445  3.072   -6.407  1.00 33.95  ? 32  CYS B CB  1 
ATOM   1027 S  SG  . CYS B 1 32  ? -1.503  4.443   -5.627  1.00 36.97  ? 32  CYS B SG  1 
ATOM   1028 N  N   . THR B 1 33  ? -4.362  0.596   -6.352  1.00 39.95  ? 33  THR B N   1 
ATOM   1029 C  CA  . THR B 1 33  ? -5.013  -0.430  -7.140  1.00 42.95  ? 33  THR B CA  1 
ATOM   1030 C  C   . THR B 1 33  ? -6.506  -0.434  -6.839  1.00 44.66  ? 33  THR B C   1 
ATOM   1031 O  O   . THR B 1 33  ? -7.300  -0.806  -7.659  1.00 44.94  ? 33  THR B O   1 
ATOM   1032 C  CB  . THR B 1 33  ? -4.427  -1.808  -6.834  1.00 42.18  ? 33  THR B CB  1 
ATOM   1033 O  OG1 . THR B 1 33  ? -3.048  -1.790  -7.241  1.00 47.46  ? 33  THR B OG1 1 
ATOM   1034 C  CG2 . THR B 1 33  ? -5.157  -2.945  -7.595  1.00 41.77  ? 33  THR B CG2 1 
ATOM   1035 N  N   . GLU B 1 34  ? -6.864  0.040   -5.670  1.00 46.55  ? 34  GLU B N   1 
ATOM   1036 C  CA  . GLU B 1 34  ? -8.222  -0.047  -5.197  1.00 49.02  ? 34  GLU B CA  1 
ATOM   1037 C  C   . GLU B 1 34  ? -9.002  1.072   -5.890  1.00 47.83  ? 34  GLU B C   1 
ATOM   1038 O  O   . GLU B 1 34  ? -10.105 0.816   -6.432  1.00 48.29  ? 34  GLU B O   1 
ATOM   1039 C  CB  . GLU B 1 34  ? -8.250  0.055   -3.639  1.00 50.18  ? 34  GLU B CB  1 
ATOM   1040 C  CG  . GLU B 1 34  ? -9.578  -0.361  -2.942  1.00 58.02  ? 34  GLU B CG  1 
ATOM   1041 C  CD  . GLU B 1 34  ? -9.338  -0.664  -1.410  1.00 67.71  ? 34  GLU B CD  1 
ATOM   1042 O  OE1 . GLU B 1 34  ? -8.192  -1.137  -1.066  1.00 69.84  ? 34  GLU B OE1 1 
ATOM   1043 O  OE2 . GLU B 1 34  ? -10.276 -0.413  -0.579  1.00 68.64  ? 34  GLU B OE2 1 
ATOM   1044 N  N   . VAL B 1 35  ? -8.411  2.264   -5.913  1.00 45.41  ? 35  VAL B N   1 
ATOM   1045 C  CA  . VAL B 1 35  ? -8.950  3.361   -6.671  1.00 45.94  ? 35  VAL B CA  1 
ATOM   1046 C  C   . VAL B 1 35  ? -8.981  3.061   -8.169  1.00 46.99  ? 35  VAL B C   1 
ATOM   1047 O  O   . VAL B 1 35  ? -9.977  3.342   -8.790  1.00 49.78  ? 35  VAL B O   1 
ATOM   1048 C  CB  . VAL B 1 35  ? -8.270  4.646   -6.327  1.00 45.28  ? 35  VAL B CB  1 
ATOM   1049 C  CG1 . VAL B 1 35  ? -8.842  5.717   -7.061  1.00 48.89  ? 35  VAL B CG1 1 
ATOM   1050 C  CG2 . VAL B 1 35  ? -8.601  4.962   -4.938  1.00 46.20  ? 35  VAL B CG2 1 
ATOM   1051 N  N   . LYS B 1 36  ? -7.980  2.431   -8.770  1.00 46.57  ? 36  LYS B N   1 
ATOM   1052 C  CA  . LYS B 1 36  ? -8.122  2.167   -10.187 1.00 46.90  ? 36  LYS B CA  1 
ATOM   1053 C  C   . LYS B 1 36  ? -9.294  1.194   -10.385 1.00 48.77  ? 36  LYS B C   1 
ATOM   1054 O  O   . LYS B 1 36  ? -10.011 1.318   -11.358 1.00 47.92  ? 36  LYS B O   1 
ATOM   1055 C  CB  . LYS B 1 36  ? -6.874  1.584   -10.836 1.00 44.20  ? 36  LYS B CB  1 
ATOM   1056 C  CG  . LYS B 1 36  ? -5.640  2.494   -10.802 1.00 44.49  ? 36  LYS B CG  1 
ATOM   1057 C  CD  . LYS B 1 36  ? -4.432  1.564   -10.842 1.00 43.11  ? 36  LYS B CD  1 
ATOM   1058 C  CE  . LYS B 1 36  ? -3.140  2.287   -10.596 1.00 47.93  ? 36  LYS B CE  1 
ATOM   1059 N  NZ  . LYS B 1 36  ? -1.974  1.338   -10.579 1.00 45.11  ? 36  LYS B NZ  1 
ATOM   1060 N  N   . THR B 1 37  ? -9.435  0.202   -9.498  1.00 50.32  ? 37  THR B N   1 
ATOM   1061 C  CA  . THR B 1 37  ? -10.504 -0.789  -9.610  1.00 52.62  ? 37  THR B CA  1 
ATOM   1062 C  C   . THR B 1 37  ? -11.919 -0.163  -9.440  1.00 53.58  ? 37  THR B C   1 
ATOM   1063 O  O   . THR B 1 37  ? -12.824 -0.590  -10.090 1.00 54.57  ? 37  THR B O   1 
ATOM   1064 C  CB  . THR B 1 37  ? -10.291 -2.057  -8.681  1.00 53.02  ? 37  THR B CB  1 
ATOM   1065 O  OG1 . THR B 1 37  ? -9.036  -2.675  -8.997  1.00 55.26  ? 37  THR B OG1 1 
ATOM   1066 C  CG2 . THR B 1 37  ? -11.380 -3.138  -8.914  1.00 52.61  ? 37  THR B CG2 1 
ATOM   1067 N  N   . LEU B 1 38  ? -12.096 0.869   -8.626  1.00 55.10  ? 38  LEU B N   1 
ATOM   1068 C  CA  . LEU B 1 38  ? -13.431 1.352   -8.400  1.00 56.66  ? 38  LEU B CA  1 
ATOM   1069 C  C   . LEU B 1 38  ? -13.918 2.108   -9.648  1.00 58.09  ? 38  LEU B C   1 
ATOM   1070 O  O   . LEU B 1 38  ? -15.018 1.846   -10.149 1.00 59.45  ? 38  LEU B O   1 
ATOM   1071 C  CB  . LEU B 1 38  ? -13.552 2.126   -7.081  1.00 55.37  ? 38  LEU B CB  1 
ATOM   1072 C  CG  . LEU B 1 38  ? -13.554 3.635   -6.914  1.00 58.62  ? 38  LEU B CG  1 
ATOM   1073 C  CD1 . LEU B 1 38  ? -14.600 4.249   -7.758  1.00 59.50  ? 38  LEU B CD1 1 
ATOM   1074 C  CD2 . LEU B 1 38  ? -13.774 4.074   -5.460  1.00 57.11  ? 38  LEU B CD2 1 
ATOM   1075 N  N   . PHE B 1 39  ? -13.076 2.984   -10.193 1.00 58.32  ? 39  PHE B N   1 
ATOM   1076 C  CA  . PHE B 1 39  ? -13.388 3.656   -11.453 1.00 57.25  ? 39  PHE B CA  1 
ATOM   1077 C  C   . PHE B 1 39  ? -13.730 2.736   -12.596 1.00 58.16  ? 39  PHE B C   1 
ATOM   1078 O  O   . PHE B 1 39  ? -14.588 3.062   -13.397 1.00 58.76  ? 39  PHE B O   1 
ATOM   1079 C  CB  . PHE B 1 39  ? -12.286 4.612   -11.829 1.00 55.43  ? 39  PHE B CB  1 
ATOM   1080 C  CG  . PHE B 1 39  ? -12.343 5.854   -11.067 1.00 50.80  ? 39  PHE B CG  1 
ATOM   1081 C  CD1 . PHE B 1 39  ? -13.334 6.768   -11.313 1.00 47.72  ? 39  PHE B CD1 1 
ATOM   1082 C  CD2 . PHE B 1 39  ? -11.425 6.109   -10.065 1.00 46.30  ? 39  PHE B CD2 1 
ATOM   1083 C  CE1 . PHE B 1 39  ? -13.402 7.944   -10.562 1.00 46.94  ? 39  PHE B CE1 1 
ATOM   1084 C  CE2 . PHE B 1 39  ? -11.476 7.256   -9.336  1.00 43.00  ? 39  PHE B CE2 1 
ATOM   1085 C  CZ  . PHE B 1 39  ? -12.476 8.179   -9.567  1.00 46.12  ? 39  PHE B CZ  1 
ATOM   1086 N  N   . LYS B 1 40  ? -13.061 1.603   -12.677 1.00 59.75  ? 40  LYS B N   1 
ATOM   1087 C  CA  . LYS B 1 40  ? -13.350 0.581   -13.697 1.00 62.37  ? 40  LYS B CA  1 
ATOM   1088 C  C   . LYS B 1 40  ? -14.723 -0.068  -13.533 1.00 62.91  ? 40  LYS B C   1 
ATOM   1089 O  O   . LYS B 1 40  ? -15.369 -0.447  -14.516 1.00 63.37  ? 40  LYS B O   1 
ATOM   1090 C  CB  . LYS B 1 40  ? -12.314 -0.533  -13.621 1.00 62.82  ? 40  LYS B CB  1 
ATOM   1091 C  CG  . LYS B 1 40  ? -11.208 -0.454  -14.704 1.00 67.72  ? 40  LYS B CG  1 
ATOM   1092 C  CD  . LYS B 1 40  ? -10.575 -1.852  -14.912 1.00 73.90  ? 40  LYS B CD  1 
ATOM   1093 C  CE  . LYS B 1 40  ? -9.194  -1.986  -14.242 1.00 75.92  ? 40  LYS B CE  1 
ATOM   1094 N  NZ  . LYS B 1 40  ? -8.863  -3.435  -14.179 1.00 75.58  ? 40  LYS B NZ  1 
ATOM   1095 N  N   . ARG B 1 41  ? -15.147 -0.232  -12.281 1.00 63.58  ? 41  ARG B N   1 
ATOM   1096 C  CA  . ARG B 1 41  ? -16.438 -0.840  -11.997 1.00 63.32  ? 41  ARG B CA  1 
ATOM   1097 C  C   . ARG B 1 41  ? -17.496 0.104   -12.503 1.00 62.80  ? 41  ARG B C   1 
ATOM   1098 O  O   . ARG B 1 41  ? -18.583 -0.351  -12.870 1.00 62.82  ? 41  ARG B O   1 
ATOM   1099 C  CB  . ARG B 1 41  ? -16.678 -1.048  -10.508 1.00 63.09  ? 41  ARG B CB  1 
ATOM   1100 C  CG  . ARG B 1 41  ? -15.663 -1.853  -9.769  1.00 64.77  ? 41  ARG B CG  1 
ATOM   1101 C  CD  . ARG B 1 41  ? -15.387 -3.111  -10.422 1.00 66.63  ? 41  ARG B CD  1 
ATOM   1102 N  NE  . ARG B 1 41  ? -15.007 -4.076  -9.405  1.00 71.02  ? 41  ARG B NE  1 
ATOM   1103 C  CZ  . ARG B 1 41  ? -14.128 -5.044  -9.621  1.00 72.12  ? 41  ARG B CZ  1 
ATOM   1104 N  NH1 . ARG B 1 41  ? -13.848 -5.913  -8.658  1.00 72.82  ? 41  ARG B NH1 1 
ATOM   1105 N  NH2 . ARG B 1 41  ? -13.517 -5.116  -10.804 1.00 71.03  ? 41  ARG B NH2 1 
ATOM   1106 N  N   . LEU B 1 42  ? -17.176 1.410   -12.487 1.00 62.07  ? 42  LEU B N   1 
ATOM   1107 C  CA  . LEU B 1 42  ? -18.119 2.453   -12.925 1.00 61.11  ? 42  LEU B CA  1 
ATOM   1108 C  C   . LEU B 1 42  ? -18.031 2.694   -14.396 1.00 61.14  ? 42  LEU B C   1 
ATOM   1109 O  O   . LEU B 1 42  ? -18.663 3.617   -14.866 1.00 61.98  ? 42  LEU B O   1 
ATOM   1110 C  CB  . LEU B 1 42  ? -17.913 3.802   -12.232 1.00 60.47  ? 42  LEU B CB  1 
ATOM   1111 C  CG  . LEU B 1 42  ? -17.814 3.873   -10.715 1.00 59.35  ? 42  LEU B CG  1 
ATOM   1112 C  CD1 . LEU B 1 42  ? -18.028 5.266   -10.283 1.00 55.61  ? 42  LEU B CD1 1 
ATOM   1113 C  CD2 . LEU B 1 42  ? -18.806 2.971   -10.068 1.00 61.54  ? 42  LEU B CD2 1 
ATOM   1114 N  N   . GLY B 1 43  ? -17.264 1.901   -15.134 1.00 61.03  ? 43  GLY B N   1 
ATOM   1115 C  CA  . GLY B 1 43  ? -17.179 2.123   -16.568 1.00 61.93  ? 43  GLY B CA  1 
ATOM   1116 C  C   . GLY B 1 43  ? -16.108 3.073   -17.070 1.00 63.25  ? 43  GLY B C   1 
ATOM   1117 O  O   . GLY B 1 43  ? -15.682 2.925   -18.200 1.00 64.19  ? 43  GLY B O   1 
ATOM   1118 N  N   . VAL B 1 44  ? -15.663 4.047   -16.264 1.00 63.98  ? 44  VAL B N   1 
ATOM   1119 C  CA  . VAL B 1 44  ? -14.504 4.907   -16.644 1.00 63.59  ? 44  VAL B CA  1 
ATOM   1120 C  C   . VAL B 1 44  ? -13.130 4.180   -16.652 1.00 62.71  ? 44  VAL B C   1 
ATOM   1121 O  O   . VAL B 1 44  ? -12.771 3.473   -15.703 1.00 62.49  ? 44  VAL B O   1 
ATOM   1122 C  CB  . VAL B 1 44  ? -14.334 6.136   -15.731 1.00 63.93  ? 44  VAL B CB  1 
ATOM   1123 C  CG1 . VAL B 1 44  ? -13.800 7.316   -16.553 1.00 63.96  ? 44  VAL B CG1 1 
ATOM   1124 C  CG2 . VAL B 1 44  ? -15.635 6.496   -15.038 1.00 63.45  ? 44  VAL B CG2 1 
ATOM   1125 N  N   . GLN B 1 45  ? -12.385 4.331   -17.747 1.00 61.51  ? 45  GLN B N   1 
ATOM   1126 C  CA  . GLN B 1 45  ? -10.986 3.946   -17.757 1.00 59.86  ? 45  GLN B CA  1 
ATOM   1127 C  C   . GLN B 1 45  ? -10.214 5.211   -17.395 1.00 57.12  ? 45  GLN B C   1 
ATOM   1128 O  O   . GLN B 1 45  ? -10.247 6.184   -18.151 1.00 58.09  ? 45  GLN B O   1 
ATOM   1129 C  CB  . GLN B 1 45  ? -10.546 3.396   -19.106 1.00 60.50  ? 45  GLN B CB  1 
ATOM   1130 C  CG  . GLN B 1 45  ? -10.534 1.828   -19.233 1.00 65.42  ? 45  GLN B CG  1 
ATOM   1131 C  CD  . GLN B 1 45  ? -9.536  1.066   -18.282 1.00 73.32  ? 45  GLN B CD  1 
ATOM   1132 O  OE1 . GLN B 1 45  ? -9.876  -0.026  -17.795 1.00 75.91  ? 45  GLN B OE1 1 
ATOM   1133 N  NE2 . GLN B 1 45  ? -8.321  1.634   -18.030 1.00 72.16  ? 45  GLN B NE2 1 
ATOM   1134 N  N   . PRO B 1 46  ? -9.582  5.239   -16.201 1.00 53.62  ? 46  PRO B N   1 
ATOM   1135 C  CA  . PRO B 1 46  ? -8.890  6.458   -15.795 1.00 51.52  ? 46  PRO B CA  1 
ATOM   1136 C  C   . PRO B 1 46  ? -7.514  6.630   -16.472 1.00 49.29  ? 46  PRO B C   1 
ATOM   1137 O  O   . PRO B 1 46  ? -6.910  5.647   -16.872 1.00 47.34  ? 46  PRO B O   1 
ATOM   1138 C  CB  . PRO B 1 46  ? -8.699  6.265   -14.275 1.00 51.29  ? 46  PRO B CB  1 
ATOM   1139 C  CG  . PRO B 1 46  ? -8.647  4.863   -14.079 1.00 53.99  ? 46  PRO B CG  1 
ATOM   1140 C  CD  . PRO B 1 46  ? -9.533  4.207   -15.149 1.00 53.07  ? 46  PRO B CD  1 
ATOM   1141 N  N   . LEU B 1 47  ? -7.050  7.874   -16.573 1.00 47.52  ? 47  LEU B N   1 
ATOM   1142 C  CA  . LEU B 1 47  ? -5.684  8.125   -16.895 1.00 46.79  ? 47  LEU B CA  1 
ATOM   1143 C  C   . LEU B 1 47  ? -4.753  7.918   -15.674 1.00 45.76  ? 47  LEU B C   1 
ATOM   1144 O  O   . LEU B 1 47  ? -4.747  8.729   -14.762 1.00 46.07  ? 47  LEU B O   1 
ATOM   1145 C  CB  . LEU B 1 47  ? -5.508  9.546   -17.472 1.00 46.11  ? 47  LEU B CB  1 
ATOM   1146 C  CG  . LEU B 1 47  ? -3.987  9.675   -17.836 1.00 48.28  ? 47  LEU B CG  1 
ATOM   1147 C  CD1 . LEU B 1 47  ? -3.590  8.908   -19.163 1.00 45.42  ? 47  LEU B CD1 1 
ATOM   1148 C  CD2 . LEU B 1 47  ? -3.581  11.080  -17.917 1.00 46.98  ? 47  LEU B CD2 1 
ATOM   1149 N  N   . VAL B 1 48  ? -3.960  6.856   -15.669 1.00 44.80  ? 48  VAL B N   1 
ATOM   1150 C  CA  . VAL B 1 48  ? -3.065  6.571   -14.542 1.00 43.66  ? 48  VAL B CA  1 
ATOM   1151 C  C   . VAL B 1 48  ? -1.634  7.116   -14.833 1.00 44.95  ? 48  VAL B C   1 
ATOM   1152 O  O   . VAL B 1 48  ? -1.026  6.764   -15.866 1.00 45.24  ? 48  VAL B O   1 
ATOM   1153 C  CB  . VAL B 1 48  ? -2.997  5.032   -14.279 1.00 43.40  ? 48  VAL B CB  1 
ATOM   1154 C  CG1 . VAL B 1 48  ? -2.003  4.669   -13.164 1.00 40.12  ? 48  VAL B CG1 1 
ATOM   1155 C  CG2 . VAL B 1 48  ? -4.402  4.449   -14.023 1.00 42.23  ? 48  VAL B CG2 1 
ATOM   1156 N  N   . VAL B 1 49  ? -1.120  7.997   -13.981 1.00 43.98  ? 49  VAL B N   1 
ATOM   1157 C  CA  . VAL B 1 49  ? 0.288   8.351   -14.013 1.00 43.15  ? 49  VAL B CA  1 
ATOM   1158 C  C   . VAL B 1 49  ? 0.987   7.678   -12.843 1.00 42.77  ? 49  VAL B C   1 
ATOM   1159 O  O   . VAL B 1 49  ? 0.750   8.055   -11.699 1.00 41.08  ? 49  VAL B O   1 
ATOM   1160 C  CB  . VAL B 1 49  ? 0.491   9.874   -13.889 1.00 44.80  ? 49  VAL B CB  1 
ATOM   1161 C  CG1 . VAL B 1 49  ? 2.041   10.229  -13.706 1.00 44.76  ? 49  VAL B CG1 1 
ATOM   1162 C  CG2 . VAL B 1 49  ? -0.108  10.620  -15.105 1.00 41.84  ? 49  VAL B CG2 1 
ATOM   1163 N  N   . GLU B 1 50  ? 1.826   6.676   -13.133 1.00 42.19  ? 50  GLU B N   1 
ATOM   1164 C  CA  . GLU B 1 50  ? 2.590   5.910   -12.147 1.00 42.66  ? 50  GLU B CA  1 
ATOM   1165 C  C   . GLU B 1 50  ? 3.885   6.608   -11.794 1.00 43.96  ? 50  GLU B C   1 
ATOM   1166 O  O   . GLU B 1 50  ? 4.842   6.535   -12.551 1.00 45.77  ? 50  GLU B O   1 
ATOM   1167 C  CB  . GLU B 1 50  ? 2.918   4.507   -12.710 1.00 42.41  ? 50  GLU B CB  1 
ATOM   1168 C  CG  . GLU B 1 50  ? 1.716   3.649   -13.040 1.00 41.60  ? 50  GLU B CG  1 
ATOM   1169 C  CD  . GLU B 1 50  ? 0.964   3.239   -11.727 1.00 53.43  ? 50  GLU B CD  1 
ATOM   1170 O  OE1 . GLU B 1 50  ? 1.353   3.765   -10.584 1.00 47.16  ? 50  GLU B OE1 1 
ATOM   1171 O  OE2 . GLU B 1 50  ? 0.011   2.380   -11.842 1.00 55.15  ? 50  GLU B OE2 1 
ATOM   1172 N  N   . LEU B 1 51  ? 3.930   7.282   -10.659 1.00 46.39  ? 51  LEU B N   1 
ATOM   1173 C  CA  . LEU B 1 51  ? 5.073   8.119   -10.261 1.00 48.56  ? 51  LEU B CA  1 
ATOM   1174 C  C   . LEU B 1 51  ? 6.421   7.365   -10.208 1.00 49.58  ? 51  LEU B C   1 
ATOM   1175 O  O   . LEU B 1 51  ? 7.461   7.926   -10.515 1.00 50.00  ? 51  LEU B O   1 
ATOM   1176 C  CB  . LEU B 1 51  ? 4.788   8.826   -8.944  1.00 47.54  ? 51  LEU B CB  1 
ATOM   1177 C  CG  . LEU B 1 51  ? 3.515   9.690   -8.940  1.00 51.38  ? 51  LEU B CG  1 
ATOM   1178 C  CD1 . LEU B 1 51  ? 3.625   10.660  -7.829  1.00 50.29  ? 51  LEU B CD1 1 
ATOM   1179 C  CD2 . LEU B 1 51  ? 3.320   10.466  -10.241 1.00 52.41  ? 51  LEU B CD2 1 
ATOM   1180 N  N   . ASP B 1 52  ? 6.383   6.101   -9.815  1.00 51.01  ? 52  ASP B N   1 
ATOM   1181 C  CA  . ASP B 1 52  ? 7.563   5.224   -9.837  1.00 52.28  ? 52  ASP B CA  1 
ATOM   1182 C  C   . ASP B 1 52  ? 8.124   4.866   -11.230 1.00 53.76  ? 52  ASP B C   1 
ATOM   1183 O  O   . ASP B 1 52  ? 9.302   4.574   -11.328 1.00 54.03  ? 52  ASP B O   1 
ATOM   1184 C  CB  . ASP B 1 52  ? 7.325   3.931   -9.022  1.00 51.67  ? 52  ASP B CB  1 
ATOM   1185 C  CG  . ASP B 1 52  ? 6.119   3.150   -9.490  1.00 48.99  ? 52  ASP B CG  1 
ATOM   1186 O  OD1 . ASP B 1 52  ? 6.226   1.927   -9.723  1.00 48.49  ? 52  ASP B OD1 1 
ATOM   1187 O  OD2 . ASP B 1 52  ? 5.048   3.757   -9.626  1.00 48.63  ? 52  ASP B OD2 1 
ATOM   1188 N  N   . GLN B 1 53  ? 7.306   4.853   -12.283 1.00 54.83  ? 53  GLN B N   1 
ATOM   1189 C  CA  . GLN B 1 53  ? 7.836   4.686   -13.616 1.00 56.50  ? 53  GLN B CA  1 
ATOM   1190 C  C   . GLN B 1 53  ? 8.424   5.957   -14.211 1.00 57.60  ? 53  GLN B C   1 
ATOM   1191 O  O   . GLN B 1 53  ? 8.623   6.023   -15.395 1.00 58.25  ? 53  GLN B O   1 
ATOM   1192 C  CB  . GLN B 1 53  ? 6.761   4.188   -14.558 1.00 57.28  ? 53  GLN B CB  1 
ATOM   1193 C  CG  . GLN B 1 53  ? 5.885   3.073   -14.030 1.00 61.53  ? 53  GLN B CG  1 
ATOM   1194 C  CD  . GLN B 1 53  ? 6.401   1.704   -14.354 1.00 68.37  ? 53  GLN B CD  1 
ATOM   1195 O  OE1 . GLN B 1 53  ? 7.527   1.359   -14.001 1.00 68.39  ? 53  GLN B OE1 1 
ATOM   1196 N  NE2 . GLN B 1 53  ? 5.565   0.885   -15.028 1.00 72.86  ? 53  GLN B NE2 1 
ATOM   1197 N  N   . LEU B 1 54  ? 8.719   6.970   -13.417 1.00 59.85  ? 54  LEU B N   1 
ATOM   1198 C  CA  . LEU B 1 54  ? 9.082   8.246   -14.002 1.00 62.18  ? 54  LEU B CA  1 
ATOM   1199 C  C   . LEU B 1 54  ? 10.507  8.732   -13.634 1.00 64.34  ? 54  LEU B C   1 
ATOM   1200 O  O   . LEU B 1 54  ? 10.730  9.937   -13.370 1.00 65.31  ? 54  LEU B O   1 
ATOM   1201 C  CB  . LEU B 1 54  ? 8.027   9.325   -13.674 1.00 62.19  ? 54  LEU B CB  1 
ATOM   1202 C  CG  . LEU B 1 54  ? 6.620   9.279   -14.294 1.00 61.82  ? 54  LEU B CG  1 
ATOM   1203 C  CD1 . LEU B 1 54  ? 5.875   10.505  -13.849 1.00 58.46  ? 54  LEU B CD1 1 
ATOM   1204 C  CD2 . LEU B 1 54  ? 6.632   9.196   -15.817 1.00 60.72  ? 54  LEU B CD2 1 
ATOM   1205 N  N   . GLY B 1 55  ? 11.471  7.812   -13.627 1.00 65.79  ? 55  GLY B N   1 
ATOM   1206 C  CA  . GLY B 1 55  ? 12.853  8.166   -13.318 1.00 67.67  ? 55  GLY B CA  1 
ATOM   1207 C  C   . GLY B 1 55  ? 12.909  9.052   -12.073 1.00 68.93  ? 55  GLY B C   1 
ATOM   1208 O  O   . GLY B 1 55  ? 12.069  8.913   -11.169 1.00 69.48  ? 55  GLY B O   1 
ATOM   1209 N  N   . PRO B 1 56  ? 13.884  9.982   -12.019 1.00 69.17  ? 56  PRO B N   1 
ATOM   1210 C  CA  . PRO B 1 56  ? 13.996  10.954  -10.884 1.00 68.80  ? 56  PRO B CA  1 
ATOM   1211 C  C   . PRO B 1 56  ? 12.899  12.041  -10.840 1.00 67.76  ? 56  PRO B C   1 
ATOM   1212 O  O   . PRO B 1 56  ? 12.798  12.769  -9.851  1.00 66.94  ? 56  PRO B O   1 
ATOM   1213 C  CB  . PRO B 1 56  ? 15.387  11.592  -11.091 1.00 68.86  ? 56  PRO B CB  1 
ATOM   1214 C  CG  . PRO B 1 56  ? 16.117  10.604  -12.017 1.00 70.00  ? 56  PRO B CG  1 
ATOM   1215 C  CD  . PRO B 1 56  ? 15.047  10.044  -12.924 1.00 69.03  ? 56  PRO B CD  1 
ATOM   1216 N  N   . GLN B 1 57  ? 12.087  12.114  -11.899 1.00 67.29  ? 57  GLN B N   1 
ATOM   1217 C  CA  . GLN B 1 57  ? 10.937  13.026  -11.992 1.00 66.79  ? 57  GLN B CA  1 
ATOM   1218 C  C   . GLN B 1 57  ? 9.759   12.665  -11.104 1.00 66.05  ? 57  GLN B C   1 
ATOM   1219 O  O   . GLN B 1 57  ? 9.040   13.552  -10.682 1.00 66.18  ? 57  GLN B O   1 
ATOM   1220 C  CB  . GLN B 1 57  ? 10.452  13.175  -13.441 1.00 66.92  ? 57  GLN B CB  1 
ATOM   1221 C  CG  . GLN B 1 57  ? 11.170  14.348  -14.193 1.00 71.16  ? 57  GLN B CG  1 
ATOM   1222 C  CD  . GLN B 1 57  ? 10.601  14.686  -15.607 1.00 77.18  ? 57  GLN B CD  1 
ATOM   1223 O  OE1 . GLN B 1 57  ? 11.374  15.068  -16.496 1.00 79.22  ? 57  GLN B OE1 1 
ATOM   1224 N  NE2 . GLN B 1 57  ? 9.260   14.566  -15.805 1.00 78.86  ? 57  GLN B NE2 1 
ATOM   1225 N  N   . GLY B 1 58  ? 9.534   11.369  -10.847 1.00 65.31  ? 58  GLY B N   1 
ATOM   1226 C  CA  . GLY B 1 58  ? 8.425   10.938  -9.992  1.00 62.95  ? 58  GLY B CA  1 
ATOM   1227 C  C   . GLY B 1 58  ? 8.416   11.654  -8.657  1.00 62.09  ? 58  GLY B C   1 
ATOM   1228 O  O   . GLY B 1 58  ? 7.383   12.230  -8.235  1.00 61.83  ? 58  GLY B O   1 
ATOM   1229 N  N   . PRO B 1 59  ? 9.552   11.620  -7.961  1.00 61.32  ? 59  PRO B N   1 
ATOM   1230 C  CA  . PRO B 1 59  ? 9.497   12.372  -6.694  1.00 61.18  ? 59  PRO B CA  1 
ATOM   1231 C  C   . PRO B 1 59  ? 9.360   13.897  -6.878  1.00 61.12  ? 59  PRO B C   1 
ATOM   1232 O  O   . PRO B 1 59  ? 8.748   14.567  -5.992  1.00 60.48  ? 59  PRO B O   1 
ATOM   1233 C  CB  . PRO B 1 59  ? 10.800  11.964  -5.961  1.00 60.07  ? 59  PRO B CB  1 
ATOM   1234 C  CG  . PRO B 1 59  ? 11.086  10.562  -6.469  1.00 60.07  ? 59  PRO B CG  1 
ATOM   1235 C  CD  . PRO B 1 59  ? 10.568  10.536  -7.932  1.00 61.81  ? 59  PRO B CD  1 
ATOM   1236 N  N   . GLN B 1 60  ? 9.904   14.434  -7.990  1.00 61.06  ? 60  GLN B N   1 
ATOM   1237 C  CA  . GLN B 1 60  ? 9.715   15.867  -8.342  1.00 61.47  ? 60  GLN B CA  1 
ATOM   1238 C  C   . GLN B 1 60  ? 8.195   16.125  -8.538  1.00 60.62  ? 60  GLN B C   1 
ATOM   1239 O  O   . GLN B 1 60  ? 7.606   17.032  -7.919  1.00 60.55  ? 60  GLN B O   1 
ATOM   1240 C  CB  . GLN B 1 60  ? 10.467  16.276  -9.631  1.00 62.50  ? 60  GLN B CB  1 
ATOM   1241 C  CG  . GLN B 1 60  ? 11.967  15.863  -9.827  1.00 66.55  ? 60  GLN B CG  1 
ATOM   1242 C  CD  . GLN B 1 60  ? 12.484  16.124  -11.263 1.00 73.64  ? 60  GLN B CD  1 
ATOM   1243 O  OE1 . GLN B 1 60  ? 13.192  15.283  -11.850 1.00 77.51  ? 60  GLN B OE1 1 
ATOM   1244 N  NE2 . GLN B 1 60  ? 12.120  17.282  -11.838 1.00 76.42  ? 60  GLN B NE2 1 
ATOM   1245 N  N   . LEU B 1 61  ? 7.562   15.299  -9.373  1.00 59.96  ? 61  LEU B N   1 
ATOM   1246 C  CA  . LEU B 1 61  ? 6.119   15.363  -9.580  1.00 59.39  ? 61  LEU B CA  1 
ATOM   1247 C  C   . LEU B 1 61  ? 5.333   15.259  -8.282  1.00 58.87  ? 61  LEU B C   1 
ATOM   1248 O  O   . LEU B 1 61  ? 4.435   16.075  -8.054  1.00 59.62  ? 61  LEU B O   1 
ATOM   1249 C  CB  . LEU B 1 61  ? 5.645   14.349  -10.626 1.00 59.62  ? 61  LEU B CB  1 
ATOM   1250 C  CG  . LEU B 1 61  ? 4.342   14.686  -11.347 1.00 58.47  ? 61  LEU B CG  1 
ATOM   1251 C  CD1 . LEU B 1 61  ? 4.490   15.991  -12.122 1.00 61.48  ? 61  LEU B CD1 1 
ATOM   1252 C  CD2 . LEU B 1 61  ? 3.979   13.613  -12.323 1.00 61.06  ? 61  LEU B CD2 1 
ATOM   1253 N  N   . GLN B 1 62  ? 5.671   14.310  -7.417  1.00 57.42  ? 62  GLN B N   1 
ATOM   1254 C  CA  . GLN B 1 62  ? 4.932   14.168  -6.149  1.00 57.13  ? 62  GLN B CA  1 
ATOM   1255 C  C   . GLN B 1 62  ? 4.978   15.398  -5.259  1.00 57.85  ? 62  GLN B C   1 
ATOM   1256 O  O   . GLN B 1 62  ? 4.026   15.672  -4.482  1.00 57.67  ? 62  GLN B O   1 
ATOM   1257 C  CB  . GLN B 1 62  ? 5.402   12.917  -5.361  1.00 57.34  ? 62  GLN B CB  1 
ATOM   1258 C  CG  . GLN B 1 62  ? 4.350   12.289  -4.437  1.00 55.71  ? 62  GLN B CG  1 
ATOM   1259 C  CD  . GLN B 1 62  ? 4.814   11.006  -3.773  1.00 53.82  ? 62  GLN B CD  1 
ATOM   1260 O  OE1 . GLN B 1 62  ? 5.715   10.325  -4.255  1.00 54.06  ? 62  GLN B OE1 1 
ATOM   1261 N  NE2 . GLN B 1 62  ? 4.175   10.654  -2.683  1.00 52.12  ? 62  GLN B NE2 1 
ATOM   1262 N  N   . LYS B 1 63  ? 6.080   16.133  -5.342  1.00 58.61  ? 63  LYS B N   1 
ATOM   1263 C  CA  . LYS B 1 63  ? 6.199   17.430  -4.619  1.00 60.28  ? 63  LYS B CA  1 
ATOM   1264 C  C   . LYS B 1 63  ? 5.392   18.596  -5.221  1.00 59.35  ? 63  LYS B C   1 
ATOM   1265 O  O   . LYS B 1 63  ? 4.832   19.412  -4.487  1.00 59.55  ? 63  LYS B O   1 
ATOM   1266 C  CB  . LYS B 1 63  ? 7.682   17.858  -4.465  1.00 60.94  ? 63  LYS B CB  1 
ATOM   1267 C  CG  . LYS B 1 63  ? 8.338   17.320  -3.187  1.00 65.33  ? 63  LYS B CG  1 
ATOM   1268 C  CD  . LYS B 1 63  ? 7.961   18.167  -1.971  1.00 68.68  ? 63  LYS B CD  1 
ATOM   1269 C  CE  . LYS B 1 63  ? 8.140   17.366  -0.691  1.00 73.49  ? 63  LYS B CE  1 
ATOM   1270 N  NZ  . LYS B 1 63  ? 8.064   18.262  0.524   1.00 76.41  ? 63  LYS B NZ  1 
ATOM   1271 N  N   . VAL B 1 64  ? 5.365   18.686  -6.554  1.00 59.52  ? 64  VAL B N   1 
ATOM   1272 C  CA  . VAL B 1 64  ? 4.507   19.676  -7.258  1.00 59.03  ? 64  VAL B CA  1 
ATOM   1273 C  C   . VAL B 1 64  ? 3.030   19.460  -6.957  1.00 59.26  ? 64  VAL B C   1 
ATOM   1274 O  O   . VAL B 1 64  ? 2.359   20.418  -6.576  1.00 59.58  ? 64  VAL B O   1 
ATOM   1275 C  CB  . VAL B 1 64  ? 4.828   19.791  -8.766  1.00 59.45  ? 64  VAL B CB  1 
ATOM   1276 C  CG1 . VAL B 1 64  ? 3.878   20.751  -9.463  1.00 57.34  ? 64  VAL B CG1 1 
ATOM   1277 C  CG2 . VAL B 1 64  ? 6.287   20.293  -8.938  1.00 57.35  ? 64  VAL B CG2 1 
ATOM   1278 N  N   . LEU B 1 65  ? 2.554   18.216  -7.044  1.00 59.07  ? 65  LEU B N   1 
ATOM   1279 C  CA  . LEU B 1 65  ? 1.210   17.873  -6.604  1.00 59.86  ? 65  LEU B CA  1 
ATOM   1280 C  C   . LEU B 1 65  ? 0.908   18.201  -5.130  1.00 62.37  ? 65  LEU B C   1 
ATOM   1281 O  O   . LEU B 1 65  ? -0.266  18.372  -4.744  1.00 63.08  ? 65  LEU B O   1 
ATOM   1282 C  CB  . LEU B 1 65  ? 0.957   16.398  -6.798  1.00 58.15  ? 65  LEU B CB  1 
ATOM   1283 C  CG  . LEU B 1 65  ? 0.739   15.824  -8.176  1.00 57.52  ? 65  LEU B CG  1 
ATOM   1284 C  CD1 . LEU B 1 65  ? 1.019   14.332  -8.050  1.00 53.88  ? 65  LEU B CD1 1 
ATOM   1285 C  CD2 . LEU B 1 65  ? -0.666  16.091  -8.718  1.00 51.98  ? 65  LEU B CD2 1 
ATOM   1286 N  N   . GLU B 1 66  ? 1.925   18.251  -4.280  1.00 64.85  ? 66  GLU B N   1 
ATOM   1287 C  CA  . GLU B 1 66  ? 1.644   18.587  -2.889  1.00 68.21  ? 66  GLU B CA  1 
ATOM   1288 C  C   . GLU B 1 66  ? 1.395   20.077  -2.788  1.00 69.52  ? 66  GLU B C   1 
ATOM   1289 O  O   . GLU B 1 66  ? 0.485   20.486  -2.062  1.00 69.89  ? 66  GLU B O   1 
ATOM   1290 C  CB  . GLU B 1 66  ? 2.749   18.145  -1.937  1.00 68.52  ? 66  GLU B CB  1 
ATOM   1291 C  CG  . GLU B 1 66  ? 2.638   18.710  -0.514  1.00 74.92  ? 66  GLU B CG  1 
ATOM   1292 C  CD  . GLU B 1 66  ? 3.059   20.209  -0.438  1.00 84.66  ? 66  GLU B CD  1 
ATOM   1293 O  OE1 . GLU B 1 66  ? 4.121   20.561  -1.051  1.00 88.18  ? 66  GLU B OE1 1 
ATOM   1294 O  OE2 . GLU B 1 66  ? 2.326   21.029  0.212   1.00 87.52  ? 66  GLU B OE2 1 
ATOM   1295 N  N   . ARG B 1 67  ? 2.175   20.879  -3.525  1.00 70.71  ? 67  ARG B N   1 
ATOM   1296 C  CA  . ARG B 1 67  ? 1.962   22.326  -3.541  1.00 72.23  ? 67  ARG B CA  1 
ATOM   1297 C  C   . ARG B 1 67  ? 0.578   22.727  -4.106  1.00 72.17  ? 67  ARG B C   1 
ATOM   1298 O  O   . ARG B 1 67  ? -0.089  23.590  -3.516  1.00 73.49  ? 67  ARG B O   1 
ATOM   1299 C  CB  . ARG B 1 67  ? 3.101   23.059  -4.245  1.00 72.98  ? 67  ARG B CB  1 
ATOM   1300 C  CG  . ARG B 1 67  ? 3.268   24.519  -3.807  1.00 77.93  ? 67  ARG B CG  1 
ATOM   1301 C  CD  . ARG B 1 67  ? 4.703   25.084  -4.113  1.00 85.88  ? 67  ARG B CD  1 
ATOM   1302 N  NE  . ARG B 1 67  ? 5.575   25.234  -2.919  1.00 90.34  ? 67  ARG B NE  1 
ATOM   1303 C  CZ  . ARG B 1 67  ? 6.856   25.648  -2.946  1.00 91.71  ? 67  ARG B CZ  1 
ATOM   1304 N  NH1 . ARG B 1 67  ? 7.453   25.976  -4.092  1.00 91.05  ? 67  ARG B NH1 1 
ATOM   1305 N  NH2 . ARG B 1 67  ? 7.551   25.748  -1.820  1.00 91.85  ? 67  ARG B NH2 1 
ATOM   1306 N  N   . LEU B 1 68  ? 0.138   22.076  -5.194  1.00 70.86  ? 68  LEU B N   1 
ATOM   1307 C  CA  . LEU B 1 68  ? -1.144  22.367  -5.862  1.00 69.62  ? 68  LEU B CA  1 
ATOM   1308 C  C   . LEU B 1 68  ? -2.353  21.740  -5.144  1.00 69.47  ? 68  LEU B C   1 
ATOM   1309 O  O   . LEU B 1 68  ? -3.532  21.983  -5.482  1.00 69.00  ? 68  LEU B O   1 
ATOM   1310 C  CB  . LEU B 1 68  ? -1.103  21.882  -7.331  1.00 69.57  ? 68  LEU B CB  1 
ATOM   1311 C  CG  . LEU B 1 68  ? 0.132   22.191  -8.205  1.00 68.99  ? 68  LEU B CG  1 
ATOM   1312 C  CD1 . LEU B 1 68  ? 0.059   21.483  -9.534  1.00 70.44  ? 68  LEU B CD1 1 
ATOM   1313 C  CD2 . LEU B 1 68  ? 0.366   23.703  -8.455  1.00 72.78  ? 68  LEU B CD2 1 
ATOM   1314 N  N   . THR B 1 69  ? -2.067  20.929  -4.139  1.00 68.23  ? 69  THR B N   1 
ATOM   1315 C  CA  . THR B 1 69  ? -3.070  20.028  -3.612  1.00 66.58  ? 69  THR B CA  1 
ATOM   1316 C  C   . THR B 1 69  ? -2.969  19.921  -2.067  1.00 65.60  ? 69  THR B C   1 
ATOM   1317 O  O   . THR B 1 69  ? -3.950  19.658  -1.384  1.00 63.72  ? 69  THR B O   1 
ATOM   1318 C  CB  . THR B 1 69  ? -2.864  18.693  -4.358  1.00 67.09  ? 69  THR B CB  1 
ATOM   1319 O  OG1 . THR B 1 69  ? -3.632  18.690  -5.572  1.00 68.72  ? 69  THR B OG1 1 
ATOM   1320 C  CG2 . THR B 1 69  ? -3.231  17.521  -3.555  1.00 68.05  ? 69  THR B CG2 1 
ATOM   1321 N  N   . GLY B 1 70  ? -1.762  20.155  -1.534  1.00 65.72  ? 70  GLY B N   1 
ATOM   1322 C  CA  . GLY B 1 70  ? -1.449  19.987  -0.100  1.00 65.71  ? 70  GLY B CA  1 
ATOM   1323 C  C   . GLY B 1 70  ? -1.443  18.510  0.287   1.00 66.23  ? 70  GLY B C   1 
ATOM   1324 O  O   . GLY B 1 70  ? -1.497  18.165  1.484   1.00 66.23  ? 70  GLY B O   1 
ATOM   1325 N  N   . GLN B 1 71  ? -1.411  17.629  -0.722  1.00 65.36  ? 71  GLN B N   1 
ATOM   1326 C  CA  . GLN B 1 71  ? -1.420  16.197  -0.462  1.00 64.36  ? 71  GLN B CA  1 
ATOM   1327 C  C   . GLN B 1 71  ? -0.119  15.516  -0.945  1.00 63.92  ? 71  GLN B C   1 
ATOM   1328 O  O   . GLN B 1 71  ? 0.242   15.569  -2.152  1.00 62.94  ? 71  GLN B O   1 
ATOM   1329 C  CB  . GLN B 1 71  ? -2.675  15.526  -0.996  1.00 63.63  ? 71  GLN B CB  1 
ATOM   1330 C  CG  . GLN B 1 71  ? -2.442  14.073  -1.245  1.00 63.72  ? 71  GLN B CG  1 
ATOM   1331 C  CD  . GLN B 1 71  ? -3.684  13.359  -1.563  1.00 66.59  ? 71  GLN B CD  1 
ATOM   1332 O  OE1 . GLN B 1 71  ? -4.758  13.834  -1.222  1.00 67.45  ? 71  GLN B OE1 1 
ATOM   1333 N  NE2 . GLN B 1 71  ? -3.575  12.203  -2.250  1.00 67.55  ? 71  GLN B NE2 1 
ATOM   1334 N  N   . HIS B 1 72  ? 0.568   14.886  0.023   1.00 62.91  ? 72  HIS B N   1 
ATOM   1335 C  CA  . HIS B 1 72  ? 1.898   14.280  -0.188  1.00 62.28  ? 72  HIS B CA  1 
ATOM   1336 C  C   . HIS B 1 72  ? 1.690   12.826  -0.588  1.00 58.41  ? 72  HIS B C   1 
ATOM   1337 O  O   . HIS B 1 72  ? 2.527   12.243  -1.241  1.00 59.23  ? 72  HIS B O   1 
ATOM   1338 C  CB  . HIS B 1 72  ? 2.812   14.483  1.072   1.00 64.04  ? 72  HIS B CB  1 
ATOM   1339 C  CG  . HIS B 1 72  ? 3.665   13.288  1.464   1.00 73.98  ? 72  HIS B CG  1 
ATOM   1340 N  ND1 . HIS B 1 72  ? 4.184   13.135  2.746   1.00 79.91  ? 72  HIS B ND1 1 
ATOM   1341 C  CD2 . HIS B 1 72  ? 4.078   12.189  0.765   1.00 79.23  ? 72  HIS B CD2 1 
ATOM   1342 C  CE1 . HIS B 1 72  ? 4.884   12.009  2.813   1.00 81.04  ? 72  HIS B CE1 1 
ATOM   1343 N  NE2 . HIS B 1 72  ? 4.830   11.413  1.627   1.00 81.93  ? 72  HIS B NE2 1 
ATOM   1344 N  N   . THR B 1 73  ? 0.556   12.258  -0.223  1.00 53.67  ? 73  THR B N   1 
ATOM   1345 C  CA  . THR B 1 73  ? 0.332   10.849  -0.415  1.00 48.97  ? 73  THR B CA  1 
ATOM   1346 C  C   . THR B 1 73  ? -0.195  10.476  -1.838  1.00 47.97  ? 73  THR B C   1 
ATOM   1347 O  O   . THR B 1 73  ? -0.646  11.362  -2.646  1.00 47.39  ? 73  THR B O   1 
ATOM   1348 C  CB  . THR B 1 73  ? -0.649  10.323  0.605   1.00 49.27  ? 73  THR B CB  1 
ATOM   1349 O  OG1 . THR B 1 73  ? -1.922  10.925  0.376   1.00 48.47  ? 73  THR B OG1 1 
ATOM   1350 C  CG2 . THR B 1 73  ? -0.180  10.558  2.071   1.00 45.06  ? 73  THR B CG2 1 
ATOM   1351 N  N   . VAL B 1 74  ? -0.109  9.171   -2.126  1.00 42.90  ? 74  VAL B N   1 
ATOM   1352 C  CA  . VAL B 1 74  ? -0.759  8.553   -3.220  1.00 39.54  ? 74  VAL B CA  1 
ATOM   1353 C  C   . VAL B 1 74  ? -1.747  7.582   -2.650  1.00 37.89  ? 74  VAL B C   1 
ATOM   1354 O  O   . VAL B 1 74  ? -1.520  7.070   -1.602  1.00 36.64  ? 74  VAL B O   1 
ATOM   1355 C  CB  . VAL B 1 74  ? 0.204   7.763   -4.195  1.00 39.85  ? 74  VAL B CB  1 
ATOM   1356 C  CG1 . VAL B 1 74  ? 1.086   8.726   -4.989  1.00 39.14  ? 74  VAL B CG1 1 
ATOM   1357 C  CG2 . VAL B 1 74  ? 1.000   6.575   -3.500  1.00 37.06  ? 74  VAL B CG2 1 
ATOM   1358 N  N   . PRO B 1 75  ? -2.852  7.301   -3.372  1.00 37.66  ? 75  PRO B N   1 
ATOM   1359 C  CA  . PRO B 1 75  ? -3.165  7.879   -4.715  1.00 37.76  ? 75  PRO B CA  1 
ATOM   1360 C  C   . PRO B 1 75  ? -3.691  9.332   -4.590  1.00 38.27  ? 75  PRO B C   1 
ATOM   1361 O  O   . PRO B 1 75  ? -4.295  9.693   -3.561  1.00 39.30  ? 75  PRO B O   1 
ATOM   1362 C  CB  . PRO B 1 75  ? -4.246  6.909   -5.283  1.00 37.73  ? 75  PRO B CB  1 
ATOM   1363 C  CG  . PRO B 1 75  ? -5.000  6.437   -3.984  1.00 38.11  ? 75  PRO B CG  1 
ATOM   1364 C  CD  . PRO B 1 75  ? -3.927  6.417   -2.852  1.00 36.83  ? 75  PRO B CD  1 
ATOM   1365 N  N   . ASN B 1 76  ? -3.400  10.158  -5.573  1.00 38.48  ? 76  ASN B N   1 
ATOM   1366 C  CA  . ASN B 1 76  ? -3.936  11.519  -5.686  1.00 40.77  ? 76  ASN B CA  1 
ATOM   1367 C  C   . ASN B 1 76  ? -4.898  11.484  -6.882  1.00 42.54  ? 76  ASN B C   1 
ATOM   1368 O  O   . ASN B 1 76  ? -4.476  11.238  -8.026  1.00 42.55  ? 76  ASN B O   1 
ATOM   1369 C  CB  . ASN B 1 76  ? -2.835  12.531  -5.934  1.00 40.35  ? 76  ASN B CB  1 
ATOM   1370 C  CG  . ASN B 1 76  ? -3.168  13.862  -5.383  1.00 43.40  ? 76  ASN B CG  1 
ATOM   1371 O  OD1 . ASN B 1 76  ? -4.326  14.168  -5.260  1.00 52.91  ? 76  ASN B OD1 1 
ATOM   1372 N  ND2 . ASN B 1 76  ? -2.183  14.650  -5.014  1.00 39.19  ? 76  ASN B ND2 1 
ATOM   1373 N  N   . VAL B 1 77  ? -6.191  11.673  -6.590  1.00 44.17  ? 77  VAL B N   1 
ATOM   1374 C  CA  . VAL B 1 77  ? -7.275  11.470  -7.535  1.00 44.26  ? 77  VAL B CA  1 
ATOM   1375 C  C   . VAL B 1 77  ? -7.906  12.824  -7.953  1.00 47.23  ? 77  VAL B C   1 
ATOM   1376 O  O   . VAL B 1 77  ? -8.108  13.744  -7.112  1.00 46.87  ? 77  VAL B O   1 
ATOM   1377 C  CB  . VAL B 1 77  ? -8.322  10.579  -6.928  1.00 43.94  ? 77  VAL B CB  1 
ATOM   1378 C  CG1 . VAL B 1 77  ? -9.422  10.228  -7.921  1.00 40.88  ? 77  VAL B CG1 1 
ATOM   1379 C  CG2 . VAL B 1 77  ? -7.666  9.287   -6.417  1.00 40.94  ? 77  VAL B CG2 1 
ATOM   1380 N  N   . PHE B 1 78  ? -8.186  12.936  -9.264  1.00 48.53  ? 78  PHE B N   1 
ATOM   1381 C  CA  . PHE B 1 78  ? -8.773  14.127  -9.866  1.00 50.42  ? 78  PHE B CA  1 
ATOM   1382 C  C   . PHE B 1 78  ? -9.943  13.668  -10.688 1.00 52.54  ? 78  PHE B C   1 
ATOM   1383 O  O   . PHE B 1 78  ? -9.808  12.751  -11.507 1.00 51.91  ? 78  PHE B O   1 
ATOM   1384 C  CB  . PHE B 1 78  ? -7.807  14.857  -10.806 1.00 50.31  ? 78  PHE B CB  1 
ATOM   1385 C  CG  . PHE B 1 78  ? -6.715  15.581  -10.105 1.00 49.36  ? 78  PHE B CG  1 
ATOM   1386 C  CD1 . PHE B 1 78  ? -6.882  16.905  -9.713  1.00 48.52  ? 78  PHE B CD1 1 
ATOM   1387 C  CD2 . PHE B 1 78  ? -5.499  14.933  -9.819  1.00 48.71  ? 78  PHE B CD2 1 
ATOM   1388 C  CE1 . PHE B 1 78  ? -5.834  17.591  -9.015  1.00 50.67  ? 78  PHE B CE1 1 
ATOM   1389 C  CE2 . PHE B 1 78  ? -4.476  15.607  -9.137  1.00 48.72  ? 78  PHE B CE2 1 
ATOM   1390 C  CZ  . PHE B 1 78  ? -4.634  16.935  -8.749  1.00 51.07  ? 78  PHE B CZ  1 
ATOM   1391 N  N   . VAL B 1 79  ? -11.081 14.323  -10.437 1.00 54.73  ? 79  VAL B N   1 
ATOM   1392 C  CA  . VAL B 1 79  ? -12.337 14.042  -11.108 1.00 57.57  ? 79  VAL B CA  1 
ATOM   1393 C  C   . VAL B 1 79  ? -12.880 15.370  -11.723 1.00 60.08  ? 79  VAL B C   1 
ATOM   1394 O  O   . VAL B 1 79  ? -13.000 16.396  -11.033 1.00 59.46  ? 79  VAL B O   1 
ATOM   1395 C  CB  . VAL B 1 79  ? -13.339 13.352  -10.174 1.00 56.92  ? 79  VAL B CB  1 
ATOM   1396 C  CG1 . VAL B 1 79  ? -14.595 13.058  -10.918 1.00 57.98  ? 79  VAL B CG1 1 
ATOM   1397 C  CG2 . VAL B 1 79  ? -12.761 12.037  -9.702  1.00 55.16  ? 79  VAL B CG2 1 
ATOM   1398 N  N   . CYS B 1 80  ? -13.100 15.344  -13.041 1.00 62.87  ? 80  CYS B N   1 
ATOM   1399 C  CA  . CYS B 1 80  ? -13.585 16.512  -13.808 1.00 66.58  ? 80  CYS B CA  1 
ATOM   1400 C  C   . CYS B 1 80  ? -12.826 17.752  -13.390 1.00 67.37  ? 80  CYS B C   1 
ATOM   1401 O  O   . CYS B 1 80  ? -13.417 18.760  -12.939 1.00 68.22  ? 80  CYS B O   1 
ATOM   1402 C  CB  . CYS B 1 80  ? -15.118 16.718  -13.672 1.00 66.72  ? 80  CYS B CB  1 
ATOM   1403 S  SG  . CYS B 1 80  ? -16.078 15.205  -14.006 1.00 70.98  ? 80  CYS B SG  1 
ATOM   1404 N  N   . GLY B 1 81  ? -11.503 17.635  -13.496 1.00 67.94  ? 81  GLY B N   1 
ATOM   1405 C  CA  . GLY B 1 81  ? -10.610 18.734  -13.264 1.00 67.62  ? 81  GLY B CA  1 
ATOM   1406 C  C   . GLY B 1 81  ? -10.522 19.054  -11.812 1.00 68.53  ? 81  GLY B C   1 
ATOM   1407 O  O   . GLY B 1 81  ? -9.711  19.883  -11.442 1.00 69.99  ? 81  GLY B O   1 
ATOM   1408 N  N   . LYS B 1 82  ? -11.317 18.415  -10.960 1.00 68.68  ? 82  LYS B N   1 
ATOM   1409 C  CA  . LYS B 1 82  ? -11.213 18.724  -9.523  1.00 69.36  ? 82  LYS B CA  1 
ATOM   1410 C  C   . LYS B 1 82  ? -10.544 17.653  -8.645  1.00 68.37  ? 82  LYS B C   1 
ATOM   1411 O  O   . LYS B 1 82  ? -10.744 16.437  -8.814  1.00 67.55  ? 82  LYS B O   1 
ATOM   1412 C  CB  . LYS B 1 82  ? -12.565 19.168  -8.948  1.00 70.29  ? 82  LYS B CB  1 
ATOM   1413 C  CG  . LYS B 1 82  ? -12.740 20.717  -8.939  1.00 75.71  ? 82  LYS B CG  1 
ATOM   1414 C  CD  . LYS B 1 82  ? -14.182 21.128  -9.312  1.00 81.66  ? 82  LYS B CD  1 
ATOM   1415 C  CE  . LYS B 1 82  ? -14.206 22.501  -10.039 1.00 84.78  ? 82  LYS B CE  1 
ATOM   1416 N  NZ  . LYS B 1 82  ? -15.567 22.838  -10.607 1.00 85.49  ? 82  LYS B NZ  1 
ATOM   1417 N  N   . HIS B 1 83  ? -9.741  18.137  -7.714  1.00 67.37  ? 83  HIS B N   1 
ATOM   1418 C  CA  . HIS B 1 83  ? -8.972  17.288  -6.832  1.00 67.03  ? 83  HIS B CA  1 
ATOM   1419 C  C   . HIS B 1 83  ? -9.833  16.651  -5.753  1.00 66.46  ? 83  HIS B C   1 
ATOM   1420 O  O   . HIS B 1 83  ? -10.216 17.353  -4.828  1.00 67.22  ? 83  HIS B O   1 
ATOM   1421 C  CB  . HIS B 1 83  ? -7.903  18.124  -6.131  1.00 66.97  ? 83  HIS B CB  1 
ATOM   1422 C  CG  . HIS B 1 83  ? -7.142  17.358  -5.110  1.00 67.83  ? 83  HIS B CG  1 
ATOM   1423 N  ND1 . HIS B 1 83  ? -7.053  17.753  -3.796  1.00 69.85  ? 83  HIS B ND1 1 
ATOM   1424 C  CD2 . HIS B 1 83  ? -6.468  16.189  -5.203  1.00 68.02  ? 83  HIS B CD2 1 
ATOM   1425 C  CE1 . HIS B 1 83  ? -6.338  16.871  -3.124  1.00 68.21  ? 83  HIS B CE1 1 
ATOM   1426 N  NE2 . HIS B 1 83  ? -5.973  15.913  -3.956  1.00 68.14  ? 83  HIS B NE2 1 
ATOM   1427 N  N   . ILE B 1 84  ? -10.112 15.340  -5.835  1.00 65.28  ? 84  ILE B N   1 
ATOM   1428 C  CA  . ILE B 1 84  ? -10.918 14.676  -4.807  1.00 63.07  ? 84  ILE B CA  1 
ATOM   1429 C  C   . ILE B 1 84  ? -10.084 13.997  -3.695  1.00 62.62  ? 84  ILE B C   1 
ATOM   1430 O  O   . ILE B 1 84  ? -10.655 13.423  -2.766  1.00 61.40  ? 84  ILE B O   1 
ATOM   1431 C  CB  . ILE B 1 84  ? -11.991 13.745  -5.386  1.00 63.11  ? 84  ILE B CB  1 
ATOM   1432 C  CG1 . ILE B 1 84  ? -11.406 12.418  -5.818  1.00 64.40  ? 84  ILE B CG1 1 
ATOM   1433 C  CG2 . ILE B 1 84  ? -12.764 14.418  -6.550  1.00 62.53  ? 84  ILE B CG2 1 
ATOM   1434 C  CD1 . ILE B 1 84  ? -12.448 11.431  -6.367  1.00 63.25  ? 84  ILE B CD1 1 
ATOM   1435 N  N   . GLY B 1 85  ? -8.749  14.091  -3.789  1.00 61.25  ? 85  GLY B N   1 
ATOM   1436 C  CA  . GLY B 1 85  ? -7.833  13.596  -2.749  1.00 59.84  ? 85  GLY B CA  1 
ATOM   1437 C  C   . GLY B 1 85  ? -7.424  12.134  -2.932  1.00 59.05  ? 85  GLY B C   1 
ATOM   1438 O  O   . GLY B 1 85  ? -6.987  11.735  -4.029  1.00 59.73  ? 85  GLY B O   1 
ATOM   1439 N  N   . GLY B 1 86  ? -7.588  11.330  -1.881  1.00 57.15  ? 86  GLY B N   1 
ATOM   1440 C  CA  . GLY B 1 86  ? -6.984  10.002  -1.802  1.00 55.01  ? 86  GLY B CA  1 
ATOM   1441 C  C   . GLY B 1 86  ? -7.930  8.843   -1.949  1.00 54.39  ? 86  GLY B C   1 
ATOM   1442 O  O   . GLY B 1 86  ? -8.994  8.996   -2.497  1.00 54.26  ? 86  GLY B O   1 
ATOM   1443 N  N   . CYS B 1 87  ? -7.521  7.662   -1.485  1.00 54.50  ? 87  CYS B N   1 
ATOM   1444 C  CA  . CYS B 1 87  ? -8.305  6.440   -1.653  1.00 55.04  ? 87  CYS B CA  1 
ATOM   1445 C  C   . CYS B 1 87  ? -9.611  6.412   -0.834  1.00 55.85  ? 87  CYS B C   1 
ATOM   1446 O  O   . CYS B 1 87  ? -10.664 6.096   -1.367  1.00 54.97  ? 87  CYS B O   1 
ATOM   1447 C  CB  . CYS B 1 87  ? -7.481  5.225   -1.256  1.00 54.90  ? 87  CYS B CB  1 
ATOM   1448 S  SG  . CYS B 1 87  ? -8.392  3.650   -1.573  1.00 56.69  ? 87  CYS B SG  1 
ATOM   1449 N  N   . THR B 1 88  ? -9.544  6.742   0.450   1.00 57.72  ? 88  THR B N   1 
ATOM   1450 C  CA  . THR B 1 88  ? -10.733 6.618   1.322   1.00 60.72  ? 88  THR B CA  1 
ATOM   1451 C  C   . THR B 1 88  ? -11.679 7.765   1.018   1.00 61.44  ? 88  THR B C   1 
ATOM   1452 O  O   . THR B 1 88  ? -12.894 7.601   0.967   1.00 62.71  ? 88  THR B O   1 
ATOM   1453 C  CB  . THR B 1 88  ? -10.356 6.652   2.804   1.00 60.90  ? 88  THR B CB  1 
ATOM   1454 O  OG1 . THR B 1 88  ? -9.527  7.802   3.001   1.00 62.16  ? 88  THR B OG1 1 
ATOM   1455 C  CG2 . THR B 1 88  ? -9.602  5.355   3.203   1.00 59.70  ? 88  THR B CG2 1 
ATOM   1456 N  N   . ASP B 1 89  ? -11.100 8.922   0.788   1.00 62.39  ? 89  ASP B N   1 
ATOM   1457 C  CA  . ASP B 1 89  ? -11.839 10.032  0.270   1.00 63.99  ? 89  ASP B CA  1 
ATOM   1458 C  C   . ASP B 1 89  ? -12.633 9.614   -1.026  1.00 63.94  ? 89  ASP B C   1 
ATOM   1459 O  O   . ASP B 1 89  ? -13.837 9.852   -1.107  1.00 66.03  ? 89  ASP B O   1 
ATOM   1460 C  CB  . ASP B 1 89  ? -10.924 11.269  0.102   1.00 64.72  ? 89  ASP B CB  1 
ATOM   1461 C  CG  . ASP B 1 89  ? -9.553  11.166  0.899   1.00 69.58  ? 89  ASP B CG  1 
ATOM   1462 O  OD1 . ASP B 1 89  ? -8.972  10.029  1.131   1.00 70.15  ? 89  ASP B OD1 1 
ATOM   1463 O  OD2 . ASP B 1 89  ? -9.018  12.269  1.230   1.00 71.81  ? 89  ASP B OD2 1 
ATOM   1464 N  N   . THR B 1 90  ? -12.011 8.931   -1.989  1.00 62.37  ? 90  THR B N   1 
ATOM   1465 C  CA  . THR B 1 90  ? -12.715 8.415   -3.189  1.00 59.77  ? 90  THR B CA  1 
ATOM   1466 C  C   . THR B 1 90  ? -13.651 7.245   -2.879  1.00 61.02  ? 90  THR B C   1 
ATOM   1467 O  O   . THR B 1 90  ? -14.632 6.989   -3.599  1.00 60.57  ? 90  THR B O   1 
ATOM   1468 C  CB  . THR B 1 90  ? -11.683 7.960   -4.268  1.00 58.35  ? 90  THR B CB  1 
ATOM   1469 O  OG1 . THR B 1 90  ? -10.744 9.022   -4.489  1.00 57.16  ? 90  THR B OG1 1 
ATOM   1470 C  CG2 . THR B 1 90  ? -12.329 7.578   -5.570  1.00 50.82  ? 90  THR B CG2 1 
ATOM   1471 N  N   . VAL B 1 91  ? -13.314 6.450   -1.879  1.00 62.34  ? 91  VAL B N   1 
ATOM   1472 C  CA  . VAL B 1 91  ? -14.183 5.343   -1.575  1.00 63.86  ? 91  VAL B CA  1 
ATOM   1473 C  C   . VAL B 1 91  ? -15.449 5.939   -0.946  1.00 65.61  ? 91  VAL B C   1 
ATOM   1474 O  O   . VAL B 1 91  ? -16.554 5.535   -1.335  1.00 65.03  ? 91  VAL B O   1 
ATOM   1475 C  CB  . VAL B 1 91  ? -13.521 4.251   -0.716  1.00 64.37  ? 91  VAL B CB  1 
ATOM   1476 C  CG1 . VAL B 1 91  ? -14.591 3.334   -0.095  1.00 64.15  ? 91  VAL B CG1 1 
ATOM   1477 C  CG2 . VAL B 1 91  ? -12.611 3.394   -1.586  1.00 63.28  ? 91  VAL B CG2 1 
ATOM   1478 N  N   . LYS B 1 92  ? -15.278 6.947   -0.079  1.00 66.86  ? 92  LYS B N   1 
ATOM   1479 C  CA  . LYS B 1 92  ? -16.383 7.598   0.639   1.00 69.86  ? 92  LYS B CA  1 
ATOM   1480 C  C   . LYS B 1 92  ? -17.460 8.080   -0.322  1.00 71.72  ? 92  LYS B C   1 
ATOM   1481 O  O   . LYS B 1 92  ? -18.657 7.778   -0.132  1.00 73.06  ? 92  LYS B O   1 
ATOM   1482 C  CB  . LYS B 1 92  ? -15.857 8.778   1.456   1.00 70.39  ? 92  LYS B CB  1 
ATOM   1483 C  CG  . LYS B 1 92  ? -16.518 9.058   2.837   1.00 72.49  ? 92  LYS B CG  1 
ATOM   1484 C  CD  . LYS B 1 92  ? -15.760 10.201  3.591   1.00 74.49  ? 92  LYS B CD  1 
ATOM   1485 C  CE  . LYS B 1 92  ? -14.522 9.646   4.407   1.00 78.83  ? 92  LYS B CE  1 
ATOM   1486 N  NZ  . LYS B 1 92  ? -13.126 10.293  4.203   1.00 73.56  ? 92  LYS B NZ  1 
ATOM   1487 N  N   . LEU B 1 93  ? -17.026 8.808   -1.366  1.00 73.27  ? 93  LEU B N   1 
ATOM   1488 C  CA  . LEU B 1 93  ? -17.889 9.305   -2.455  1.00 73.67  ? 93  LEU B CA  1 
ATOM   1489 C  C   . LEU B 1 93  ? -18.504 8.208   -3.290  1.00 74.12  ? 93  LEU B C   1 
ATOM   1490 O  O   . LEU B 1 93  ? -19.526 8.406   -3.900  1.00 74.85  ? 93  LEU B O   1 
ATOM   1491 C  CB  . LEU B 1 93  ? -17.086 10.169  -3.402  1.00 74.03  ? 93  LEU B CB  1 
ATOM   1492 C  CG  . LEU B 1 93  ? -16.792 11.648  -3.270  1.00 73.63  ? 93  LEU B CG  1 
ATOM   1493 C  CD1 . LEU B 1 93  ? -16.080 12.006  -2.006  1.00 74.63  ? 93  LEU B CD1 1 
ATOM   1494 C  CD2 . LEU B 1 93  ? -15.922 11.933  -4.469  1.00 72.44  ? 93  LEU B CD2 1 
ATOM   1495 N  N   . ASN B 1 94  ? -17.883 7.053   -3.363  1.00 74.90  ? 94  ASN B N   1 
ATOM   1496 C  CA  . ASN B 1 94  ? -18.502 6.006   -4.148  1.00 76.14  ? 94  ASN B CA  1 
ATOM   1497 C  C   . ASN B 1 94  ? -19.612 5.239   -3.411  1.00 77.64  ? 94  ASN B C   1 
ATOM   1498 O  O   . ASN B 1 94  ? -20.534 4.721   -4.067  1.00 78.15  ? 94  ASN B O   1 
ATOM   1499 C  CB  . ASN B 1 94  ? -17.476 5.021   -4.680  1.00 75.10  ? 94  ASN B CB  1 
ATOM   1500 C  CG  . ASN B 1 94  ? -18.028 4.170   -5.810  1.00 74.55  ? 94  ASN B CG  1 
ATOM   1501 O  OD1 . ASN B 1 94  ? -18.619 4.686   -6.741  1.00 75.08  ? 94  ASN B OD1 1 
ATOM   1502 N  ND2 . ASN B 1 94  ? -17.826 2.862   -5.737  1.00 75.03  ? 94  ASN B ND2 1 
ATOM   1503 N  N   . ARG B 1 95  ? -19.495 5.107   -2.083  1.00 78.93  ? 95  ARG B N   1 
ATOM   1504 C  CA  . ARG B 1 95  ? -20.476 4.341   -1.279  1.00 80.58  ? 95  ARG B CA  1 
ATOM   1505 C  C   . ARG B 1 95  ? -21.791 5.139   -1.173  1.00 81.01  ? 95  ARG B C   1 
ATOM   1506 O  O   . ARG B 1 95  ? -22.878 4.579   -1.341  1.00 80.61  ? 95  ARG B O   1 
ATOM   1507 C  CB  . ARG B 1 95  ? -19.928 3.946   0.109   1.00 80.57  ? 95  ARG B CB  1 
ATOM   1508 C  CG  . ARG B 1 95  ? -18.797 2.918   0.103   1.00 82.41  ? 95  ARG B CG  1 
ATOM   1509 C  CD  . ARG B 1 95  ? -18.681 2.233   1.470   1.00 87.78  ? 95  ARG B CD  1 
ATOM   1510 N  NE  . ARG B 1 95  ? -17.359 2.378   2.109   1.00 91.52  ? 95  ARG B NE  1 
ATOM   1511 C  CZ  . ARG B 1 95  ? -17.000 3.415   2.886   1.00 93.75  ? 95  ARG B CZ  1 
ATOM   1512 N  NH1 . ARG B 1 95  ? -15.785 3.473   3.449   1.00 94.57  ? 95  ARG B NH1 1 
ATOM   1513 N  NH2 . ARG B 1 95  ? -17.858 4.409   3.107   1.00 94.05  ? 95  ARG B NH2 1 
ATOM   1514 N  N   . LYS B 1 96  ? -21.631 6.442   -0.918  1.00 81.96  ? 96  LYS B N   1 
ATOM   1515 C  CA  . LYS B 1 96  ? -22.648 7.483   -1.068  1.00 83.05  ? 96  LYS B CA  1 
ATOM   1516 C  C   . LYS B 1 96  ? -23.426 7.445   -2.375  1.00 83.83  ? 96  LYS B C   1 
ATOM   1517 O  O   . LYS B 1 96  ? -24.658 7.395   -2.370  1.00 84.27  ? 96  LYS B O   1 
ATOM   1518 C  CB  . LYS B 1 96  ? -21.956 8.832   -1.061  1.00 82.82  ? 96  LYS B CB  1 
ATOM   1519 C  CG  . LYS B 1 96  ? -21.823 9.470   0.270   1.00 83.38  ? 96  LYS B CG  1 
ATOM   1520 C  CD  . LYS B 1 96  ? -21.948 10.966  0.041   1.00 85.00  ? 96  LYS B CD  1 
ATOM   1521 C  CE  . LYS B 1 96  ? -20.610 11.650  0.065   1.00 85.02  ? 96  LYS B CE  1 
ATOM   1522 N  NZ  . LYS B 1 96  ? -20.170 11.679  1.484   1.00 84.56  ? 96  LYS B NZ  1 
ATOM   1523 N  N   . GLY B 1 97  ? -22.688 7.529   -3.484  1.00 84.48  ? 97  GLY B N   1 
ATOM   1524 C  CA  . GLY B 1 97  ? -23.251 7.680   -4.829  1.00 85.13  ? 97  GLY B CA  1 
ATOM   1525 C  C   . GLY B 1 97  ? -22.968 9.057   -5.423  1.00 85.59  ? 97  GLY B C   1 
ATOM   1526 O  O   . GLY B 1 97  ? -23.320 9.325   -6.568  1.00 85.08  ? 97  GLY B O   1 
ATOM   1527 N  N   . ASP B 1 98  ? -22.325 9.915   -4.627  1.00 86.31  ? 98  ASP B N   1 
ATOM   1528 C  CA  . ASP B 1 98  ? -21.903 11.276  -4.994  1.00 87.46  ? 98  ASP B CA  1 
ATOM   1529 C  C   . ASP B 1 98  ? -20.842 11.295  -6.146  1.00 88.15  ? 98  ASP B C   1 
ATOM   1530 O  O   . ASP B 1 98  ? -20.574 12.365  -6.745  1.00 88.02  ? 98  ASP B O   1 
ATOM   1531 C  CB  . ASP B 1 98  ? -21.390 11.985  -3.705  1.00 87.61  ? 98  ASP B CB  1 
ATOM   1532 C  CG  . ASP B 1 98  ? -21.318 13.524  -3.814  1.00 88.85  ? 98  ASP B CG  1 
ATOM   1533 O  OD1 . ASP B 1 98  ? -20.839 14.177  -2.842  1.00 87.77  ? 98  ASP B OD1 1 
ATOM   1534 O  OD2 . ASP B 1 98  ? -21.725 14.091  -4.851  1.00 91.87  ? 98  ASP B OD2 1 
ATOM   1535 N  N   . LEU B 1 99  ? -20.262 10.118  -6.458  1.00 88.70  ? 99  LEU B N   1 
ATOM   1536 C  CA  . LEU B 1 99  ? -19.179 9.994   -7.469  1.00 88.86  ? 99  LEU B CA  1 
ATOM   1537 C  C   . LEU B 1 99  ? -19.691 9.892   -8.916  1.00 89.23  ? 99  LEU B C   1 
ATOM   1538 O  O   . LEU B 1 99  ? -19.086 10.472  -9.822  1.00 88.96  ? 99  LEU B O   1 
ATOM   1539 C  CB  . LEU B 1 99  ? -18.175 8.859   -7.133  1.00 88.67  ? 99  LEU B CB  1 
ATOM   1540 C  CG  . LEU B 1 99  ? -16.917 8.641   -8.004  1.00 86.91  ? 99  LEU B CG  1 
ATOM   1541 C  CD1 . LEU B 1 99  ? -15.852 9.690   -7.788  1.00 84.84  ? 99  LEU B CD1 1 
ATOM   1542 C  CD2 . LEU B 1 99  ? -16.313 7.292   -7.765  1.00 85.21  ? 99  LEU B CD2 1 
ATOM   1543 N  N   . GLU B 1 100 ? -20.805 9.186   -9.122  1.00 89.75  ? 100 GLU B N   1 
ATOM   1544 C  CA  . GLU B 1 100 ? -21.449 9.150   -10.437 1.00 90.26  ? 100 GLU B CA  1 
ATOM   1545 C  C   . GLU B 1 100 ? -21.989 10.518  -10.829 1.00 90.80  ? 100 GLU B C   1 
ATOM   1546 O  O   . GLU B 1 100 ? -22.136 10.802  -12.020 1.00 90.30  ? 100 GLU B O   1 
ATOM   1547 C  CB  . GLU B 1 100 ? -22.572 8.136   -10.463 1.00 90.09  ? 100 GLU B CB  1 
ATOM   1548 C  CG  . GLU B 1 100 ? -22.120 6.733   -10.108 1.00 90.64  ? 100 GLU B CG  1 
ATOM   1549 C  CD  . GLU B 1 100 ? -22.723 5.670   -11.031 1.00 91.20  ? 100 GLU B CD  1 
ATOM   1550 O  OE1 . GLU B 1 100 ? -22.623 5.839   -12.277 1.00 87.85  ? 100 GLU B OE1 1 
ATOM   1551 O  OE2 . GLU B 1 100 ? -23.274 4.664   -10.501 1.00 91.61  ? 100 GLU B OE2 1 
ATOM   1552 N  N   . LEU B 1 101 ? -22.238 11.360  -9.817  1.00 91.82  ? 101 LEU B N   1 
ATOM   1553 C  CA  . LEU B 1 101 ? -22.852 12.692  -9.987  1.00 93.11  ? 101 LEU B CA  1 
ATOM   1554 C  C   . LEU B 1 101 ? -21.920 13.789  -10.531 1.00 94.01  ? 101 LEU B C   1 
ATOM   1555 O  O   . LEU B 1 101 ? -22.398 14.865  -10.975 1.00 93.82  ? 101 LEU B O   1 
ATOM   1556 C  CB  . LEU B 1 101 ? -23.548 13.181  -8.695  1.00 92.96  ? 101 LEU B CB  1 
ATOM   1557 C  CG  . LEU B 1 101 ? -24.972 12.745  -8.262  1.00 93.57  ? 101 LEU B CG  1 
ATOM   1558 C  CD1 . LEU B 1 101 ? -25.791 13.984  -7.831  1.00 94.77  ? 101 LEU B CD1 1 
ATOM   1559 C  CD2 . LEU B 1 101 ? -25.771 11.943  -9.300  1.00 93.72  ? 101 LEU B CD2 1 
ATOM   1560 N  N   . MET B 1 102 ? -20.601 13.541  -10.473 1.00 94.94  ? 102 MET B N   1 
ATOM   1561 C  CA  . MET B 1 102 ? -19.640 14.400  -11.191 1.00 95.25  ? 102 MET B CA  1 
ATOM   1562 C  C   . MET B 1 102 ? -19.320 13.743  -12.508 1.00 94.88  ? 102 MET B C   1 
ATOM   1563 O  O   . MET B 1 102 ? -19.208 14.422  -13.526 1.00 94.81  ? 102 MET B O   1 
ATOM   1564 C  CB  . MET B 1 102 ? -18.357 14.620  -10.412 1.00 95.72  ? 102 MET B CB  1 
ATOM   1565 C  CG  . MET B 1 102 ? -18.571 15.001  -8.981  1.00 97.56  ? 102 MET B CG  1 
ATOM   1566 S  SD  . MET B 1 102 ? -17.209 14.309  -8.034  1.00 103.36 ? 102 MET B SD  1 
ATOM   1567 C  CE  . MET B 1 102 ? -17.845 12.696  -7.602  1.00 100.07 ? 102 MET B CE  1 
ATOM   1568 N  N   . LEU B 1 103 ? -19.195 12.415  -12.474 1.00 94.69  ? 103 LEU B N   1 
ATOM   1569 C  CA  . LEU B 1 103 ? -19.020 11.606  -13.681 1.00 94.90  ? 103 LEU B CA  1 
ATOM   1570 C  C   . LEU B 1 103 ? -20.184 11.717  -14.707 1.00 95.63  ? 103 LEU B C   1 
ATOM   1571 O  O   . LEU B 1 103 ? -19.955 11.482  -15.906 1.00 96.10  ? 103 LEU B O   1 
ATOM   1572 C  CB  . LEU B 1 103 ? -18.691 10.125  -13.351 1.00 94.34  ? 103 LEU B CB  1 
ATOM   1573 C  CG  . LEU B 1 103 ? -17.297 9.679   -12.846 1.00 93.30  ? 103 LEU B CG  1 
ATOM   1574 C  CD1 . LEU B 1 103 ? -17.233 8.166   -12.611 1.00 91.93  ? 103 LEU B CD1 1 
ATOM   1575 C  CD2 . LEU B 1 103 ? -16.155 10.108  -13.751 1.00 90.97  ? 103 LEU B CD2 1 
ATOM   1576 N  N   . ALA B 1 104 ? -21.402 12.071  -14.257 1.00 95.87  ? 104 ALA B N   1 
ATOM   1577 C  CA  . ALA B 1 104 ? -22.516 12.373  -15.181 1.00 95.88  ? 104 ALA B CA  1 
ATOM   1578 C  C   . ALA B 1 104 ? -22.166 13.592  -16.044 1.00 96.12  ? 104 ALA B C   1 
ATOM   1579 O  O   . ALA B 1 104 ? -22.184 13.514  -17.285 1.00 96.20  ? 104 ALA B O   1 
ATOM   1580 C  CB  . ALA B 1 104 ? -23.820 12.587  -14.429 1.00 95.90  ? 104 ALA B CB  1 
ATOM   1581 N  N   . GLU B 1 105 ? -21.804 14.696  -15.384 1.00 95.99  ? 105 GLU B N   1 
ATOM   1582 C  CA  . GLU B 1 105 ? -21.265 15.880  -16.059 1.00 96.13  ? 105 GLU B CA  1 
ATOM   1583 C  C   . GLU B 1 105 ? -19.930 15.618  -16.777 1.00 96.24  ? 105 GLU B C   1 
ATOM   1584 O  O   . GLU B 1 105 ? -19.888 15.247  -17.955 1.00 96.16  ? 105 GLU B O   1 
ATOM   1585 C  CB  . GLU B 1 105 ? -21.079 16.992  -15.040 1.00 96.25  ? 105 GLU B CB  1 
ATOM   1586 C  CG  . GLU B 1 105 ? -22.303 17.222  -14.204 1.00 96.90  ? 105 GLU B CG  1 
ATOM   1587 C  CD  . GLU B 1 105 ? -22.093 18.276  -13.135 1.00 99.16  ? 105 GLU B CD  1 
ATOM   1588 O  OE1 . GLU B 1 105 ? -22.414 17.981  -11.954 1.00 98.74  ? 105 GLU B OE1 1 
ATOM   1589 O  OE2 . GLU B 1 105 ? -21.609 19.387  -13.476 1.00 98.57  ? 105 GLU B OE2 1 
HETATM 1590 N  N1  . GSH C 2 .   ? -3.897  -8.421  -0.655  1.00 55.97  ? 114 GSH A N1  1 
HETATM 1591 C  CA1 . GSH C 2 .   ? -2.512  -8.318  -0.218  1.00 51.49  ? 114 GSH A CA1 1 
HETATM 1592 C  C1  . GSH C 2 .   ? -2.525  -8.183  1.288   1.00 51.94  ? 114 GSH A C1  1 
HETATM 1593 O  O11 . GSH C 2 .   ? -1.476  -8.173  1.998   1.00 48.99  ? 114 GSH A O11 1 
HETATM 1594 O  O12 . GSH C 2 .   ? -3.620  -8.004  1.853   1.00 53.44  ? 114 GSH A O12 1 
HETATM 1595 C  CB1 . GSH C 2 .   ? -1.912  -7.050  -0.867  1.00 44.55  ? 114 GSH A CB1 1 
HETATM 1596 C  CG1 . GSH C 2 .   ? -0.389  -7.082  -0.776  1.00 41.76  ? 114 GSH A CG1 1 
HETATM 1597 C  CD1 . GSH C 2 .   ? 0.242   -6.129  -1.756  1.00 38.03  ? 114 GSH A CD1 1 
HETATM 1598 O  OE1 . GSH C 2 .   ? -0.339  -6.101  -2.996  1.00 38.70  ? 114 GSH A OE1 1 
HETATM 1599 N  N2  . GSH C 2 .   ? 1.231   -5.360  -1.357  1.00 37.91  ? 114 GSH A N2  1 
HETATM 1600 C  CA2 . GSH C 2 .   ? 1.797   -4.245  -2.089  1.00 38.98  ? 114 GSH A CA2 1 
HETATM 1601 C  C2  . GSH C 2 .   ? 3.111   -4.801  -2.542  1.00 38.76  ? 114 GSH A C2  1 
HETATM 1602 O  O2  . GSH C 2 .   ? 3.697   -5.745  -1.685  1.00 46.17  ? 114 GSH A O2  1 
HETATM 1603 C  CB2 . GSH C 2 .   ? 1.950   -3.096  -1.090  1.00 34.67  ? 114 GSH A CB2 1 
HETATM 1604 S  SG2 . GSH C 2 .   ? 0.250   -2.543  -0.691  1.00 35.64  ? 114 GSH A SG2 1 
HETATM 1605 N  N3  . GSH C 2 .   ? 3.687   -4.520  -3.682  1.00 39.50  ? 114 GSH A N3  1 
HETATM 1606 C  CA3 . GSH C 2 .   ? 5.044   -4.974  -4.022  1.00 37.97  ? 114 GSH A CA3 1 
HETATM 1607 C  C3  . GSH C 2 .   ? 6.135   -4.370  -3.115  1.00 44.67  ? 114 GSH A C3  1 
HETATM 1608 O  O31 . GSH C 2 .   ? 7.257   -4.935  -3.062  1.00 42.68  ? 114 GSH A O31 1 
HETATM 1609 O  O32 . GSH C 2 .   ? 5.996   -3.306  -2.382  1.00 45.34  ? 114 GSH A O32 1 
HETATM 1610 FE FE1 . FES D 3 .   ? 0.797   -0.603  0.388   1.00 33.41  ? 115 FES A FE1 1 
HETATM 1611 FE FE2 . FES D 3 .   ? -0.017  1.785   -0.596  1.00 35.26  ? 115 FES A FE2 1 
HETATM 1612 S  S1  . FES D 3 .   ? -1.197  0.261   0.430   1.00 37.10  ? 115 FES A S1  1 
HETATM 1613 S  S2  . FES D 3 .   ? 1.972   0.926   -0.652  1.00 33.88  ? 115 FES A S2  1 
HETATM 1614 N  N1  . GSH E 2 .   ? -5.713  7.772   3.612   1.00 55.95  ? 114 GSH B N1  1 
HETATM 1615 C  CA1 . GSH E 2 .   ? -4.857  7.966   2.449   1.00 59.06  ? 114 GSH B CA1 1 
HETATM 1616 C  C1  . GSH E 2 .   ? -5.669  7.639   1.216   1.00 58.53  ? 114 GSH B C1  1 
HETATM 1617 O  O11 . GSH E 2 .   ? -5.267  7.724   0.012   1.00 57.38  ? 114 GSH B O11 1 
HETATM 1618 O  O12 . GSH E 2 .   ? -6.825  7.237   1.425   1.00 61.29  ? 114 GSH B O12 1 
HETATM 1619 C  CB1 . GSH E 2 .   ? -3.634  7.041   2.556   1.00 55.86  ? 114 GSH B CB1 1 
HETATM 1620 C  CG1 . GSH E 2 .   ? -2.552  7.549   1.617   1.00 53.20  ? 114 GSH B CG1 1 
HETATM 1621 C  CD1 . GSH E 2 .   ? -1.164  7.027   1.952   1.00 51.22  ? 114 GSH B CD1 1 
HETATM 1622 O  OE1 . GSH E 2 .   ? -0.695  7.192   3.265   1.00 47.41  ? 114 GSH B OE1 1 
HETATM 1623 N  N2  . GSH E 2 .   ? -0.440  6.491   0.955   1.00 45.33  ? 114 GSH B N2  1 
HETATM 1624 C  CA2 . GSH E 2 .   ? 0.870   5.965   1.200   1.00 45.93  ? 114 GSH B CA2 1 
HETATM 1625 C  C2  . GSH E 2 .   ? 1.961   6.958   0.833   1.00 50.70  ? 114 GSH B C2  1 
HETATM 1626 O  O2  . GSH E 2 .   ? 1.657   8.144   0.138   1.00 49.00  ? 114 GSH B O2  1 
HETATM 1627 C  CB2 . GSH E 2 .   ? 0.884   4.727   0.341   1.00 41.66  ? 114 GSH B CB2 1 
HETATM 1628 S  SG2 . GSH E 2 .   ? -0.410  3.573   0.816   1.00 42.81  ? 114 GSH B SG2 1 
HETATM 1629 N  N3  . GSH E 2 .   ? 3.235   6.711   1.142   1.00 52.10  ? 114 GSH B N3  1 
HETATM 1630 C  CA3 . GSH E 2 .   ? 4.304   7.689   0.892   1.00 52.43  ? 114 GSH B CA3 1 
HETATM 1631 C  C3  . GSH E 2 .   ? 4.718   7.701   -0.583  1.00 57.82  ? 114 GSH B C3  1 
HETATM 1632 O  O31 . GSH E 2 .   ? 5.457   8.583   -1.139  1.00 56.79  ? 114 GSH B O31 1 
HETATM 1633 O  O32 . GSH E 2 .   ? 4.315   6.770   -1.314  1.00 63.07  ? 114 GSH B O32 1 
HETATM 1634 O  O   . HOH F 4 .   ? 5.077   -1.452  -0.880  1.00 39.74  ? 116 HOH A O   1 
HETATM 1635 O  O   . HOH F 4 .   ? 0.793   -8.949  1.531   1.00 36.08  ? 118 HOH A O   1 
HETATM 1636 O  O   . HOH F 4 .   ? -3.540  -11.145 2.807   1.00 56.47  ? 126 HOH A O   1 
HETATM 1637 O  O   . HOH F 4 .   ? 1.525   -17.881 0.345   1.00 69.44  ? 132 HOH A O   1 
HETATM 1638 O  O   . HOH F 4 .   ? 17.359  1.508   2.697   1.00 59.40  ? 134 HOH A O   1 
HETATM 1639 O  O   . HOH F 4 .   ? 0.236   -11.522 -1.883  1.00 57.08  ? 135 HOH A O   1 
HETATM 1640 O  O   . HOH F 4 .   ? 5.518   -16.289 21.043  1.00 62.40  ? 138 HOH A O   1 
HETATM 1641 O  O   . HOH F 4 .   ? 11.659  -15.403 -4.779  1.00 35.65  ? 142 HOH A O   1 
HETATM 1642 O  O   . HOH F 4 .   ? 8.764   -0.017  12.435  1.00 69.96  ? 145 HOH A O   1 
HETATM 1643 O  O   . HOH F 4 .   ? 4.165   1.093   7.450   1.00 40.85  ? 157 HOH A O   1 
HETATM 1644 O  O   . HOH F 4 .   ? 6.084   -16.063 14.914  1.00 51.33  ? 160 HOH A O   1 
HETATM 1645 O  O   . HOH G 4 .   ? -1.170  0.176   -8.134  1.00 28.88  ? 117 HOH B O   1 
HETATM 1646 O  O   . HOH G 4 .   ? -9.818  15.381  -13.851 1.00 46.59  ? 119 HOH B O   1 
HETATM 1647 O  O   . HOH G 4 .   ? 0.322   12.909  -4.599  1.00 49.40  ? 125 HOH B O   1 
HETATM 1648 O  O   . HOH G 4 .   ? 6.861   14.717  -16.456 1.00 70.35  ? 130 HOH B O   1 
HETATM 1649 O  O   . HOH G 4 .   ? -18.576 14.402  -20.455 1.00 68.46  ? 131 HOH B O   1 
HETATM 1650 O  O   . HOH G 4 .   ? -10.463 8.744   -17.772 1.00 54.63  ? 133 HOH B O   1 
HETATM 1651 O  O   . HOH G 4 .   ? -3.964  4.871   -17.697 1.00 52.31  ? 136 HOH B O   1 
HETATM 1652 O  O   . HOH G 4 .   ? 0.053   -1.873  -10.511 1.00 60.05  ? 137 HOH B O   1 
HETATM 1653 O  O   . HOH G 4 .   ? -8.301  21.089  -7.691  1.00 59.63  ? 141 HOH B O   1 
HETATM 1654 O  O   . HOH G 4 .   ? -1.306  -4.020  -6.392  1.00 48.92  ? 144 HOH B O   1 
HETATM 1655 O  O   . HOH G 4 .   ? -4.587  22.392  -10.010 1.00 68.91  ? 146 HOH B O   1 
HETATM 1656 O  O   . HOH G 4 .   ? 0.696   -1.210  -13.111 1.00 54.71  ? 148 HOH B O   1 
HETATM 1657 O  O   . HOH G 4 .   ? 2.847   6.133   -16.166 1.00 59.90  ? 150 HOH B O   1 
HETATM 1658 O  O   . HOH G 4 .   ? -8.818  0.456   1.597   1.00 80.47  ? 151 HOH B O   1 
HETATM 1659 O  O   . HOH G 4 .   ? 8.283   6.271   -4.117  1.00 51.09  ? 152 HOH B O   1 
HETATM 1660 O  O   . HOH G 4 .   ? 1.032   15.145  -15.053 1.00 53.57  ? 162 HOH B O   1 
HETATM 1661 O  O   . HOH G 4 .   ? -8.106  -5.001  -8.640  1.00 57.69  ? 165 HOH B O   1 
HETATM 1662 O  O   . HOH G 4 .   ? -3.639  9.261   -0.844  1.00 42.48  ? 171 HOH B O   1 
# 
